data_7UCQ
#
_entry.id   7UCQ
#
_cell.length_a   75.220
_cell.length_b   145.730
_cell.length_c   78.270
_cell.angle_alpha   90.000
_cell.angle_beta   90.916
_cell.angle_gamma   90.000
#
_symmetry.space_group_name_H-M   'P 1 21 1'
#
loop_
_entity.id
_entity.type
_entity.pdbx_description
1 polymer 'Gametocyte surface protein P230'
2 polymer 230AS-18
3 water water
#
loop_
_entity_poly.entity_id
_entity_poly.type
_entity_poly.pdbx_seq_one_letter_code
_entity_poly.pdbx_strand_id
1 'polypeptide(L)'
;SVLQSGALPSVGVDELDKIDLSYETTESGDTAVSEDSYDKYASQNTNKEYVCDFTDQLKPTESGPKVKKCEVKVNEPLIK
VKIICPLKGSVEKLYDNIEYVPKKSPYVVLTKEETKLKEKLLSKLIYGLLISPTVNEKENNFKEGVIEFTLPPVVHKATV
FYFICDNSKTEDDNKKGNRGIVEVYVEPYGN
;
A,B,C,D
2 'polypeptide(L)'
;TGQVQLVESGGGVVQPGGSLRLSCAASGFTFSSFAMHWARQAPGKGLEWVAYIRYDGTKEFYTDSAKGRFTISRDNSKNT
LYLQMDSLRAEDTALYYCAKDLGINSYGYGGLDFWGQGTLVTVSSGGGGSGGGGSGGGGSGGGGSEIVLTQSPATLSLSP
GERGTLSCRASQNVNRYLAWYQQKPGQAPRLLIYDASNRATGIPARFSGSGSGTDFTLTISSLEPEDFAVYYCQQRAIWP
PLTFGGGTKVEIKGTHHHHHH
;
H,I,J,K
#
# COMPACT_ATOMS: atom_id res chain seq x y z
N LEU A 16 1.27 -13.96 23.83
CA LEU A 16 1.12 -15.28 24.41
C LEU A 16 -0.15 -15.98 23.94
N ASP A 17 -0.64 -15.57 22.78
CA ASP A 17 -1.80 -16.17 22.11
C ASP A 17 -3.10 -15.97 22.86
N LYS A 18 -3.14 -15.07 23.84
CA LYS A 18 -4.35 -14.67 24.55
C LYS A 18 -5.02 -13.47 23.87
N ILE A 19 -6.31 -13.30 24.16
CA ILE A 19 -7.09 -12.20 23.60
C ILE A 19 -7.65 -11.36 24.75
N ASP A 20 -7.61 -10.04 24.58
CA ASP A 20 -8.27 -9.11 25.48
C ASP A 20 -9.70 -8.91 24.98
N LEU A 21 -10.66 -9.62 25.59
CA LEU A 21 -12.03 -9.52 25.10
C LEU A 21 -12.66 -8.17 25.41
N SER A 22 -12.04 -7.36 26.26
CA SER A 22 -12.53 -6.03 26.59
C SER A 22 -12.06 -4.96 25.61
N TYR A 23 -11.09 -5.26 24.76
CA TYR A 23 -10.54 -4.25 23.86
C TYR A 23 -11.51 -3.97 22.72
N GLU A 24 -11.84 -2.69 22.53
CA GLU A 24 -12.66 -2.24 21.42
C GLU A 24 -11.99 -1.09 20.69
N THR A 25 -12.16 -1.04 19.38
CA THR A 25 -11.76 0.11 18.58
C THR A 25 -12.67 0.19 17.35
N THR A 26 -12.33 1.12 16.45
CA THR A 26 -13.00 1.29 15.17
C THR A 26 -11.93 1.45 14.10
N GLU A 27 -12.33 1.39 12.83
CA GLU A 27 -11.37 1.59 11.76
C GLU A 27 -10.72 2.96 11.87
N SER A 28 -11.51 4.01 12.12
CA SER A 28 -10.98 5.35 12.23
C SER A 28 -10.31 5.60 13.57
N GLY A 29 -10.75 4.91 14.62
CA GLY A 29 -10.19 5.17 15.93
C GLY A 29 -10.58 6.56 16.40
N ASP A 30 -9.60 7.30 16.89
CA ASP A 30 -9.83 8.65 17.40
C ASP A 30 -9.70 9.73 16.33
N THR A 31 -9.37 9.37 15.09
CA THR A 31 -9.21 10.39 14.07
C THR A 31 -10.55 10.96 13.63
N ALA A 32 -11.62 10.17 13.76
CA ALA A 32 -12.96 10.55 13.32
C ALA A 32 -13.02 10.80 11.81
N VAL A 33 -12.06 10.24 11.07
CA VAL A 33 -12.03 10.38 9.61
C VAL A 33 -13.09 9.47 9.01
N SER A 34 -13.89 10.03 8.11
CA SER A 34 -14.92 9.25 7.42
C SER A 34 -14.28 8.33 6.39
N GLU A 35 -14.95 7.20 6.13
CA GLU A 35 -14.37 6.19 5.26
C GLU A 35 -14.15 6.73 3.85
N ASP A 36 -15.06 7.57 3.35
CA ASP A 36 -14.87 8.12 2.01
C ASP A 36 -13.62 8.99 1.92
N SER A 37 -12.97 9.28 3.05
CA SER A 37 -11.74 10.06 3.07
C SER A 37 -10.50 9.20 3.30
N TYR A 38 -10.66 7.88 3.45
CA TYR A 38 -9.50 7.01 3.57
C TYR A 38 -8.72 7.02 2.26
N ASP A 39 -7.40 6.98 2.35
CA ASP A 39 -6.56 6.73 1.18
C ASP A 39 -6.46 5.22 0.99
N LYS A 40 -7.36 4.66 0.17
CA LYS A 40 -7.36 3.22 -0.05
C LYS A 40 -6.39 2.85 -1.17
N TYR A 41 -5.55 1.84 -0.92
CA TYR A 41 -4.66 1.31 -1.94
C TYR A 41 -4.47 -0.19 -1.73
N ALA A 42 -4.10 -0.87 -2.80
CA ALA A 42 -3.83 -2.30 -2.75
C ALA A 42 -2.41 -2.58 -2.27
N SER A 43 -2.21 -3.78 -1.76
CA SER A 43 -0.89 -4.19 -1.31
C SER A 43 0.02 -4.44 -2.51
N GLN A 44 1.33 -4.26 -2.28
CA GLN A 44 2.33 -4.52 -3.31
C GLN A 44 2.54 -6.02 -3.34
N ASN A 45 1.86 -6.69 -4.27
CA ASN A 45 1.82 -8.15 -4.31
C ASN A 45 2.88 -8.69 -5.25
N THR A 46 3.80 -9.48 -4.73
CA THR A 46 4.79 -10.17 -5.55
C THR A 46 4.32 -11.57 -5.92
N ASN A 47 3.02 -11.70 -6.19
CA ASN A 47 2.45 -12.94 -6.70
C ASN A 47 2.19 -13.93 -5.59
N LYS A 48 3.19 -14.15 -4.74
CA LYS A 48 3.10 -15.09 -3.65
C LYS A 48 3.25 -14.44 -2.28
N GLU A 49 3.67 -13.18 -2.22
CA GLU A 49 3.77 -12.41 -0.99
C GLU A 49 3.03 -11.09 -1.17
N TYR A 50 1.96 -10.89 -0.39
CA TYR A 50 1.19 -9.64 -0.42
C TYR A 50 1.68 -8.77 0.73
N VAL A 51 2.25 -7.61 0.41
CA VAL A 51 2.97 -6.80 1.38
C VAL A 51 2.25 -5.47 1.57
N CYS A 52 2.04 -5.11 2.83
CA CYS A 52 1.58 -3.78 3.24
C CYS A 52 2.74 -3.11 3.96
N ASP A 53 3.37 -2.14 3.30
CA ASP A 53 4.56 -1.48 3.83
C ASP A 53 4.20 -0.06 4.25
N PHE A 54 4.23 0.19 5.57
CA PHE A 54 3.93 1.50 6.12
C PHE A 54 5.19 2.31 6.43
N THR A 55 6.34 1.91 5.89
CA THR A 55 7.59 2.55 6.29
C THR A 55 7.62 4.02 5.90
N ASP A 56 6.88 4.41 4.86
CA ASP A 56 6.86 5.80 4.41
C ASP A 56 5.45 6.35 4.26
N GLN A 57 4.47 5.79 4.98
CA GLN A 57 3.08 6.20 4.82
C GLN A 57 2.51 6.98 6.00
N LEU A 58 3.21 7.04 7.12
CA LEU A 58 2.60 7.51 8.36
C LEU A 58 3.32 8.69 8.98
N LYS A 59 4.33 9.25 8.32
CA LYS A 59 5.11 10.33 8.90
C LYS A 59 4.22 11.55 9.13
N PRO A 60 4.51 12.34 10.16
CA PRO A 60 3.68 13.51 10.45
C PRO A 60 3.73 14.54 9.34
N THR A 61 2.56 15.07 8.99
CA THR A 61 2.45 16.17 8.03
C THR A 61 1.43 17.17 8.55
N GLU A 62 1.48 18.38 7.98
CA GLU A 62 0.51 19.42 8.35
C GLU A 62 -0.91 18.98 8.04
N SER A 63 -1.09 18.01 7.15
CA SER A 63 -2.41 17.55 6.73
C SER A 63 -2.92 16.38 7.56
N GLY A 64 -2.12 15.86 8.48
CA GLY A 64 -2.52 14.70 9.25
C GLY A 64 -3.53 15.08 10.31
N PRO A 65 -4.27 14.08 10.83
CA PRO A 65 -4.11 12.66 10.48
C PRO A 65 -4.87 12.22 9.23
N LYS A 66 -4.21 11.42 8.40
CA LYS A 66 -4.87 10.68 7.33
C LYS A 66 -4.96 9.21 7.70
N VAL A 67 -5.93 8.53 7.10
CA VAL A 67 -6.09 7.08 7.27
C VAL A 67 -5.59 6.41 6.00
N LYS A 68 -4.44 5.74 6.10
CA LYS A 68 -3.85 4.99 5.01
C LYS A 68 -4.29 3.53 5.17
N LYS A 69 -5.14 3.05 4.27
CA LYS A 69 -5.70 1.71 4.39
C LYS A 69 -5.21 0.82 3.26
N CYS A 70 -4.35 -0.13 3.59
CA CYS A 70 -3.80 -1.09 2.65
C CYS A 70 -4.68 -2.33 2.61
N GLU A 71 -5.18 -2.66 1.42
CA GLU A 71 -6.15 -3.73 1.24
C GLU A 71 -5.46 -4.97 0.67
N VAL A 72 -5.50 -6.06 1.42
CA VAL A 72 -4.93 -7.33 1.03
C VAL A 72 -6.08 -8.25 0.63
N LYS A 73 -6.24 -8.49 -0.66
CA LYS A 73 -7.33 -9.29 -1.20
C LYS A 73 -6.79 -10.65 -1.63
N VAL A 74 -7.24 -11.71 -0.96
CA VAL A 74 -6.71 -13.05 -1.17
C VAL A 74 -7.82 -13.95 -1.69
N ASN A 75 -7.58 -14.60 -2.84
CA ASN A 75 -8.48 -15.63 -3.34
C ASN A 75 -7.74 -16.85 -3.86
N GLU A 76 -6.50 -17.07 -3.43
CA GLU A 76 -5.68 -18.20 -3.86
C GLU A 76 -4.99 -18.77 -2.65
N PRO A 77 -4.57 -20.03 -2.70
CA PRO A 77 -4.05 -20.69 -1.51
C PRO A 77 -2.58 -20.43 -1.25
N LEU A 78 -2.23 -20.44 0.03
CA LEU A 78 -0.85 -20.36 0.49
C LEU A 78 -0.18 -19.05 0.08
N ILE A 79 -0.87 -17.95 0.38
CA ILE A 79 -0.33 -16.61 0.20
C ILE A 79 0.28 -16.15 1.51
N LYS A 80 1.53 -15.70 1.46
CA LYS A 80 2.23 -15.16 2.61
C LYS A 80 1.93 -13.67 2.72
N VAL A 81 1.36 -13.26 3.85
CA VAL A 81 1.02 -11.87 4.12
C VAL A 81 2.12 -11.26 4.99
N LYS A 82 2.70 -10.15 4.54
CA LYS A 82 3.73 -9.43 5.28
C LYS A 82 3.28 -7.99 5.52
N ILE A 83 3.41 -7.53 6.76
CA ILE A 83 3.01 -6.18 7.15
C ILE A 83 4.16 -5.52 7.90
N ILE A 84 4.62 -4.38 7.40
CA ILE A 84 5.73 -3.63 7.99
C ILE A 84 5.17 -2.37 8.64
N CYS A 85 5.43 -2.20 9.93
CA CYS A 85 4.98 -1.03 10.69
C CYS A 85 6.21 -0.34 11.31
N PRO A 86 6.43 0.95 11.04
CA PRO A 86 7.64 1.60 11.58
C PRO A 86 7.70 1.48 13.10
N LEU A 87 8.92 1.40 13.61
CA LEU A 87 9.17 1.21 15.03
C LEU A 87 9.47 2.55 15.69
N LYS A 88 9.01 2.72 16.93
CA LYS A 88 9.40 3.86 17.73
C LYS A 88 10.91 3.95 17.80
N GLY A 89 11.46 5.08 17.37
CA GLY A 89 12.88 5.30 17.35
C GLY A 89 13.56 4.94 16.05
N SER A 90 12.87 4.25 15.15
CA SER A 90 13.46 3.93 13.84
C SER A 90 13.95 5.20 13.15
N VAL A 91 13.17 6.27 13.23
CA VAL A 91 13.62 7.61 12.90
C VAL A 91 13.34 8.49 14.12
N GLU A 92 14.24 9.42 14.41
CA GLU A 92 14.05 10.31 15.53
C GLU A 92 12.74 11.08 15.42
N LYS A 93 11.91 10.98 16.46
CA LYS A 93 10.73 11.81 16.65
C LYS A 93 9.55 11.41 15.78
N LEU A 94 9.80 10.87 14.59
CA LEU A 94 8.71 10.73 13.62
C LEU A 94 7.69 9.68 14.04
N TYR A 95 8.09 8.67 14.82
CA TYR A 95 7.23 7.58 15.24
C TYR A 95 7.22 7.43 16.76
N ASP A 96 7.37 8.55 17.47
CA ASP A 96 7.59 8.48 18.91
C ASP A 96 6.39 7.94 19.67
N ASN A 97 5.17 8.18 19.17
CA ASN A 97 3.96 7.73 19.84
C ASN A 97 3.19 6.73 19.00
N ILE A 98 3.88 6.03 18.09
CA ILE A 98 3.22 5.04 17.26
C ILE A 98 2.75 3.88 18.11
N GLU A 99 1.58 3.34 17.77
CA GLU A 99 1.00 2.20 18.45
C GLU A 99 0.57 1.19 17.38
N TYR A 100 0.64 -0.10 17.72
CA TYR A 100 0.20 -1.16 16.83
C TYR A 100 -0.83 -2.03 17.53
N VAL A 101 -1.83 -2.46 16.77
CA VAL A 101 -2.94 -3.24 17.30
C VAL A 101 -3.28 -4.37 16.33
N PRO A 102 -3.56 -5.59 16.80
CA PRO A 102 -3.33 -6.04 18.18
C PRO A 102 -1.85 -6.16 18.52
N LYS A 103 -1.52 -5.98 19.80
CA LYS A 103 -0.13 -6.07 20.23
C LYS A 103 0.42 -7.49 20.17
N LYS A 104 -0.45 -8.50 20.15
CA LYS A 104 -0.02 -9.89 20.00
C LYS A 104 -0.21 -10.38 18.55
N SER A 105 -0.18 -9.46 17.59
CA SER A 105 -0.24 -9.84 16.18
C SER A 105 1.00 -10.67 15.81
N PRO A 106 0.89 -11.58 14.83
CA PRO A 106 -0.29 -11.86 14.01
C PRO A 106 -1.22 -12.90 14.61
N TYR A 107 -0.89 -13.39 15.80
CA TYR A 107 -1.72 -14.40 16.45
C TYR A 107 -3.10 -13.86 16.75
N VAL A 108 -3.19 -12.63 17.27
CA VAL A 108 -4.46 -11.95 17.51
C VAL A 108 -4.69 -10.96 16.37
N VAL A 109 -5.94 -10.87 15.92
CA VAL A 109 -6.35 -9.95 14.87
C VAL A 109 -7.63 -9.27 15.32
N LEU A 110 -8.04 -8.25 14.57
CA LEU A 110 -9.29 -7.54 14.80
C LEU A 110 -10.30 -7.87 13.71
N THR A 111 -11.56 -8.04 14.12
CA THR A 111 -12.67 -8.25 13.20
C THR A 111 -13.82 -7.35 13.60
N LYS A 112 -14.78 -7.19 12.69
CA LYS A 112 -15.91 -6.30 12.90
C LYS A 112 -17.01 -6.97 13.72
N GLU A 113 -17.45 -6.30 14.78
CA GLU A 113 -18.70 -6.61 15.49
C GLU A 113 -19.61 -5.43 15.17
N GLU A 114 -20.31 -5.50 14.04
CA GLU A 114 -21.05 -4.34 13.55
C GLU A 114 -20.09 -3.19 13.31
N THR A 115 -20.20 -2.13 14.09
CA THR A 115 -19.32 -0.98 13.91
C THR A 115 -17.96 -1.10 14.57
N LYS A 116 -17.83 -1.92 15.59
CA LYS A 116 -16.65 -1.96 16.44
C LYS A 116 -15.70 -3.08 16.00
N LEU A 117 -14.44 -2.95 16.40
CA LEU A 117 -13.41 -3.94 16.09
C LEU A 117 -12.95 -4.61 17.37
N LYS A 118 -12.99 -5.95 17.38
CA LYS A 118 -12.74 -6.75 18.56
C LYS A 118 -11.61 -7.75 18.29
N GLU A 119 -10.82 -8.04 19.33
CA GLU A 119 -9.67 -8.92 19.17
C GLU A 119 -10.10 -10.37 19.05
N LYS A 120 -9.54 -11.06 18.06
CA LYS A 120 -9.86 -12.44 17.75
C LYS A 120 -8.58 -13.22 17.50
N LEU A 121 -8.60 -14.50 17.86
CA LEU A 121 -7.47 -15.35 17.49
C LEU A 121 -7.59 -15.73 16.03
N LEU A 122 -6.54 -15.45 15.24
CA LEU A 122 -6.51 -15.87 13.85
C LEU A 122 -6.44 -17.38 13.75
N SER A 123 -5.94 -18.03 14.81
CA SER A 123 -5.92 -19.50 14.84
C SER A 123 -7.32 -20.07 14.61
N LYS A 124 -8.31 -19.56 15.33
CA LYS A 124 -9.69 -20.03 15.24
C LYS A 124 -10.52 -19.26 14.22
N LEU A 125 -10.02 -18.15 13.68
CA LEU A 125 -10.77 -17.43 12.64
C LEU A 125 -10.53 -18.06 11.28
N ILE A 126 -9.29 -18.44 10.99
CA ILE A 126 -8.94 -19.20 9.79
C ILE A 126 -8.11 -20.37 10.29
N TYR A 127 -8.70 -21.57 10.30
CA TYR A 127 -7.97 -22.77 10.69
C TYR A 127 -7.13 -23.23 9.52
N GLY A 128 -5.90 -23.67 9.81
CA GLY A 128 -4.98 -24.05 8.75
C GLY A 128 -3.95 -23.00 8.43
N LEU A 129 -4.04 -21.82 9.07
CA LEU A 129 -3.18 -20.68 8.77
C LEU A 129 -1.84 -20.77 9.46
N LEU A 130 -0.74 -20.48 8.74
CA LEU A 130 0.61 -20.79 9.23
C LEU A 130 1.34 -19.57 9.77
N ILE A 131 1.57 -19.55 11.08
CA ILE A 131 2.35 -18.51 11.74
C ILE A 131 3.64 -19.08 12.33
N SER A 132 4.77 -18.77 11.71
CA SER A 132 6.08 -19.10 12.27
C SER A 132 6.39 -18.24 13.50
N PRO A 133 6.95 -18.81 14.57
CA PRO A 133 7.34 -17.97 15.72
C PRO A 133 8.37 -16.90 15.38
N THR A 134 9.05 -17.00 14.24
CA THR A 134 10.07 -16.02 13.87
C THR A 134 9.92 -15.60 12.42
N VAL A 135 10.39 -14.39 12.14
CA VAL A 135 10.51 -13.86 10.78
C VAL A 135 11.96 -13.40 10.66
N ASN A 136 12.74 -14.12 9.84
CA ASN A 136 14.18 -13.84 9.70
C ASN A 136 14.88 -13.77 11.06
N GLU A 137 14.68 -14.80 11.87
CA GLU A 137 15.36 -15.00 13.16
C GLU A 137 14.89 -14.11 14.29
N LYS A 138 13.93 -13.24 14.08
CA LYS A 138 13.37 -12.38 15.12
C LYS A 138 11.90 -12.72 15.37
N GLU A 139 11.44 -12.40 16.57
CA GLU A 139 10.07 -12.72 16.95
C GLU A 139 9.07 -12.18 15.94
N ASN A 140 8.08 -13.02 15.59
CA ASN A 140 6.99 -12.62 14.70
C ASN A 140 6.01 -11.74 15.46
N ASN A 141 6.41 -10.49 15.65
CA ASN A 141 5.65 -9.52 16.42
C ASN A 141 6.02 -8.13 15.91
N PHE A 142 5.04 -7.21 15.98
CA PHE A 142 5.29 -5.86 15.49
C PHE A 142 6.43 -5.17 16.23
N LYS A 143 6.80 -5.66 17.42
CA LYS A 143 7.91 -5.06 18.15
C LYS A 143 9.23 -5.22 17.40
N GLU A 144 9.31 -6.17 16.48
CA GLU A 144 10.47 -6.35 15.63
C GLU A 144 10.29 -5.69 14.26
N GLY A 145 9.16 -5.01 14.05
CA GLY A 145 8.92 -4.22 12.86
C GLY A 145 8.11 -4.90 11.79
N VAL A 146 7.96 -6.21 11.83
CA VAL A 146 7.32 -6.96 10.76
C VAL A 146 6.54 -8.12 11.36
N ILE A 147 5.39 -8.41 10.76
CA ILE A 147 4.69 -9.65 11.02
C ILE A 147 4.46 -10.34 9.68
N GLU A 148 4.33 -11.66 9.71
CA GLU A 148 4.05 -12.45 8.52
C GLU A 148 3.14 -13.59 8.91
N PHE A 149 2.31 -14.02 7.98
CA PHE A 149 1.50 -15.22 8.16
C PHE A 149 1.13 -15.73 6.79
N THR A 150 1.13 -17.05 6.62
CA THR A 150 0.82 -17.69 5.36
C THR A 150 -0.55 -18.34 5.49
N LEU A 151 -1.48 -17.93 4.64
CA LEU A 151 -2.85 -18.40 4.69
C LEU A 151 -2.93 -19.87 4.30
N PRO A 152 -3.97 -20.56 4.74
CA PRO A 152 -4.04 -22.02 4.54
C PRO A 152 -4.29 -22.38 3.08
N PRO A 153 -4.26 -23.67 2.76
CA PRO A 153 -4.62 -24.10 1.40
C PRO A 153 -6.11 -24.09 1.15
N VAL A 154 -6.93 -24.02 2.20
CA VAL A 154 -8.38 -24.00 2.08
C VAL A 154 -8.97 -22.95 3.01
N VAL A 155 -9.88 -22.14 2.46
CA VAL A 155 -10.72 -21.21 3.21
C VAL A 155 -12.16 -21.44 2.79
N HIS A 156 -13.02 -21.72 3.76
CA HIS A 156 -14.37 -22.18 3.48
C HIS A 156 -15.37 -21.03 3.38
N LYS A 157 -15.15 -19.97 4.16
CA LYS A 157 -16.04 -18.81 4.23
C LYS A 157 -15.23 -17.55 4.01
N ALA A 158 -15.90 -16.51 3.51
CA ALA A 158 -15.26 -15.21 3.35
C ALA A 158 -14.95 -14.61 4.71
N THR A 159 -13.74 -14.09 4.87
CA THR A 159 -13.23 -13.65 6.17
C THR A 159 -12.46 -12.34 6.01
N VAL A 160 -12.79 -11.37 6.86
CA VAL A 160 -12.16 -10.05 6.87
C VAL A 160 -11.66 -9.78 8.28
N PHE A 161 -10.35 -9.56 8.42
CA PHE A 161 -9.75 -9.19 9.69
C PHE A 161 -8.80 -8.01 9.48
N TYR A 162 -8.37 -7.41 10.59
CA TYR A 162 -7.70 -6.12 10.53
C TYR A 162 -6.47 -6.07 11.43
N PHE A 163 -5.50 -5.23 11.03
CA PHE A 163 -4.39 -4.80 11.86
C PHE A 163 -4.35 -3.27 11.86
N ILE A 164 -3.76 -2.69 12.91
CA ILE A 164 -3.63 -1.24 13.01
C ILE A 164 -2.17 -0.89 13.25
N CYS A 165 -1.67 0.12 12.54
CA CYS A 165 -0.33 0.70 12.73
C CYS A 165 -0.55 2.20 12.77
N ASP A 166 -0.82 2.74 13.95
CA ASP A 166 -1.36 4.09 14.11
C ASP A 166 -0.28 5.04 14.61
N ASN A 167 0.06 6.03 13.78
CA ASN A 167 1.03 7.06 14.15
C ASN A 167 0.35 8.41 14.35
N SER A 168 -0.98 8.44 14.48
CA SER A 168 -1.70 9.70 14.55
C SER A 168 -1.46 10.43 15.86
N LYS A 169 -1.04 9.74 16.92
CA LYS A 169 -0.71 10.39 18.18
C LYS A 169 0.72 10.93 18.21
N THR A 170 1.49 10.73 17.14
CA THR A 170 2.79 11.37 17.02
C THR A 170 2.61 12.72 16.33
N GLU A 171 3.07 13.79 16.99
CA GLU A 171 2.82 15.14 16.56
C GLU A 171 4.11 15.95 16.62
N ASP A 172 4.21 16.95 15.75
CA ASP A 172 5.34 17.88 15.73
C ASP A 172 4.77 19.25 15.36
N ASP A 173 4.61 20.12 16.36
CA ASP A 173 3.96 21.41 16.15
C ASP A 173 2.60 21.18 15.49
N ASN A 174 2.40 21.74 14.30
CA ASN A 174 1.13 21.59 13.59
C ASN A 174 1.09 20.39 12.67
N LYS A 175 1.99 19.42 12.88
CA LYS A 175 2.05 18.21 12.08
C LYS A 175 1.63 17.02 12.95
N LYS A 176 0.90 16.08 12.35
CA LYS A 176 0.44 14.88 13.05
C LYS A 176 0.57 13.70 12.11
N GLY A 177 0.93 12.55 12.65
CA GLY A 177 1.08 11.35 11.86
C GLY A 177 -0.24 10.78 11.40
N ASN A 178 -0.15 9.68 10.65
CA ASN A 178 -1.30 9.03 10.05
C ASN A 178 -1.59 7.70 10.72
N ARG A 179 -2.86 7.27 10.63
CA ARG A 179 -3.31 5.99 11.13
C ARG A 179 -3.31 4.99 9.98
N GLY A 180 -2.52 3.93 10.12
CA GLY A 180 -2.43 2.89 9.11
C GLY A 180 -3.35 1.72 9.45
N ILE A 181 -4.08 1.26 8.44
CA ILE A 181 -4.97 0.12 8.58
C ILE A 181 -4.64 -0.90 7.50
N VAL A 182 -4.53 -2.16 7.90
CA VAL A 182 -4.46 -3.28 6.96
C VAL A 182 -5.81 -3.98 7.01
N GLU A 183 -6.49 -4.04 5.87
CA GLU A 183 -7.71 -4.84 5.75
C GLU A 183 -7.37 -6.05 4.90
N VAL A 184 -7.50 -7.24 5.48
CA VAL A 184 -7.25 -8.49 4.78
C VAL A 184 -8.61 -9.09 4.43
N TYR A 185 -8.92 -9.13 3.14
CA TYR A 185 -10.18 -9.69 2.64
C TYR A 185 -9.85 -11.02 1.98
N VAL A 186 -10.31 -12.11 2.60
CA VAL A 186 -10.04 -13.46 2.12
C VAL A 186 -11.31 -14.01 1.51
N GLU A 187 -11.29 -14.24 0.20
CA GLU A 187 -12.40 -14.90 -0.47
C GLU A 187 -12.26 -16.41 -0.34
N PRO A 188 -13.37 -17.15 -0.34
CA PRO A 188 -13.27 -18.62 -0.26
C PRO A 188 -12.53 -19.18 -1.45
N TYR A 189 -11.54 -20.03 -1.17
CA TYR A 189 -10.82 -20.75 -2.20
C TYR A 189 -10.57 -22.18 -1.72
N GLY A 190 -10.51 -23.11 -2.66
CA GLY A 190 -10.27 -24.50 -2.32
C GLY A 190 -11.56 -25.30 -2.40
N ASN A 191 -11.92 -25.94 -1.29
CA ASN A 191 -13.21 -26.61 -1.17
C ASN A 191 -13.38 -27.79 -2.12
N THR B 1 4.11 21.73 36.33
CA THR B 1 4.10 21.77 37.81
C THR B 1 2.85 22.40 38.40
N GLY B 2 2.74 22.35 39.72
CA GLY B 2 1.74 23.10 40.45
C GLY B 2 2.18 24.49 40.86
N GLN B 3 3.31 24.98 40.34
CA GLN B 3 3.78 26.34 40.60
C GLN B 3 3.90 27.14 39.32
N VAL B 4 3.30 26.69 38.22
CA VAL B 4 3.44 27.37 36.94
C VAL B 4 2.93 28.80 37.04
N GLN B 5 3.65 29.72 36.40
CA GLN B 5 3.33 31.14 36.44
C GLN B 5 3.77 31.82 35.15
N LEU B 6 2.92 32.72 34.65
CA LEU B 6 3.22 33.56 33.49
C LEU B 6 2.85 34.99 33.82
N VAL B 7 3.79 35.92 33.62
CA VAL B 7 3.60 37.32 34.00
C VAL B 7 3.94 38.17 32.77
N GLU B 8 2.91 38.70 32.11
CA GLU B 8 3.11 39.57 30.97
C GLU B 8 3.47 40.99 31.42
N SER B 9 4.21 41.69 30.57
CA SER B 9 4.50 43.10 30.77
C SER B 9 4.79 43.73 29.42
N GLY B 10 4.91 45.06 29.43
CA GLY B 10 5.27 45.81 28.25
C GLY B 10 4.12 46.50 27.54
N GLY B 11 2.89 46.22 27.93
CA GLY B 11 1.74 46.88 27.36
C GLY B 11 1.71 48.36 27.69
N GLY B 12 0.70 49.03 27.15
CA GLY B 12 0.53 50.45 27.36
C GLY B 12 -0.35 51.06 26.30
N VAL B 13 -0.41 52.38 26.32
CA VAL B 13 -1.24 53.14 25.40
C VAL B 13 -0.33 53.75 24.32
N VAL B 14 -0.62 53.44 23.06
CA VAL B 14 0.10 54.00 21.91
C VAL B 14 -0.90 54.41 20.86
N GLN B 15 -0.44 55.23 19.92
CA GLN B 15 -1.25 55.66 18.80
C GLN B 15 -1.05 54.76 17.59
N PRO B 16 -2.00 54.77 16.64
CA PRO B 16 -1.84 53.93 15.45
C PRO B 16 -0.53 54.20 14.72
N GLY B 17 0.07 53.12 14.22
CA GLY B 17 1.40 53.17 13.64
C GLY B 17 2.52 53.09 14.64
N GLY B 18 2.22 53.00 15.94
CA GLY B 18 3.24 52.89 16.95
C GLY B 18 3.67 51.46 17.21
N SER B 19 4.61 51.30 18.14
CA SER B 19 5.20 50.01 18.45
C SER B 19 5.16 49.73 19.94
N LEU B 20 5.10 48.45 20.27
CA LEU B 20 5.19 47.96 21.64
C LEU B 20 5.92 46.63 21.64
N ARG B 21 6.70 46.39 22.70
CA ARG B 21 7.40 45.12 22.88
C ARG B 21 6.87 44.48 24.14
N LEU B 22 6.11 43.40 23.98
CA LEU B 22 5.58 42.64 25.11
C LEU B 22 6.60 41.60 25.56
N SER B 23 6.64 41.37 26.87
CA SER B 23 7.51 40.37 27.46
C SER B 23 6.71 39.53 28.45
N CYS B 24 7.09 38.26 28.58
CA CYS B 24 6.43 37.31 29.46
C CYS B 24 7.50 36.54 30.22
N ALA B 25 7.55 36.72 31.53
CA ALA B 25 8.46 35.99 32.39
C ALA B 25 7.82 34.64 32.74
N ALA B 26 8.43 33.56 32.30
CA ALA B 26 7.91 32.22 32.52
C ALA B 26 8.56 31.62 33.75
N SER B 27 7.76 30.94 34.56
CA SER B 27 8.23 30.38 35.82
C SER B 27 7.49 29.08 36.09
N GLY B 28 8.20 28.15 36.73
CA GLY B 28 7.58 26.95 37.26
C GLY B 28 7.53 25.76 36.33
N PHE B 29 8.09 25.86 35.13
CA PHE B 29 8.17 24.73 34.22
C PHE B 29 9.46 24.82 33.43
N THR B 30 9.77 23.74 32.72
CA THR B 30 10.94 23.69 31.85
C THR B 30 10.60 24.48 30.58
N PHE B 31 10.85 25.79 30.64
CA PHE B 31 10.53 26.69 29.55
C PHE B 31 11.06 26.19 28.21
N SER B 32 12.31 25.74 28.18
CA SER B 32 12.95 25.38 26.93
C SER B 32 12.35 24.13 26.29
N SER B 33 11.43 23.44 26.97
CA SER B 33 10.81 22.25 26.41
C SER B 33 9.47 22.54 25.75
N PHE B 34 8.92 23.73 25.96
CA PHE B 34 7.55 24.01 25.57
C PHE B 34 7.49 25.13 24.54
N ALA B 35 6.68 24.92 23.50
CA ALA B 35 6.25 26.01 22.64
C ALA B 35 5.45 27.01 23.46
N MET B 36 5.38 28.24 22.97
CA MET B 36 4.68 29.31 23.66
C MET B 36 3.76 30.03 22.69
N HIS B 37 2.62 30.47 23.20
CA HIS B 37 1.64 31.21 22.42
C HIS B 37 1.55 32.64 22.93
N TRP B 38 1.14 33.54 22.03
CA TRP B 38 0.47 34.78 22.40
C TRP B 38 -0.98 34.69 21.94
N ALA B 39 -1.89 35.10 22.81
CA ALA B 39 -3.32 35.22 22.51
C ALA B 39 -3.76 36.60 22.98
N ARG B 40 -4.99 36.97 22.60
CA ARG B 40 -5.50 38.27 22.99
C ARG B 40 -7.02 38.24 23.04
N GLN B 41 -7.57 39.09 23.90
CA GLN B 41 -9.00 39.27 24.04
C GLN B 41 -9.31 40.76 23.93
N ALA B 42 -9.92 41.15 22.81
CA ALA B 42 -10.34 42.51 22.60
C ALA B 42 -11.43 42.89 23.60
N PRO B 43 -11.59 44.18 23.89
CA PRO B 43 -12.56 44.59 24.92
C PRO B 43 -13.95 44.07 24.65
N GLY B 44 -14.48 43.23 25.55
CA GLY B 44 -15.84 42.75 25.42
C GLY B 44 -16.03 41.62 24.44
N LYS B 45 -14.95 41.10 23.85
CA LYS B 45 -15.00 40.08 22.83
C LYS B 45 -14.39 38.79 23.35
N GLY B 46 -14.29 37.80 22.46
CA GLY B 46 -13.80 36.48 22.83
C GLY B 46 -12.30 36.36 22.68
N LEU B 47 -11.84 35.11 22.76
CA LEU B 47 -10.42 34.79 22.69
C LEU B 47 -9.98 34.65 21.25
N GLU B 48 -8.78 35.16 20.96
CA GLU B 48 -8.19 34.99 19.64
C GLU B 48 -6.73 34.60 19.78
N TRP B 49 -6.30 33.62 19.00
CA TRP B 49 -4.90 33.22 18.95
C TRP B 49 -4.12 34.18 18.06
N VAL B 50 -2.92 34.55 18.49
CA VAL B 50 -2.10 35.53 17.78
C VAL B 50 -0.85 34.89 17.17
N ALA B 51 -0.05 34.20 17.97
CA ALA B 51 1.24 33.72 17.49
C ALA B 51 1.72 32.54 18.34
N TYR B 52 2.60 31.73 17.73
CA TYR B 52 3.15 30.51 18.29
C TYR B 52 4.62 30.42 17.95
N ILE B 53 5.43 30.00 18.93
CA ILE B 53 6.86 29.80 18.70
C ILE B 53 7.26 28.41 19.20
N ARG B 54 8.01 27.68 18.38
CA ARG B 54 8.51 26.36 18.71
C ARG B 54 9.41 26.42 19.94
N TYR B 55 9.51 25.27 20.61
CA TYR B 55 10.26 25.21 21.87
C TYR B 55 11.68 25.75 21.71
N ASP B 56 12.34 25.43 20.59
CA ASP B 56 13.71 25.86 20.38
C ASP B 56 13.82 27.18 19.64
N GLY B 57 12.69 27.80 19.30
CA GLY B 57 12.69 29.11 18.70
C GLY B 57 12.98 29.15 17.22
N THR B 58 12.90 28.03 16.54
CA THR B 58 13.29 27.94 15.14
C THR B 58 12.10 27.96 14.19
N LYS B 59 10.87 27.94 14.70
CA LYS B 59 9.68 28.04 13.87
C LYS B 59 8.64 28.87 14.60
N GLU B 60 8.00 29.78 13.87
CA GLU B 60 6.99 30.67 14.41
C GLU B 60 5.78 30.65 13.49
N PHE B 61 4.60 30.78 14.08
CA PHE B 61 3.36 30.89 13.32
C PHE B 61 2.64 32.16 13.76
N TYR B 62 1.83 32.69 12.84
CA TYR B 62 1.10 33.93 13.11
C TYR B 62 -0.30 33.86 12.50
N THR B 63 -1.23 34.54 13.16
CA THR B 63 -2.50 34.87 12.53
C THR B 63 -2.26 35.87 11.40
N ASP B 64 -3.15 35.86 10.40
CA ASP B 64 -2.94 36.70 9.22
C ASP B 64 -2.80 38.17 9.58
N SER B 65 -3.60 38.65 10.54
CA SER B 65 -3.55 40.07 10.89
C SER B 65 -2.21 40.48 11.50
N ALA B 66 -1.45 39.52 12.04
CA ALA B 66 -0.18 39.81 12.67
C ALA B 66 0.99 39.64 11.71
N LYS B 67 0.79 38.99 10.57
CA LYS B 67 1.89 38.74 9.65
C LYS B 67 2.51 40.05 9.18
N GLY B 68 3.83 40.16 9.33
CA GLY B 68 4.54 41.34 8.91
C GLY B 68 4.53 42.49 9.89
N ARG B 69 3.81 42.36 11.01
CA ARG B 69 3.74 43.39 12.04
C ARG B 69 4.23 42.88 13.38
N PHE B 70 3.79 41.69 13.81
CA PHE B 70 4.18 41.14 15.09
C PHE B 70 5.28 40.11 14.88
N THR B 71 6.25 40.08 15.80
CA THR B 71 7.30 39.07 15.80
C THR B 71 7.35 38.42 17.17
N ILE B 72 7.09 37.12 17.23
CA ILE B 72 7.21 36.35 18.45
C ILE B 72 8.62 35.78 18.54
N SER B 73 9.25 35.92 19.71
CA SER B 73 10.59 35.39 19.94
C SER B 73 10.72 34.98 21.40
N ARG B 74 11.82 34.30 21.71
CA ARG B 74 12.06 33.80 23.05
C ARG B 74 13.56 33.75 23.34
N ASP B 75 13.90 33.89 24.62
CA ASP B 75 15.25 33.64 25.13
C ASP B 75 15.15 32.51 26.15
N ASN B 76 15.64 31.32 25.78
CA ASN B 76 15.51 30.18 26.69
C ASN B 76 16.44 30.27 27.88
N SER B 77 17.49 31.10 27.80
CA SER B 77 18.37 31.36 28.94
C SER B 77 17.81 32.40 29.92
N LYS B 78 16.76 33.10 29.53
CA LYS B 78 16.11 34.09 30.38
C LYS B 78 14.68 33.66 30.67
N ASN B 79 14.28 32.46 30.23
CA ASN B 79 12.89 31.97 30.34
C ASN B 79 11.88 33.10 30.08
N THR B 80 12.10 33.80 28.99
CA THR B 80 11.29 34.96 28.63
C THR B 80 10.80 34.82 27.20
N LEU B 81 9.52 35.14 27.01
CA LEU B 81 8.89 35.23 25.70
C LEU B 81 8.67 36.70 25.36
N TYR B 82 8.76 37.01 24.06
CA TYR B 82 8.58 38.39 23.60
C TYR B 82 7.58 38.43 22.46
N LEU B 83 6.88 39.56 22.36
CA LEU B 83 6.04 39.89 21.20
C LEU B 83 6.36 41.32 20.80
N GLN B 84 7.22 41.49 19.80
CA GLN B 84 7.46 42.79 19.19
C GLN B 84 6.26 43.14 18.33
N MET B 85 5.63 44.29 18.60
CA MET B 85 4.44 44.72 17.89
C MET B 85 4.73 46.04 17.18
N ASP B 86 4.76 46.01 15.85
CA ASP B 86 5.00 47.18 15.03
C ASP B 86 3.74 47.52 14.24
N SER B 87 3.70 48.76 13.75
CA SER B 87 2.61 49.25 12.91
C SER B 87 1.25 48.90 13.52
N LEU B 88 1.05 49.38 14.74
CA LEU B 88 -0.15 49.04 15.48
C LEU B 88 -1.36 49.76 14.91
N ARG B 89 -2.53 49.16 15.10
CA ARG B 89 -3.79 49.69 14.57
C ARG B 89 -4.83 49.61 15.67
N ALA B 90 -5.91 50.37 15.48
CA ALA B 90 -6.93 50.46 16.51
C ALA B 90 -7.53 49.11 16.86
N GLU B 91 -7.63 48.21 15.88
CA GLU B 91 -8.19 46.89 16.14
C GLU B 91 -7.24 45.97 16.89
N ASP B 92 -6.02 46.43 17.21
CA ASP B 92 -5.09 45.65 18.02
C ASP B 92 -5.29 45.87 19.52
N THR B 93 -6.15 46.82 19.91
CA THR B 93 -6.51 47.00 21.31
C THR B 93 -7.10 45.71 21.87
N ALA B 94 -6.47 45.19 22.92
CA ALA B 94 -6.88 43.92 23.53
C ALA B 94 -5.99 43.68 24.75
N LEU B 95 -6.46 42.79 25.61
CA LEU B 95 -5.61 42.19 26.63
C LEU B 95 -4.78 41.08 25.99
N TYR B 96 -3.47 41.15 26.16
CA TYR B 96 -2.57 40.19 25.52
C TYR B 96 -2.05 39.19 26.53
N TYR B 97 -2.35 37.92 26.28
CA TYR B 97 -1.92 36.80 27.12
C TYR B 97 -0.75 36.08 26.48
N CYS B 98 0.28 35.80 27.29
CA CYS B 98 1.19 34.71 26.95
C CYS B 98 0.59 33.42 27.51
N ALA B 99 0.72 32.35 26.74
CA ALA B 99 0.18 31.05 27.12
C ALA B 99 1.19 29.97 26.82
N LYS B 100 1.31 29.00 27.71
CA LYS B 100 2.17 27.85 27.50
C LYS B 100 1.43 26.81 26.67
N ASP B 101 2.14 26.21 25.73
CA ASP B 101 1.54 25.18 24.88
C ASP B 101 1.35 23.89 25.67
N LEU B 102 0.32 23.13 25.28
CA LEU B 102 0.03 21.85 25.90
C LEU B 102 0.99 20.75 25.46
N GLY B 103 1.71 20.95 24.36
CA GLY B 103 2.45 19.87 23.75
C GLY B 103 3.71 19.49 24.52
N ILE B 104 3.89 18.18 24.67
CA ILE B 104 5.08 17.61 25.29
C ILE B 104 5.19 16.16 24.85
N ASN B 105 6.41 15.70 24.62
CA ASN B 105 6.66 14.32 24.21
C ASN B 105 5.83 13.96 22.99
N SER B 106 5.82 14.89 22.02
CA SER B 106 5.25 14.67 20.69
C SER B 106 3.73 14.50 20.70
N TYR B 107 3.05 15.23 21.58
CA TYR B 107 1.59 15.19 21.58
C TYR B 107 1.04 16.41 22.31
N GLY B 108 0.09 17.09 21.68
CA GLY B 108 -0.66 18.15 22.33
C GLY B 108 -0.46 19.54 21.77
N TYR B 109 0.40 19.71 20.76
CA TYR B 109 0.70 21.03 20.23
C TYR B 109 -0.55 21.70 19.70
N GLY B 110 -0.76 22.96 20.10
CA GLY B 110 -1.92 23.74 19.72
C GLY B 110 -2.79 24.15 20.88
N GLY B 111 -2.84 23.32 21.92
CA GLY B 111 -3.60 23.68 23.12
C GLY B 111 -2.82 24.65 23.99
N LEU B 112 -3.55 25.59 24.57
CA LEU B 112 -2.98 26.63 25.45
C LEU B 112 -3.36 26.25 26.88
N ASP B 113 -2.48 25.49 27.53
CA ASP B 113 -2.83 24.84 28.79
C ASP B 113 -2.59 25.71 30.01
N PHE B 114 -1.86 26.82 29.88
CA PHE B 114 -1.78 27.77 30.98
C PHE B 114 -1.66 29.18 30.46
N TRP B 115 -2.46 30.09 31.03
CA TRP B 115 -2.50 31.48 30.61
C TRP B 115 -2.04 32.39 31.75
N GLY B 116 -1.29 33.43 31.39
CA GLY B 116 -0.99 34.49 32.31
C GLY B 116 -2.18 35.42 32.50
N GLN B 117 -2.02 36.39 33.40
CA GLN B 117 -3.13 37.31 33.64
C GLN B 117 -3.31 38.30 32.50
N GLY B 118 -2.24 38.59 31.75
CA GLY B 118 -2.33 39.40 30.56
C GLY B 118 -1.92 40.84 30.81
N THR B 119 -1.54 41.51 29.72
CA THR B 119 -1.16 42.92 29.75
C THR B 119 -1.96 43.67 28.70
N LEU B 120 -2.56 44.79 29.10
CA LEU B 120 -3.47 45.50 28.22
C LEU B 120 -2.71 46.40 27.25
N VAL B 121 -3.06 46.30 25.97
CA VAL B 121 -2.53 47.17 24.92
C VAL B 121 -3.70 47.98 24.39
N THR B 122 -3.57 49.31 24.42
CA THR B 122 -4.60 50.21 23.90
C THR B 122 -4.00 51.02 22.77
N VAL B 123 -4.56 50.87 21.57
CA VAL B 123 -4.17 51.67 20.42
C VAL B 123 -5.29 52.70 20.26
N SER B 124 -5.01 53.94 20.67
CA SER B 124 -6.01 55.00 20.72
C SER B 124 -6.37 55.47 19.31
N SER B 125 -7.58 55.13 18.87
CA SER B 125 -8.06 55.57 17.56
C SER B 125 -7.83 57.06 17.35
N GLU B 146 -9.50 28.97 7.10
CA GLU B 146 -9.76 28.94 8.54
C GLU B 146 -10.93 28.06 8.94
N ILE B 147 -10.72 27.25 9.97
CA ILE B 147 -11.80 26.46 10.53
C ILE B 147 -12.60 27.35 11.48
N VAL B 148 -13.92 27.38 11.30
CA VAL B 148 -14.80 28.22 12.09
C VAL B 148 -15.49 27.34 13.13
N LEU B 149 -15.54 27.83 14.36
CA LEU B 149 -16.21 27.14 15.46
C LEU B 149 -17.37 28.00 15.91
N THR B 150 -18.56 27.39 15.96
CA THR B 150 -19.79 28.08 16.33
C THR B 150 -20.30 27.51 17.64
N GLN B 151 -20.37 28.36 18.66
CA GLN B 151 -20.84 27.95 19.98
C GLN B 151 -22.27 28.46 20.16
N SER B 152 -23.19 27.54 20.44
CA SER B 152 -24.55 27.90 20.77
C SER B 152 -25.00 27.18 22.03
N PRO B 153 -25.85 27.82 22.85
CA PRO B 153 -26.26 29.22 22.66
C PRO B 153 -25.15 30.17 23.11
N ALA B 154 -25.23 31.44 22.72
CA ALA B 154 -24.24 32.40 23.20
C ALA B 154 -24.38 32.61 24.70
N THR B 155 -25.60 32.56 25.23
CA THR B 155 -25.85 32.72 26.65
C THR B 155 -26.71 31.57 27.14
N LEU B 156 -26.48 31.18 28.40
CA LEU B 156 -27.15 30.03 29.00
C LEU B 156 -27.48 30.40 30.44
N SER B 157 -28.76 30.67 30.71
CA SER B 157 -29.21 31.04 32.04
C SER B 157 -29.62 29.78 32.80
N LEU B 158 -28.90 29.48 33.87
CA LEU B 158 -29.09 28.24 34.62
C LEU B 158 -29.03 28.54 36.11
N SER B 159 -29.48 27.58 36.90
CA SER B 159 -29.43 27.71 38.35
C SER B 159 -28.36 26.79 38.94
N PRO B 160 -27.76 27.16 40.07
CA PRO B 160 -26.77 26.28 40.68
C PRO B 160 -27.35 24.90 40.99
N GLY B 161 -26.62 23.86 40.58
CA GLY B 161 -27.07 22.49 40.74
C GLY B 161 -27.56 21.85 39.45
N GLU B 162 -27.95 22.63 38.46
CA GLU B 162 -28.46 22.11 37.21
C GLU B 162 -27.30 21.62 36.33
N ARG B 163 -27.64 20.74 35.39
CA ARG B 163 -26.66 20.23 34.43
C ARG B 163 -26.56 21.22 33.28
N GLY B 164 -25.40 21.85 33.13
CA GLY B 164 -25.13 22.67 31.96
C GLY B 164 -24.56 21.89 30.83
N THR B 165 -25.01 22.18 29.60
CA THR B 165 -24.50 21.57 28.38
C THR B 165 -24.18 22.63 27.34
N LEU B 166 -22.91 22.74 26.97
CA LEU B 166 -22.45 23.70 25.98
C LEU B 166 -22.05 22.98 24.71
N SER B 167 -22.34 23.60 23.56
CA SER B 167 -22.11 22.98 22.26
C SER B 167 -21.09 23.77 21.45
N CYS B 168 -20.30 23.04 20.66
CA CYS B 168 -19.37 23.61 19.70
C CYS B 168 -19.54 22.87 18.38
N ARG B 169 -19.78 23.61 17.30
CA ARG B 169 -19.89 23.03 15.98
C ARG B 169 -18.81 23.61 15.07
N ALA B 170 -18.02 22.74 14.46
CA ALA B 170 -16.92 23.14 13.59
C ALA B 170 -17.35 23.11 12.12
N SER B 171 -16.74 23.99 11.33
CA SER B 171 -17.08 24.09 9.92
C SER B 171 -16.59 22.91 9.12
N GLN B 172 -15.63 22.15 9.64
CA GLN B 172 -15.17 20.92 9.01
C GLN B 172 -14.67 19.99 10.11
N ASN B 173 -14.39 18.75 9.71
CA ASN B 173 -13.85 17.74 10.62
C ASN B 173 -12.63 18.27 11.35
N VAL B 174 -12.74 18.44 12.66
CA VAL B 174 -11.60 18.74 13.50
C VAL B 174 -11.15 17.49 14.25
N ASN B 175 -11.51 16.31 13.75
CA ASN B 175 -11.12 15.03 14.35
C ASN B 175 -11.68 15.04 15.77
N ARG B 176 -10.90 14.71 16.78
CA ARG B 176 -11.27 14.91 18.17
C ARG B 176 -10.38 15.96 18.84
N TYR B 177 -9.84 16.88 18.05
CA TYR B 177 -8.87 17.85 18.54
C TYR B 177 -9.54 19.14 19.01
N LEU B 178 -10.58 19.04 19.85
CA LEU B 178 -11.27 20.20 20.37
C LEU B 178 -11.01 20.33 21.86
N ALA B 179 -10.62 21.53 22.29
CA ALA B 179 -10.41 21.87 23.68
C ALA B 179 -11.48 22.82 24.16
N TRP B 180 -11.70 22.84 25.47
CA TRP B 180 -12.64 23.74 26.11
C TRP B 180 -11.92 24.58 27.15
N TYR B 181 -12.32 25.84 27.27
CA TYR B 181 -11.73 26.76 28.23
C TYR B 181 -12.81 27.41 29.08
N GLN B 182 -12.42 27.82 30.28
CA GLN B 182 -13.26 28.55 31.21
C GLN B 182 -12.60 29.88 31.51
N GLN B 183 -13.33 30.97 31.29
CA GLN B 183 -12.88 32.30 31.73
C GLN B 183 -13.88 32.81 32.75
N LYS B 184 -13.52 32.76 34.02
CA LYS B 184 -14.32 33.36 35.06
C LYS B 184 -14.19 34.87 34.97
N PRO B 185 -15.18 35.61 35.47
CA PRO B 185 -15.08 37.09 35.40
C PRO B 185 -13.77 37.63 35.96
N GLY B 186 -13.05 38.39 35.14
CA GLY B 186 -11.85 39.08 35.56
C GLY B 186 -10.59 38.26 35.52
N GLN B 187 -10.62 37.06 34.93
CA GLN B 187 -9.55 36.10 35.09
C GLN B 187 -9.10 35.56 33.74
N ALA B 188 -7.91 34.99 33.73
CA ALA B 188 -7.38 34.38 32.53
C ALA B 188 -8.12 33.08 32.21
N PRO B 189 -8.19 32.70 30.95
CA PRO B 189 -8.77 31.39 30.61
C PRO B 189 -8.02 30.25 31.27
N ARG B 190 -8.73 29.13 31.44
CA ARG B 190 -8.18 27.91 32.02
C ARG B 190 -8.61 26.74 31.13
N LEU B 191 -7.66 25.86 30.80
CA LEU B 191 -7.98 24.67 30.03
C LEU B 191 -8.76 23.69 30.90
N LEU B 192 -9.95 23.31 30.44
CA LEU B 192 -10.75 22.30 31.11
C LEU B 192 -10.63 20.93 30.46
N ILE B 193 -10.88 20.86 29.15
CA ILE B 193 -10.89 19.61 28.39
C ILE B 193 -9.95 19.78 27.20
N TYR B 194 -9.21 18.73 26.87
CA TYR B 194 -8.44 18.70 25.63
C TYR B 194 -8.76 17.42 24.86
N ASP B 195 -8.53 17.49 23.56
CA ASP B 195 -8.93 16.46 22.60
C ASP B 195 -10.28 15.83 22.97
N ALA B 196 -11.27 16.70 23.13
CA ALA B 196 -12.67 16.31 23.15
C ALA B 196 -13.12 15.80 24.51
N SER B 197 -12.35 14.86 25.06
CA SER B 197 -12.78 14.03 26.17
C SER B 197 -11.84 14.05 27.37
N ASN B 198 -10.61 14.55 27.22
CA ASN B 198 -9.58 14.35 28.22
C ASN B 198 -9.59 15.52 29.20
N ARG B 199 -10.04 15.25 30.42
CA ARG B 199 -9.99 16.24 31.48
C ARG B 199 -8.54 16.60 31.79
N ALA B 200 -8.26 17.88 31.89
CA ALA B 200 -6.91 18.31 32.25
C ALA B 200 -6.64 18.07 33.74
N THR B 201 -5.36 17.99 34.08
CA THR B 201 -4.97 17.70 35.45
C THR B 201 -5.44 18.80 36.39
N GLY B 202 -6.06 18.41 37.50
CA GLY B 202 -6.57 19.33 38.49
C GLY B 202 -7.97 19.84 38.24
N ILE B 203 -8.58 19.49 37.10
CA ILE B 203 -9.92 19.96 36.76
C ILE B 203 -10.93 19.03 37.42
N PRO B 204 -11.93 19.54 38.12
CA PRO B 204 -12.90 18.66 38.81
C PRO B 204 -13.70 17.83 37.81
N ALA B 205 -14.20 16.70 38.30
CA ALA B 205 -14.85 15.72 37.45
C ALA B 205 -16.26 16.10 37.02
N ARG B 206 -16.83 17.19 37.55
CA ARG B 206 -18.10 17.67 37.03
C ARG B 206 -17.98 18.17 35.60
N PHE B 207 -16.78 18.53 35.16
CA PHE B 207 -16.52 18.87 33.76
C PHE B 207 -16.20 17.61 32.96
N SER B 208 -16.97 17.36 31.90
CA SER B 208 -16.75 16.23 31.01
C SER B 208 -16.95 16.68 29.57
N GLY B 209 -16.21 16.05 28.66
CA GLY B 209 -16.29 16.38 27.24
C GLY B 209 -16.61 15.18 26.38
N SER B 210 -17.33 15.44 25.28
CA SER B 210 -17.70 14.42 24.30
C SER B 210 -17.70 15.04 22.90
N GLY B 211 -17.72 14.18 21.90
CA GLY B 211 -17.90 14.62 20.53
C GLY B 211 -16.76 14.15 19.62
N SER B 212 -17.02 14.32 18.32
CA SER B 212 -16.06 13.96 17.28
C SER B 212 -16.47 14.65 15.99
N GLY B 213 -15.51 14.84 15.10
CA GLY B 213 -15.79 15.42 13.81
C GLY B 213 -16.14 16.89 13.85
N THR B 214 -17.44 17.16 13.75
CA THR B 214 -17.95 18.52 13.69
C THR B 214 -18.73 18.95 14.93
N ASP B 215 -19.32 18.02 15.67
CA ASP B 215 -20.18 18.31 16.81
C ASP B 215 -19.52 17.91 18.13
N PHE B 216 -19.46 18.85 19.08
CA PHE B 216 -18.82 18.61 20.36
C PHE B 216 -19.65 19.20 21.50
N THR B 217 -19.49 18.63 22.70
CA THR B 217 -20.27 18.99 23.88
C THR B 217 -19.40 19.00 25.13
N LEU B 218 -19.59 20.05 25.94
CA LEU B 218 -19.07 20.14 27.30
C LEU B 218 -20.23 20.02 28.28
N THR B 219 -20.13 19.09 29.23
CA THR B 219 -21.15 18.90 30.24
C THR B 219 -20.60 19.28 31.61
N ILE B 220 -21.36 20.06 32.35
CA ILE B 220 -21.04 20.41 33.73
C ILE B 220 -22.13 19.77 34.58
N SER B 221 -21.80 18.63 35.19
CA SER B 221 -22.84 17.75 35.70
C SER B 221 -23.70 18.44 36.75
N SER B 222 -23.08 19.23 37.62
CA SER B 222 -23.81 19.99 38.64
C SER B 222 -23.10 21.33 38.78
N LEU B 223 -23.67 22.36 38.17
CA LEU B 223 -23.05 23.68 38.19
C LEU B 223 -22.82 24.16 39.62
N GLU B 224 -21.60 24.54 39.92
CA GLU B 224 -21.30 25.23 41.16
C GLU B 224 -21.25 26.72 40.89
N PRO B 225 -21.47 27.57 41.90
CA PRO B 225 -21.48 29.03 41.65
C PRO B 225 -20.23 29.53 40.93
N GLU B 226 -19.06 28.91 41.11
CA GLU B 226 -17.87 29.37 40.40
C GLU B 226 -17.91 28.98 38.94
N ASP B 227 -18.74 28.01 38.57
CA ASP B 227 -18.81 27.57 37.19
C ASP B 227 -19.56 28.53 36.29
N PHE B 228 -20.20 29.54 36.87
CA PHE B 228 -20.93 30.53 36.08
C PHE B 228 -19.91 31.53 35.54
N ALA B 229 -19.67 31.43 34.24
CA ALA B 229 -18.49 31.99 33.59
C ALA B 229 -18.68 31.81 32.09
N VAL B 230 -17.78 32.39 31.31
CA VAL B 230 -17.79 32.20 29.86
C VAL B 230 -16.90 31.02 29.50
N TYR B 231 -17.34 30.24 28.51
CA TYR B 231 -16.63 29.05 28.05
C TYR B 231 -16.34 29.13 26.56
N TYR B 232 -15.14 28.69 26.17
CA TYR B 232 -14.67 28.78 24.79
C TYR B 232 -14.18 27.42 24.30
N CYS B 233 -14.59 27.03 23.10
CA CYS B 233 -13.98 25.88 22.44
C CYS B 233 -12.86 26.33 21.52
N GLN B 234 -11.96 25.40 21.20
CA GLN B 234 -10.77 25.69 20.42
C GLN B 234 -10.33 24.43 19.69
N GLN B 235 -9.88 24.57 18.45
CA GLN B 235 -9.43 23.44 17.65
C GLN B 235 -7.94 23.54 17.37
N ARG B 236 -7.25 22.39 17.43
CA ARG B 236 -5.86 22.29 17.05
C ARG B 236 -5.67 21.21 15.99
N ALA B 237 -6.71 20.96 15.19
CA ALA B 237 -6.64 19.95 14.14
C ALA B 237 -5.86 20.47 12.94
N ILE B 238 -6.14 21.68 12.50
CA ILE B 238 -5.51 22.28 11.33
C ILE B 238 -5.18 23.73 11.65
N TRP B 239 -3.89 24.04 11.67
CA TRP B 239 -3.43 25.38 12.04
C TRP B 239 -2.04 25.58 11.48
N PRO B 240 -1.55 26.82 11.41
CA PRO B 240 -2.23 28.06 11.80
C PRO B 240 -3.34 28.47 10.83
N PRO B 241 -4.33 29.25 11.29
CA PRO B 241 -4.45 29.74 12.66
C PRO B 241 -5.16 28.77 13.61
N LEU B 242 -4.78 28.80 14.89
CA LEU B 242 -5.60 28.21 15.93
C LEU B 242 -6.84 29.06 16.14
N THR B 243 -8.02 28.44 16.12
CA THR B 243 -9.28 29.17 16.15
C THR B 243 -10.09 28.83 17.39
N PHE B 244 -10.80 29.85 17.90
CA PHE B 244 -11.71 29.71 19.01
C PHE B 244 -13.15 29.88 18.54
N GLY B 245 -14.08 29.28 19.29
CA GLY B 245 -15.47 29.63 19.15
C GLY B 245 -15.74 31.01 19.72
N GLY B 246 -16.99 31.44 19.58
CA GLY B 246 -17.36 32.76 20.06
C GLY B 246 -17.53 32.86 21.55
N GLY B 247 -17.74 31.74 22.23
CA GLY B 247 -17.94 31.72 23.66
C GLY B 247 -19.40 31.54 24.05
N THR B 248 -19.63 30.82 25.14
CA THR B 248 -20.95 30.67 25.72
C THR B 248 -20.88 31.15 27.16
N LYS B 249 -21.71 32.14 27.51
CA LYS B 249 -21.76 32.64 28.87
C LYS B 249 -22.80 31.84 29.64
N VAL B 250 -22.42 31.39 30.83
CA VAL B 250 -23.31 30.63 31.71
C VAL B 250 -23.68 31.57 32.87
N GLU B 251 -24.90 32.09 32.83
CA GLU B 251 -25.40 33.05 33.79
C GLU B 251 -26.38 32.40 34.77
N ILE B 252 -26.64 33.09 35.87
CA ILE B 252 -27.69 32.69 36.80
C ILE B 252 -29.02 33.25 36.31
N LYS B 253 -30.03 32.39 36.23
CA LYS B 253 -31.41 32.81 36.00
C LYS B 253 -31.86 33.84 37.02
N LEU C 16 -36.01 -4.95 -47.81
CA LEU C 16 -35.85 -5.87 -46.69
C LEU C 16 -34.53 -6.62 -46.80
N ASP C 17 -34.27 -7.52 -45.84
CA ASP C 17 -33.07 -8.36 -45.83
C ASP C 17 -31.77 -7.59 -45.63
N LYS C 18 -31.81 -6.33 -45.21
CA LYS C 18 -30.58 -5.63 -44.89
C LYS C 18 -30.27 -5.85 -43.41
N ILE C 19 -29.03 -5.52 -43.02
CA ILE C 19 -28.57 -5.73 -41.66
C ILE C 19 -28.24 -4.39 -41.01
N ASP C 20 -28.62 -4.27 -39.73
CA ASP C 20 -28.26 -3.12 -38.89
C ASP C 20 -26.86 -3.38 -38.35
N LEU C 21 -25.85 -2.81 -39.01
CA LEU C 21 -24.47 -3.07 -38.64
C LEU C 21 -24.06 -2.44 -37.32
N SER C 22 -24.87 -1.53 -36.79
CA SER C 22 -24.61 -0.90 -35.49
C SER C 22 -25.17 -1.73 -34.33
N TYR C 23 -25.99 -2.74 -34.63
CA TYR C 23 -26.65 -3.52 -33.60
C TYR C 23 -25.70 -4.46 -32.88
N GLU C 24 -25.72 -4.42 -31.55
CA GLU C 24 -24.94 -5.32 -30.71
C GLU C 24 -25.81 -5.99 -29.67
N THR C 25 -25.45 -7.22 -29.32
CA THR C 25 -25.98 -7.87 -28.12
C THR C 25 -24.91 -8.83 -27.62
N THR C 26 -25.24 -9.61 -26.59
CA THR C 26 -24.41 -10.68 -26.08
C THR C 26 -25.28 -11.91 -25.87
N GLU C 27 -24.65 -13.06 -25.64
CA GLU C 27 -25.42 -14.27 -25.37
C GLU C 27 -26.34 -14.06 -24.18
N SER C 28 -25.82 -13.46 -23.10
CA SER C 28 -26.65 -13.24 -21.92
C SER C 28 -27.59 -12.07 -22.10
N GLY C 29 -27.22 -11.09 -22.91
CA GLY C 29 -28.06 -9.91 -23.04
C GLY C 29 -28.08 -9.13 -21.75
N ASP C 30 -29.27 -8.77 -21.30
CA ASP C 30 -29.45 -7.98 -20.09
C ASP C 30 -29.60 -8.82 -18.83
N THR C 31 -29.60 -10.15 -18.94
CA THR C 31 -29.83 -10.98 -17.76
C THR C 31 -28.59 -11.02 -16.86
N ALA C 32 -27.40 -10.83 -17.43
CA ALA C 32 -26.14 -10.94 -16.69
C ALA C 32 -25.91 -12.34 -16.13
N VAL C 33 -26.58 -13.35 -16.71
CA VAL C 33 -26.37 -14.73 -16.30
C VAL C 33 -25.02 -15.20 -16.85
N SER C 34 -24.19 -15.78 -15.97
CA SER C 34 -22.90 -16.29 -16.41
C SER C 34 -23.11 -17.56 -17.21
N GLU C 35 -22.18 -17.82 -18.14
CA GLU C 35 -22.36 -18.95 -19.04
C GLU C 35 -22.44 -20.27 -18.26
N ASP C 36 -21.68 -20.37 -17.18
CA ASP C 36 -21.72 -21.60 -16.39
C ASP C 36 -23.10 -21.82 -15.76
N SER C 37 -24.00 -20.83 -15.85
CA SER C 37 -25.36 -20.98 -15.35
C SER C 37 -26.40 -21.17 -16.45
N TYR C 38 -25.98 -21.21 -17.71
CA TYR C 38 -26.92 -21.49 -18.79
C TYR C 38 -27.47 -22.90 -18.68
N ASP C 39 -28.75 -23.07 -19.02
CA ASP C 39 -29.33 -24.39 -19.24
C ASP C 39 -29.03 -24.80 -20.68
N LYS C 40 -27.91 -25.50 -20.87
CA LYS C 40 -27.48 -25.94 -22.19
C LYS C 40 -28.10 -27.30 -22.49
N TYR C 41 -28.66 -27.45 -23.69
CA TYR C 41 -29.20 -28.74 -24.11
C TYR C 41 -29.04 -28.90 -25.61
N ALA C 42 -29.04 -30.16 -26.04
CA ALA C 42 -28.95 -30.46 -27.46
C ALA C 42 -30.32 -30.34 -28.11
N SER C 43 -30.31 -30.08 -29.41
CA SER C 43 -31.55 -29.92 -30.16
C SER C 43 -32.23 -31.27 -30.36
N GLN C 44 -33.55 -31.23 -30.53
CA GLN C 44 -34.32 -32.45 -30.77
C GLN C 44 -34.08 -32.82 -32.22
N ASN C 45 -33.10 -33.68 -32.46
CA ASN C 45 -32.67 -34.04 -33.81
C ASN C 45 -33.39 -35.31 -34.22
N THR C 46 -34.25 -35.21 -35.22
CA THR C 46 -34.90 -36.39 -35.81
C THR C 46 -34.16 -36.88 -37.05
N ASN C 47 -32.82 -36.84 -36.98
CA ASN C 47 -31.94 -37.40 -38.00
C ASN C 47 -31.73 -36.49 -39.19
N LYS C 48 -32.80 -35.95 -39.75
CA LYS C 48 -32.70 -35.05 -40.88
C LYS C 48 -33.18 -33.63 -40.59
N GLU C 49 -33.88 -33.41 -39.49
CA GLU C 49 -34.32 -32.09 -39.07
C GLU C 49 -33.89 -31.88 -37.63
N TYR C 50 -33.04 -30.90 -37.39
CA TYR C 50 -32.59 -30.55 -36.04
C TYR C 50 -33.47 -29.41 -35.55
N VAL C 51 -34.22 -29.66 -34.48
CA VAL C 51 -35.29 -28.76 -34.04
C VAL C 51 -34.96 -28.20 -32.67
N CYS C 52 -35.09 -26.88 -32.53
CA CYS C 52 -35.05 -26.18 -31.25
C CYS C 52 -36.43 -25.62 -30.97
N ASP C 53 -37.15 -26.22 -30.03
CA ASP C 53 -38.53 -25.85 -29.72
C ASP C 53 -38.55 -25.18 -28.36
N PHE C 54 -38.83 -23.87 -28.34
CA PHE C 54 -38.91 -23.09 -27.11
C PHE C 54 -40.34 -22.92 -26.61
N THR C 55 -41.27 -23.72 -27.11
CA THR C 55 -42.68 -23.47 -26.82
C THR C 55 -42.99 -23.62 -25.33
N ASP C 56 -42.18 -24.40 -24.60
CA ASP C 56 -42.37 -24.59 -23.17
C ASP C 56 -41.09 -24.31 -22.40
N GLN C 57 -40.19 -23.49 -22.95
CA GLN C 57 -38.91 -23.22 -22.33
C GLN C 57 -38.80 -21.83 -21.71
N LEU C 58 -39.72 -20.93 -21.99
CA LEU C 58 -39.52 -19.51 -21.70
C LEU C 58 -40.59 -18.88 -20.84
N LYS C 59 -41.56 -19.65 -20.34
CA LYS C 59 -42.64 -19.07 -19.55
C LYS C 59 -42.12 -18.44 -18.26
N PRO C 60 -42.79 -17.40 -17.77
CA PRO C 60 -42.34 -16.76 -16.52
C PRO C 60 -42.42 -17.71 -15.33
N THR C 61 -41.36 -17.71 -14.52
CA THR C 61 -41.35 -18.45 -13.27
C THR C 61 -40.73 -17.57 -12.19
N GLU C 62 -40.97 -17.94 -10.94
CA GLU C 62 -40.39 -17.20 -9.83
C GLU C 62 -38.87 -17.23 -9.86
N SER C 63 -38.29 -18.21 -10.55
CA SER C 63 -36.84 -18.38 -10.63
C SER C 63 -36.23 -17.70 -11.84
N GLY C 64 -37.05 -17.10 -12.70
CA GLY C 64 -36.55 -16.49 -13.92
C GLY C 64 -35.85 -15.19 -13.64
N PRO C 65 -35.05 -14.71 -14.60
CA PRO C 65 -34.85 -15.32 -15.93
C PRO C 65 -33.76 -16.39 -15.96
N LYS C 66 -34.03 -17.47 -16.69
CA LYS C 66 -33.02 -18.47 -16.99
C LYS C 66 -32.57 -18.30 -18.44
N VAL C 67 -31.37 -18.80 -18.74
CA VAL C 67 -30.86 -18.80 -20.10
C VAL C 67 -30.99 -20.23 -20.63
N LYS C 68 -31.93 -20.45 -21.53
CA LYS C 68 -32.15 -21.76 -22.16
C LYS C 68 -31.41 -21.75 -23.49
N LYS C 69 -30.36 -22.56 -23.60
CA LYS C 69 -29.48 -22.56 -24.77
C LYS C 69 -29.60 -23.89 -25.50
N CYS C 70 -30.26 -23.86 -26.65
CA CYS C 70 -30.46 -25.03 -27.49
C CYS C 70 -29.31 -25.14 -28.49
N GLU C 71 -28.62 -26.27 -28.47
CA GLU C 71 -27.40 -26.45 -29.25
C GLU C 71 -27.68 -27.29 -30.50
N VAL C 72 -27.43 -26.70 -31.67
CA VAL C 72 -27.57 -27.39 -32.95
C VAL C 72 -26.14 -27.69 -33.41
N LYS C 73 -25.72 -28.93 -33.26
CA LYS C 73 -24.37 -29.36 -33.64
C LYS C 73 -24.52 -30.24 -34.88
N VAL C 74 -23.98 -29.77 -36.01
CA VAL C 74 -24.18 -30.41 -37.31
C VAL C 74 -22.84 -30.91 -37.81
N ASN C 75 -22.81 -32.18 -38.21
CA ASN C 75 -21.63 -32.78 -38.83
C ASN C 75 -21.99 -33.59 -40.08
N GLU C 76 -23.12 -33.29 -40.70
CA GLU C 76 -23.58 -33.96 -41.90
C GLU C 76 -24.15 -32.93 -42.85
N PRO C 77 -24.16 -33.22 -44.16
CA PRO C 77 -24.61 -32.22 -45.13
C PRO C 77 -26.12 -32.22 -45.34
N LEU C 78 -26.64 -31.05 -45.68
CA LEU C 78 -28.05 -30.89 -46.04
C LEU C 78 -28.97 -31.23 -44.88
N ILE C 79 -28.68 -30.62 -43.73
CA ILE C 79 -29.52 -30.76 -42.55
C ILE C 79 -30.49 -29.59 -42.48
N LYS C 80 -31.77 -29.88 -42.30
CA LYS C 80 -32.79 -28.83 -42.15
C LYS C 80 -32.85 -28.43 -40.68
N VAL C 81 -32.61 -27.15 -40.41
CA VAL C 81 -32.67 -26.58 -39.07
C VAL C 81 -34.01 -25.88 -38.89
N LYS C 82 -34.74 -26.26 -37.84
CA LYS C 82 -36.00 -25.63 -37.49
C LYS C 82 -35.91 -25.02 -36.09
N ILE C 83 -36.36 -23.78 -35.96
CA ILE C 83 -36.35 -23.06 -34.68
C ILE C 83 -37.74 -22.51 -34.45
N ILE C 84 -38.37 -22.92 -33.36
CA ILE C 84 -39.74 -22.53 -33.03
C ILE C 84 -39.69 -21.58 -31.84
N CYS C 85 -40.22 -20.38 -32.01
CA CYS C 85 -40.26 -19.37 -30.95
C CYS C 85 -41.70 -18.96 -30.70
N PRO C 86 -42.24 -19.17 -29.49
CA PRO C 86 -43.65 -18.83 -29.26
C PRO C 86 -43.94 -17.36 -29.54
N LEU C 87 -45.16 -17.10 -29.98
CA LEU C 87 -45.57 -15.77 -30.40
C LEU C 87 -46.25 -15.01 -29.26
N LYS C 88 -46.04 -13.69 -29.25
CA LYS C 88 -46.81 -12.82 -28.38
C LYS C 88 -48.29 -13.07 -28.60
N GLY C 89 -49.00 -13.44 -27.53
CA GLY C 89 -50.41 -13.72 -27.62
C GLY C 89 -50.76 -15.18 -27.85
N SER C 90 -49.78 -16.03 -28.20
CA SER C 90 -50.06 -17.44 -28.35
C SER C 90 -50.69 -18.01 -27.08
N VAL C 91 -50.21 -17.56 -25.92
CA VAL C 91 -50.89 -17.74 -24.65
C VAL C 91 -51.08 -16.36 -24.05
N GLU C 92 -52.23 -16.13 -23.43
CA GLU C 92 -52.50 -14.82 -22.84
C GLU C 92 -51.42 -14.50 -21.81
N LYS C 93 -50.74 -13.38 -22.01
CA LYS C 93 -49.83 -12.76 -21.06
C LYS C 93 -48.45 -13.40 -20.97
N LEU C 94 -48.34 -14.71 -21.20
CA LEU C 94 -47.08 -15.38 -20.86
C LEU C 94 -45.92 -14.93 -21.74
N TYR C 95 -46.18 -14.43 -22.96
CA TYR C 95 -45.15 -14.02 -23.89
C TYR C 95 -45.37 -12.58 -24.34
N ASP C 96 -45.92 -11.75 -23.45
CA ASP C 96 -46.38 -10.42 -23.87
C ASP C 96 -45.22 -9.54 -24.34
N ASN C 97 -44.03 -9.74 -23.77
CA ASN C 97 -42.88 -8.93 -24.11
C ASN C 97 -41.78 -9.77 -24.74
N ILE C 98 -42.15 -10.89 -25.36
CA ILE C 98 -41.17 -11.75 -26.01
C ILE C 98 -40.57 -11.02 -27.20
N GLU C 99 -39.27 -11.22 -27.42
CA GLU C 99 -38.55 -10.62 -28.54
C GLU C 99 -37.73 -11.71 -29.21
N TYR C 100 -37.61 -11.61 -30.53
CA TYR C 100 -36.78 -12.53 -31.30
C TYR C 100 -35.76 -11.73 -32.10
N VAL C 101 -34.55 -12.26 -32.20
CA VAL C 101 -33.45 -11.56 -32.87
C VAL C 101 -32.64 -12.57 -33.68
N PRO C 102 -32.16 -12.21 -34.88
CA PRO C 102 -32.49 -10.97 -35.60
C PRO C 102 -33.94 -10.93 -36.06
N LYS C 103 -34.47 -9.71 -36.25
CA LYS C 103 -35.85 -9.58 -36.68
C LYS C 103 -36.05 -10.16 -38.08
N LYS C 104 -34.98 -10.25 -38.88
CA LYS C 104 -35.03 -10.80 -40.23
C LYS C 104 -34.47 -12.22 -40.31
N SER C 105 -34.54 -12.98 -39.23
CA SER C 105 -34.11 -14.37 -39.29
C SER C 105 -34.98 -15.15 -40.27
N PRO C 106 -34.44 -16.19 -40.91
CA PRO C 106 -33.06 -16.70 -40.81
C PRO C 106 -32.12 -16.07 -41.82
N TYR C 107 -32.60 -15.08 -42.59
CA TYR C 107 -31.72 -14.41 -43.54
C TYR C 107 -30.57 -13.71 -42.82
N VAL C 108 -30.89 -12.98 -41.75
CA VAL C 108 -29.89 -12.34 -40.90
C VAL C 108 -29.73 -13.19 -39.65
N VAL C 109 -28.48 -13.34 -39.19
CA VAL C 109 -28.15 -14.10 -38.00
C VAL C 109 -27.17 -13.28 -37.16
N LEU C 110 -26.87 -13.80 -35.98
CA LEU C 110 -25.91 -13.17 -35.08
C LEU C 110 -24.60 -13.97 -35.07
N THR C 111 -23.48 -13.24 -35.08
CA THR C 111 -22.16 -13.84 -35.01
C THR C 111 -21.31 -13.12 -33.98
N LYS C 112 -20.23 -13.77 -33.58
CA LYS C 112 -19.37 -13.26 -32.52
C LYS C 112 -18.37 -12.25 -33.06
N GLU C 113 -18.40 -11.04 -32.51
CA GLU C 113 -17.31 -10.08 -32.64
C GLU C 113 -16.85 -9.84 -31.19
N GLU C 114 -15.87 -10.63 -30.73
CA GLU C 114 -15.42 -10.63 -29.34
C GLU C 114 -16.50 -11.15 -28.40
N THR C 115 -16.95 -10.32 -27.45
CA THR C 115 -18.04 -10.72 -26.57
C THR C 115 -19.39 -10.45 -27.19
N LYS C 116 -19.46 -9.57 -28.19
CA LYS C 116 -20.71 -9.09 -28.73
C LYS C 116 -21.19 -9.98 -29.88
N LEU C 117 -22.50 -9.92 -30.10
CA LEU C 117 -23.18 -10.65 -31.17
C LEU C 117 -23.67 -9.63 -32.17
N LYS C 118 -23.30 -9.80 -33.43
CA LYS C 118 -23.48 -8.80 -34.45
C LYS C 118 -24.34 -9.36 -35.58
N GLU C 119 -25.20 -8.52 -36.14
CA GLU C 119 -26.07 -8.98 -37.21
C GLU C 119 -25.27 -9.08 -38.49
N LYS C 120 -25.28 -10.26 -39.11
CA LYS C 120 -24.58 -10.53 -40.35
C LYS C 120 -25.49 -11.38 -41.24
N LEU C 121 -25.36 -11.18 -42.54
CA LEU C 121 -26.13 -11.97 -43.48
C LEU C 121 -25.60 -13.40 -43.54
N LEU C 122 -26.50 -14.37 -43.33
CA LEU C 122 -26.09 -15.77 -43.43
C LEU C 122 -25.74 -16.13 -44.86
N SER C 123 -26.32 -15.42 -45.84
CA SER C 123 -25.91 -15.60 -47.22
C SER C 123 -24.41 -15.39 -47.38
N LYS C 124 -23.87 -14.37 -46.70
CA LYS C 124 -22.45 -14.08 -46.83
C LYS C 124 -21.58 -14.94 -45.92
N LEU C 125 -22.16 -15.58 -44.91
CA LEU C 125 -21.41 -16.45 -44.00
C LEU C 125 -21.41 -17.90 -44.46
N ILE C 126 -22.53 -18.37 -44.99
CA ILE C 126 -22.63 -19.71 -45.56
C ILE C 126 -23.18 -19.53 -46.96
N TYR C 127 -22.34 -19.74 -47.96
CA TYR C 127 -22.78 -19.71 -49.34
C TYR C 127 -23.39 -21.05 -49.73
N GLY C 128 -24.49 -21.00 -50.48
CA GLY C 128 -25.21 -22.20 -50.89
C GLY C 128 -26.41 -22.52 -50.06
N LEU C 129 -26.69 -21.72 -49.03
CA LEU C 129 -27.73 -22.05 -48.07
C LEU C 129 -29.12 -21.86 -48.67
N LEU C 130 -30.01 -22.82 -48.37
CA LEU C 130 -31.35 -22.83 -48.92
C LEU C 130 -32.31 -22.33 -47.85
N ILE C 131 -32.87 -21.13 -48.05
CA ILE C 131 -33.91 -20.58 -47.21
C ILE C 131 -35.19 -20.60 -48.02
N SER C 132 -36.10 -21.49 -47.68
CA SER C 132 -37.39 -21.49 -48.34
C SER C 132 -38.10 -20.18 -48.03
N PRO C 133 -38.65 -19.49 -49.04
CA PRO C 133 -39.38 -18.25 -48.74
C PRO C 133 -40.59 -18.47 -47.86
N THR C 134 -41.02 -19.72 -47.68
CA THR C 134 -42.23 -20.05 -46.93
C THR C 134 -41.98 -21.22 -45.99
N VAL C 135 -42.77 -21.25 -44.91
CA VAL C 135 -42.81 -22.38 -43.99
C VAL C 135 -44.26 -22.82 -43.93
N ASN C 136 -44.57 -23.96 -44.55
CA ASN C 136 -45.94 -24.45 -44.64
C ASN C 136 -46.89 -23.31 -45.04
N GLU C 137 -46.50 -22.61 -46.11
CA GLU C 137 -47.28 -21.55 -46.75
C GLU C 137 -47.23 -20.25 -45.93
N LYS C 138 -46.48 -20.21 -44.83
CA LYS C 138 -46.33 -19.00 -44.02
C LYS C 138 -44.94 -18.42 -44.23
N GLU C 139 -44.83 -17.10 -44.07
CA GLU C 139 -43.53 -16.45 -44.25
C GLU C 139 -42.49 -17.08 -43.35
N ASN C 140 -41.30 -17.33 -43.89
CA ASN C 140 -40.18 -17.88 -43.13
C ASN C 140 -39.58 -16.78 -42.27
N ASN C 141 -40.29 -16.47 -41.18
CA ASN C 141 -39.90 -15.39 -40.28
C ASN C 141 -40.48 -15.69 -38.91
N PHE C 142 -39.75 -15.26 -37.87
CA PHE C 142 -40.21 -15.49 -36.50
C PHE C 142 -41.57 -14.84 -36.24
N LYS C 143 -41.98 -13.87 -37.07
CA LYS C 143 -43.29 -13.26 -36.91
C LYS C 143 -44.39 -14.30 -37.09
N GLU C 144 -44.10 -15.40 -37.77
CA GLU C 144 -45.03 -16.52 -37.90
C GLU C 144 -44.72 -17.65 -36.92
N GLY C 145 -43.72 -17.47 -36.05
CA GLY C 145 -43.44 -18.40 -34.98
C GLY C 145 -42.34 -19.39 -35.27
N VAL C 146 -41.97 -19.58 -36.53
CA VAL C 146 -41.02 -20.62 -36.89
C VAL C 146 -40.13 -20.10 -38.02
N ILE C 147 -38.86 -20.49 -37.98
CA ILE C 147 -37.96 -20.34 -39.12
C ILE C 147 -37.30 -21.68 -39.39
N GLU C 148 -36.93 -21.92 -40.65
CA GLU C 148 -36.27 -23.16 -41.03
C GLU C 148 -35.29 -22.88 -42.17
N PHE C 149 -34.21 -23.65 -42.18
CA PHE C 149 -33.25 -23.59 -43.27
C PHE C 149 -32.47 -24.90 -43.36
N THR C 150 -32.09 -25.27 -44.57
CA THR C 150 -31.36 -26.50 -44.84
C THR C 150 -29.93 -26.15 -45.25
N LEU C 151 -28.95 -26.73 -44.55
CA LEU C 151 -27.57 -26.38 -44.80
C LEU C 151 -27.15 -26.88 -46.18
N PRO C 152 -26.12 -26.26 -46.77
CA PRO C 152 -25.75 -26.60 -48.16
C PRO C 152 -25.13 -27.98 -48.24
N PRO C 153 -24.85 -28.46 -49.45
CA PRO C 153 -24.14 -29.76 -49.56
C PRO C 153 -22.66 -29.69 -49.24
N VAL C 154 -22.06 -28.50 -49.22
CA VAL C 154 -20.65 -28.35 -48.87
C VAL C 154 -20.49 -27.08 -48.04
N VAL C 155 -19.73 -27.17 -46.95
CA VAL C 155 -19.35 -26.02 -46.14
C VAL C 155 -17.83 -26.05 -45.96
N HIS C 156 -17.17 -24.94 -46.29
CA HIS C 156 -15.71 -24.93 -46.36
C HIS C 156 -15.02 -24.62 -45.04
N LYS C 157 -15.60 -23.76 -44.19
CA LYS C 157 -14.97 -23.41 -42.92
C LYS C 157 -15.99 -23.56 -41.79
N ALA C 158 -15.46 -23.77 -40.59
CA ALA C 158 -16.31 -23.86 -39.41
C ALA C 158 -16.98 -22.51 -39.14
N THR C 159 -18.29 -22.54 -38.89
CA THR C 159 -19.08 -21.32 -38.78
C THR C 159 -20.06 -21.47 -37.63
N VAL C 160 -20.14 -20.46 -36.77
CA VAL C 160 -21.05 -20.46 -35.63
C VAL C 160 -21.87 -19.17 -35.67
N PHE C 161 -23.19 -19.31 -35.72
CA PHE C 161 -24.10 -18.17 -35.65
C PHE C 161 -25.21 -18.48 -34.65
N TYR C 162 -25.98 -17.46 -34.31
CA TYR C 162 -26.92 -17.55 -33.19
C TYR C 162 -28.26 -16.93 -33.56
N PHE C 163 -29.32 -17.43 -32.91
CA PHE C 163 -30.63 -16.81 -32.89
C PHE C 163 -31.03 -16.56 -31.45
N ILE C 164 -31.94 -15.58 -31.26
CA ILE C 164 -32.44 -15.22 -29.93
C ILE C 164 -33.95 -15.25 -29.94
N CYS C 165 -34.54 -15.88 -28.92
CA CYS C 165 -35.99 -15.90 -28.67
C CYS C 165 -36.12 -15.55 -27.19
N ASP C 166 -36.19 -14.26 -26.87
CA ASP C 166 -36.01 -13.78 -25.50
C ASP C 166 -37.36 -13.39 -24.90
N ASN C 167 -37.77 -14.12 -23.86
CA ASN C 167 -38.98 -13.82 -23.12
C ASN C 167 -38.69 -13.30 -21.73
N SER C 168 -37.45 -12.88 -21.46
CA SER C 168 -37.06 -12.48 -20.12
C SER C 168 -37.67 -11.15 -19.70
N LYS C 169 -38.07 -10.32 -20.66
CA LYS C 169 -38.72 -9.05 -20.34
C LYS C 169 -40.21 -9.21 -20.07
N THR C 170 -40.75 -10.41 -20.18
CA THR C 170 -42.13 -10.68 -19.79
C THR C 170 -42.16 -11.04 -18.31
N GLU C 171 -42.96 -10.32 -17.54
CA GLU C 171 -42.98 -10.44 -16.09
C GLU C 171 -44.41 -10.54 -15.60
N ASP C 172 -44.58 -11.24 -14.47
CA ASP C 172 -45.88 -11.38 -13.80
C ASP C 172 -45.59 -11.40 -12.30
N ASP C 173 -45.84 -10.28 -11.63
CA ASP C 173 -45.47 -10.15 -10.22
C ASP C 173 -44.01 -10.52 -10.03
N ASN C 174 -43.73 -11.54 -9.23
CA ASN C 174 -42.36 -11.94 -8.94
C ASN C 174 -41.83 -13.00 -9.92
N LYS C 175 -42.48 -13.16 -11.07
CA LYS C 175 -42.08 -14.12 -12.08
C LYS C 175 -41.57 -13.41 -13.32
N LYS C 176 -40.56 -14.00 -13.95
CA LYS C 176 -39.95 -13.44 -15.16
C LYS C 176 -39.65 -14.57 -16.13
N GLY C 177 -39.86 -14.30 -17.42
CA GLY C 177 -39.62 -15.30 -18.43
C GLY C 177 -38.14 -15.55 -18.61
N ASN C 178 -37.83 -16.46 -19.53
CA ASN C 178 -36.46 -16.88 -19.78
C ASN C 178 -35.98 -16.38 -21.13
N ARG C 179 -34.66 -16.23 -21.25
CA ARG C 179 -34.00 -15.85 -22.48
C ARG C 179 -33.54 -17.11 -23.21
N GLY C 180 -34.09 -17.35 -24.39
CA GLY C 180 -33.74 -18.50 -25.20
C GLY C 180 -32.67 -18.16 -26.22
N ILE C 181 -31.69 -19.03 -26.34
CA ILE C 181 -30.59 -18.87 -27.28
C ILE C 181 -30.47 -20.14 -28.12
N VAL C 182 -30.34 -19.96 -29.43
CA VAL C 182 -29.99 -21.04 -30.34
C VAL C 182 -28.54 -20.85 -30.76
N GLU C 183 -27.71 -21.83 -30.45
CA GLU C 183 -26.33 -21.88 -30.91
C GLU C 183 -26.19 -22.95 -31.98
N VAL C 184 -25.85 -22.53 -33.19
CA VAL C 184 -25.65 -23.43 -34.32
C VAL C 184 -24.14 -23.55 -34.56
N TYR C 185 -23.60 -24.73 -34.32
CA TYR C 185 -22.18 -25.03 -34.55
C TYR C 185 -22.10 -25.89 -35.80
N VAL C 186 -21.54 -25.33 -36.87
CA VAL C 186 -21.46 -25.98 -38.17
C VAL C 186 -20.01 -26.40 -38.40
N GLU C 187 -19.77 -27.70 -38.48
CA GLU C 187 -18.44 -28.21 -38.78
C GLU C 187 -18.20 -28.24 -40.29
N PRO C 188 -16.96 -28.08 -40.74
CA PRO C 188 -16.67 -28.25 -42.18
C PRO C 188 -16.92 -29.69 -42.60
N TYR C 189 -17.66 -29.85 -43.70
CA TYR C 189 -17.91 -31.17 -44.28
C TYR C 189 -17.79 -31.07 -45.80
N GLY C 190 -16.66 -31.53 -46.33
CA GLY C 190 -16.44 -31.53 -47.76
C GLY C 190 -15.47 -30.47 -48.22
N ASN C 191 -14.25 -30.85 -48.59
CA ASN C 191 -13.30 -29.89 -49.11
C ASN C 191 -12.96 -30.25 -50.57
N THR D 1 -50.16 9.42 -14.50
CA THR D 1 -50.51 10.87 -14.63
C THR D 1 -49.53 11.75 -13.86
N GLY D 2 -49.68 13.07 -14.03
CA GLY D 2 -49.04 14.05 -13.19
C GLY D 2 -49.87 14.45 -11.99
N GLN D 3 -50.95 13.72 -11.72
CA GLN D 3 -51.81 13.97 -10.58
C GLN D 3 -51.81 12.81 -9.58
N VAL D 4 -50.82 11.92 -9.70
CA VAL D 4 -50.76 10.75 -8.83
C VAL D 4 -50.64 11.21 -7.38
N GLN D 5 -51.38 10.56 -6.50
CA GLN D 5 -51.40 10.92 -5.09
C GLN D 5 -51.70 9.68 -4.25
N LEU D 6 -50.96 9.54 -3.15
CA LEU D 6 -51.17 8.49 -2.17
C LEU D 6 -51.18 9.14 -0.80
N VAL D 7 -52.25 8.90 -0.04
CA VAL D 7 -52.44 9.56 1.26
C VAL D 7 -52.72 8.48 2.29
N GLU D 8 -51.73 8.18 3.12
CA GLU D 8 -51.90 7.19 4.16
C GLU D 8 -52.62 7.80 5.37
N SER D 9 -53.32 6.93 6.10
CA SER D 9 -53.95 7.30 7.36
C SER D 9 -54.07 6.05 8.21
N GLY D 10 -54.47 6.24 9.46
CA GLY D 10 -54.70 5.13 10.36
C GLY D 10 -53.60 4.88 11.36
N GLY D 11 -52.48 5.56 11.24
CA GLY D 11 -51.41 5.38 12.19
C GLY D 11 -51.79 5.85 13.58
N GLY D 12 -50.91 5.66 14.55
CA GLY D 12 -51.20 6.06 15.91
C GLY D 12 -50.34 5.30 16.89
N VAL D 13 -50.68 5.45 18.16
CA VAL D 13 -49.97 4.83 19.26
C VAL D 13 -50.78 3.65 19.78
N VAL D 14 -50.16 2.48 19.80
CA VAL D 14 -50.78 1.27 20.34
C VAL D 14 -49.76 0.54 21.20
N GLN D 15 -50.28 -0.38 22.03
CA GLN D 15 -49.45 -1.22 22.88
C GLN D 15 -49.12 -2.54 22.20
N PRO D 16 -48.08 -3.23 22.68
CA PRO D 16 -47.74 -4.53 22.10
C PRO D 16 -48.92 -5.49 22.16
N GLY D 17 -49.11 -6.26 21.09
CA GLY D 17 -50.26 -7.13 20.97
C GLY D 17 -51.52 -6.48 20.49
N GLY D 18 -51.51 -5.18 20.24
CA GLY D 18 -52.67 -4.48 19.75
C GLY D 18 -52.81 -4.54 18.24
N SER D 19 -53.84 -3.85 17.74
CA SER D 19 -54.16 -3.87 16.32
C SER D 19 -54.28 -2.46 15.76
N LEU D 20 -53.96 -2.34 14.47
CA LEU D 20 -54.15 -1.12 13.71
C LEU D 20 -54.52 -1.50 12.28
N ARG D 21 -55.35 -0.67 11.65
CA ARG D 21 -55.73 -0.84 10.25
C ARG D 21 -55.27 0.40 9.50
N LEU D 22 -54.25 0.26 8.67
CA LEU D 22 -53.79 1.37 7.84
C LEU D 22 -54.58 1.40 6.54
N SER D 23 -54.82 2.62 6.04
CA SER D 23 -55.52 2.84 4.78
C SER D 23 -54.74 3.85 3.95
N CYS D 24 -54.80 3.70 2.63
CA CYS D 24 -54.11 4.59 1.70
C CYS D 24 -55.09 4.96 0.58
N ALA D 25 -55.43 6.24 0.49
CA ALA D 25 -56.30 6.75 -0.56
C ALA D 25 -55.47 7.08 -1.79
N ALA D 26 -55.72 6.36 -2.88
CA ALA D 26 -54.99 6.52 -4.13
C ALA D 26 -55.76 7.39 -5.12
N SER D 27 -55.02 8.21 -5.87
CA SER D 27 -55.58 9.12 -6.85
C SER D 27 -54.59 9.23 -8.01
N GLY D 28 -55.13 9.43 -9.21
CA GLY D 28 -54.32 9.79 -10.36
C GLY D 28 -53.82 8.65 -11.22
N PHE D 29 -54.18 7.40 -10.92
CA PHE D 29 -53.83 6.28 -11.77
C PHE D 29 -54.95 5.26 -11.74
N THR D 30 -54.85 4.30 -12.65
CA THR D 30 -55.77 3.16 -12.70
C THR D 30 -55.37 2.22 -11.57
N PHE D 31 -55.93 2.49 -10.39
CA PHE D 31 -55.62 1.68 -9.20
C PHE D 31 -55.74 0.19 -9.52
N SER D 32 -56.79 -0.18 -10.26
CA SER D 32 -57.06 -1.59 -10.55
C SER D 32 -56.05 -2.22 -11.49
N SER D 33 -55.16 -1.43 -12.08
CA SER D 33 -54.13 -1.94 -12.99
C SER D 33 -52.79 -2.16 -12.31
N PHE D 34 -52.59 -1.62 -11.11
CA PHE D 34 -51.28 -1.57 -10.48
C PHE D 34 -51.27 -2.35 -9.17
N ALA D 35 -50.24 -3.17 -8.99
CA ALA D 35 -49.94 -3.71 -7.67
C ALA D 35 -49.59 -2.57 -6.71
N MET D 36 -49.72 -2.85 -5.42
CA MET D 36 -49.49 -1.86 -4.38
C MET D 36 -48.60 -2.46 -3.28
N HIS D 37 -47.77 -1.60 -2.69
CA HIS D 37 -46.87 -1.99 -1.62
C HIS D 37 -47.24 -1.30 -0.32
N TRP D 38 -46.83 -1.92 0.79
CA TRP D 38 -46.53 -1.22 2.02
C TRP D 38 -45.04 -1.36 2.29
N ALA D 39 -44.40 -0.26 2.69
CA ALA D 39 -43.00 -0.23 3.12
C ALA D 39 -42.93 0.52 4.43
N ARG D 40 -41.77 0.50 5.07
CA ARG D 40 -41.64 1.18 6.35
C ARG D 40 -40.21 1.64 6.57
N GLN D 41 -40.08 2.74 7.31
CA GLN D 41 -38.78 3.28 7.73
C GLN D 41 -38.86 3.48 9.24
N ALA D 42 -38.17 2.60 9.99
CA ALA D 42 -38.12 2.74 11.42
C ALA D 42 -37.31 3.98 11.80
N PRO D 43 -37.58 4.57 12.97
CA PRO D 43 -36.88 5.81 13.34
C PRO D 43 -35.37 5.61 13.33
N GLY D 44 -34.71 6.39 12.48
CA GLY D 44 -33.26 6.35 12.37
C GLY D 44 -32.71 5.26 11.48
N LYS D 45 -33.56 4.46 10.86
CA LYS D 45 -33.14 3.36 10.03
C LYS D 45 -33.54 3.62 8.57
N GLY D 46 -33.22 2.65 7.71
CA GLY D 46 -33.45 2.74 6.29
C GLY D 46 -34.80 2.22 5.88
N LEU D 47 -34.95 2.00 4.57
CA LEU D 47 -36.21 1.56 4.01
C LEU D 47 -36.34 0.04 4.09
N GLU D 48 -37.53 -0.43 4.41
CA GLU D 48 -37.83 -1.86 4.43
C GLU D 48 -39.17 -2.10 3.77
N TRP D 49 -39.22 -3.12 2.90
CA TRP D 49 -40.47 -3.54 2.27
C TRP D 49 -41.27 -4.43 3.21
N VAL D 50 -42.60 -4.22 3.23
CA VAL D 50 -43.49 -4.93 4.13
C VAL D 50 -44.39 -5.90 3.37
N ALA D 51 -45.09 -5.42 2.35
CA ALA D 51 -46.13 -6.23 1.70
C ALA D 51 -46.39 -5.75 0.27
N TYR D 52 -46.92 -6.67 -0.54
CA TYR D 52 -47.20 -6.48 -1.96
C TYR D 52 -48.55 -7.13 -2.25
N ILE D 53 -49.39 -6.48 -3.05
CA ILE D 53 -50.67 -7.06 -3.46
C ILE D 53 -50.84 -6.92 -4.97
N ARG D 54 -51.24 -8.00 -5.62
CA ARG D 54 -51.44 -8.03 -7.06
C ARG D 54 -52.56 -7.06 -7.45
N TYR D 55 -52.54 -6.64 -8.72
CA TYR D 55 -53.51 -5.65 -9.19
C TYR D 55 -54.95 -6.05 -8.86
N ASP D 56 -55.27 -7.33 -9.01
CA ASP D 56 -56.63 -7.79 -8.76
C ASP D 56 -56.83 -8.28 -7.33
N GLY D 57 -55.81 -8.22 -6.49
CA GLY D 57 -55.98 -8.58 -5.09
C GLY D 57 -55.97 -10.06 -4.80
N THR D 58 -55.50 -10.88 -5.73
CA THR D 58 -55.58 -12.32 -5.60
C THR D 58 -54.27 -12.98 -5.19
N LYS D 59 -53.18 -12.22 -5.07
CA LYS D 59 -51.91 -12.73 -4.61
C LYS D 59 -51.29 -11.66 -3.71
N GLU D 60 -50.77 -12.07 -2.57
CA GLU D 60 -50.14 -11.15 -1.63
C GLU D 60 -48.80 -11.73 -1.20
N PHE D 61 -47.81 -10.86 -1.01
CA PHE D 61 -46.50 -11.25 -0.53
C PHE D 61 -46.19 -10.44 0.72
N TYR D 62 -45.35 -11.01 1.59
CA TYR D 62 -45.01 -10.39 2.86
C TYR D 62 -43.55 -10.64 3.20
N THR D 63 -42.94 -9.68 3.90
CA THR D 63 -41.70 -9.93 4.63
C THR D 63 -41.99 -10.85 5.81
N ASP D 64 -40.98 -11.64 6.21
CA ASP D 64 -41.18 -12.68 7.20
C ASP D 64 -41.74 -12.12 8.51
N SER D 65 -41.31 -10.94 8.91
CA SER D 65 -41.78 -10.38 10.18
C SER D 65 -43.26 -10.09 10.15
N ALA D 66 -43.85 -9.94 8.95
CA ALA D 66 -45.25 -9.62 8.79
C ALA D 66 -46.13 -10.85 8.59
N LYS D 67 -45.54 -11.99 8.28
CA LYS D 67 -46.32 -13.19 8.02
C LYS D 67 -47.13 -13.60 9.24
N GLY D 68 -48.44 -13.77 9.04
CA GLY D 68 -49.33 -14.17 10.10
C GLY D 68 -49.79 -13.05 10.99
N ARG D 69 -49.27 -11.83 10.80
CA ARG D 69 -49.64 -10.69 11.62
C ARG D 69 -50.22 -9.54 10.80
N PHE D 70 -49.59 -9.18 9.68
CA PHE D 70 -50.07 -8.11 8.82
C PHE D 70 -50.80 -8.73 7.63
N THR D 71 -51.90 -8.11 7.23
CA THR D 71 -52.64 -8.52 6.04
C THR D 71 -52.84 -7.31 5.14
N ILE D 72 -52.31 -7.39 3.91
CA ILE D 72 -52.51 -6.37 2.90
C ILE D 72 -53.77 -6.70 2.11
N SER D 73 -54.62 -5.70 1.88
CA SER D 73 -55.85 -5.90 1.14
C SER D 73 -56.15 -4.62 0.35
N ARG D 74 -57.11 -4.72 -0.57
CA ARG D 74 -57.44 -3.58 -1.40
C ARG D 74 -58.93 -3.63 -1.74
N ASP D 75 -59.50 -2.44 -1.92
CA ASP D 75 -60.85 -2.26 -2.45
C ASP D 75 -60.66 -1.44 -3.73
N ASN D 76 -60.76 -2.11 -4.88
CA ASN D 76 -60.52 -1.44 -6.15
C ASN D 76 -61.67 -0.52 -6.56
N SER D 77 -62.84 -0.67 -5.96
CA SER D 77 -63.96 0.23 -6.23
C SER D 77 -63.87 1.52 -5.45
N LYS D 78 -62.98 1.59 -4.45
CA LYS D 78 -62.78 2.80 -3.66
C LYS D 78 -61.36 3.34 -3.77
N ASN D 79 -60.56 2.77 -4.67
CA ASN D 79 -59.16 3.16 -4.82
C ASN D 79 -58.45 3.27 -3.48
N THR D 80 -58.59 2.23 -2.65
CA THR D 80 -58.03 2.23 -1.32
C THR D 80 -57.23 0.95 -1.06
N LEU D 81 -56.06 1.12 -0.46
CA LEU D 81 -55.22 0.02 0.01
C LEU D 81 -55.30 -0.04 1.54
N TYR D 82 -55.19 -1.25 2.08
CA TYR D 82 -55.25 -1.45 3.52
C TYR D 82 -54.11 -2.34 3.99
N LEU D 83 -53.71 -2.13 5.25
CA LEU D 83 -52.82 -3.04 5.95
C LEU D 83 -53.42 -3.28 7.34
N GLN D 84 -54.11 -4.39 7.52
CA GLN D 84 -54.51 -4.81 8.86
C GLN D 84 -53.27 -5.32 9.60
N MET D 85 -53.00 -4.74 10.77
CA MET D 85 -51.82 -5.05 11.56
C MET D 85 -52.28 -5.63 12.89
N ASP D 86 -52.06 -6.93 13.08
CA ASP D 86 -52.42 -7.61 14.32
C ASP D 86 -51.16 -8.04 15.06
N SER D 87 -51.34 -8.29 16.36
CA SER D 87 -50.25 -8.78 17.23
C SER D 87 -48.97 -7.96 17.01
N LEU D 88 -49.10 -6.66 17.28
CA LEU D 88 -48.01 -5.72 17.03
C LEU D 88 -46.89 -5.87 18.06
N ARG D 89 -45.70 -5.42 17.65
CA ARG D 89 -44.48 -5.53 18.44
C ARG D 89 -43.76 -4.19 18.45
N ALA D 90 -42.86 -4.03 19.43
CA ALA D 90 -42.14 -2.77 19.57
C ALA D 90 -41.26 -2.48 18.34
N GLU D 91 -40.73 -3.52 17.70
CA GLU D 91 -39.91 -3.35 16.51
C GLU D 91 -40.72 -3.01 15.27
N ASP D 92 -42.03 -2.91 15.39
CA ASP D 92 -42.88 -2.46 14.30
C ASP D 92 -43.04 -0.94 14.29
N THR D 93 -42.53 -0.26 15.32
CA THR D 93 -42.54 1.19 15.32
C THR D 93 -41.82 1.70 14.07
N ALA D 94 -42.53 2.46 13.25
CA ALA D 94 -41.99 2.94 12.00
C ALA D 94 -43.01 3.83 11.31
N LEU D 95 -42.52 4.64 10.38
CA LEU D 95 -43.39 5.32 9.42
C LEU D 95 -43.72 4.33 8.31
N TYR D 96 -45.00 4.13 8.05
CA TYR D 96 -45.43 3.15 7.05
C TYR D 96 -45.86 3.86 5.78
N TYR D 97 -45.19 3.54 4.68
CA TYR D 97 -45.48 4.11 3.37
C TYR D 97 -46.33 3.14 2.55
N CYS D 98 -47.42 3.64 1.96
CA CYS D 98 -48.02 2.97 0.81
C CYS D 98 -47.33 3.42 -0.45
N ALA D 99 -47.11 2.49 -1.37
CA ALA D 99 -46.40 2.80 -2.60
C ALA D 99 -47.06 2.11 -3.79
N LYS D 100 -47.08 2.81 -4.91
CA LYS D 100 -47.55 2.25 -6.17
C LYS D 100 -46.45 1.42 -6.81
N ASP D 101 -46.82 0.25 -7.32
CA ASP D 101 -45.85 -0.60 -7.98
C ASP D 101 -45.48 -0.03 -9.34
N LEU D 102 -44.23 -0.27 -9.75
CA LEU D 102 -43.75 0.21 -11.03
C LEU D 102 -44.26 -0.63 -12.20
N GLY D 103 -44.73 -1.84 -11.94
CA GLY D 103 -44.98 -2.77 -13.01
C GLY D 103 -46.27 -2.44 -13.75
N ILE D 104 -46.19 -2.50 -15.08
CA ILE D 104 -47.36 -2.30 -15.92
C ILE D 104 -47.03 -2.90 -17.28
N ASN D 105 -48.04 -3.48 -17.93
CA ASN D 105 -47.87 -4.10 -19.24
C ASN D 105 -46.77 -5.15 -19.18
N SER D 106 -46.80 -5.96 -18.13
CA SER D 106 -45.96 -7.15 -17.99
C SER D 106 -44.49 -6.83 -17.84
N TYR D 107 -44.16 -5.70 -17.21
CA TYR D 107 -42.76 -5.39 -16.94
C TYR D 107 -42.66 -4.34 -15.84
N GLY D 108 -41.82 -4.62 -14.85
CA GLY D 108 -41.49 -3.65 -13.82
C GLY D 108 -41.93 -4.02 -12.42
N TYR D 109 -42.59 -5.16 -12.23
CA TYR D 109 -43.11 -5.50 -10.91
C TYR D 109 -41.98 -5.64 -9.91
N GLY D 110 -42.13 -5.00 -8.76
CA GLY D 110 -41.14 -4.99 -7.71
C GLY D 110 -40.59 -3.62 -7.38
N GLY D 111 -40.54 -2.73 -8.38
CA GLY D 111 -40.13 -1.36 -8.14
C GLY D 111 -41.26 -0.55 -7.50
N LEU D 112 -40.87 0.33 -6.58
CA LEU D 112 -41.82 1.20 -5.89
C LEU D 112 -41.68 2.58 -6.48
N ASP D 113 -42.44 2.87 -7.52
CA ASP D 113 -42.18 4.07 -8.32
C ASP D 113 -42.87 5.32 -7.78
N PHE D 114 -43.81 5.19 -6.84
CA PHE D 114 -44.35 6.37 -6.18
C PHE D 114 -44.71 6.03 -4.73
N TRP D 115 -44.29 6.90 -3.81
CA TRP D 115 -44.49 6.69 -2.38
C TRP D 115 -45.38 7.79 -1.82
N GLY D 116 -46.27 7.43 -0.91
CA GLY D 116 -46.99 8.41 -0.14
C GLY D 116 -46.11 8.99 0.95
N GLN D 117 -46.65 9.99 1.65
CA GLN D 117 -45.91 10.62 2.73
C GLN D 117 -45.83 9.74 3.99
N GLY D 118 -46.77 8.83 4.17
CA GLY D 118 -46.66 7.86 5.24
C GLY D 118 -47.47 8.22 6.47
N THR D 119 -47.76 7.20 7.27
CA THR D 119 -48.47 7.35 8.54
C THR D 119 -47.64 6.69 9.63
N LEU D 120 -47.43 7.41 10.72
CA LEU D 120 -46.53 6.95 11.77
C LEU D 120 -47.24 5.95 12.68
N VAL D 121 -46.59 4.81 12.90
CA VAL D 121 -47.08 3.79 13.82
C VAL D 121 -46.08 3.67 14.95
N THR D 122 -46.54 3.86 16.19
CA THR D 122 -45.71 3.73 17.37
C THR D 122 -46.27 2.62 18.25
N VAL D 123 -45.48 1.59 18.47
CA VAL D 123 -45.84 0.50 19.37
C VAL D 123 -45.04 0.72 20.65
N SER D 124 -45.72 1.23 21.67
CA SER D 124 -45.08 1.63 22.93
C SER D 124 -44.68 0.40 23.72
N SER D 125 -43.38 0.13 23.78
CA SER D 125 -42.87 -1.01 24.55
C SER D 125 -43.46 -1.11 25.94
N GLU D 146 -32.97 -14.33 1.55
CA GLU D 146 -32.99 -12.91 1.22
C GLU D 146 -31.68 -12.48 0.56
N ILE D 147 -31.78 -11.69 -0.50
CA ILE D 147 -30.62 -11.09 -1.13
C ILE D 147 -30.23 -9.85 -0.35
N VAL D 148 -28.94 -9.74 0.01
CA VAL D 148 -28.44 -8.64 0.81
C VAL D 148 -27.74 -7.66 -0.11
N LEU D 149 -28.03 -6.37 0.08
CA LEU D 149 -27.40 -5.30 -0.68
C LEU D 149 -26.56 -4.45 0.26
N THR D 150 -25.30 -4.25 -0.09
CA THR D 150 -24.35 -3.51 0.72
C THR D 150 -23.97 -2.23 -0.02
N GLN D 151 -24.29 -1.09 0.58
CA GLN D 151 -24.01 0.21 -0.01
C GLN D 151 -22.80 0.83 0.68
N SER D 152 -21.81 1.22 -0.12
CA SER D 152 -20.65 1.96 0.35
C SER D 152 -20.45 3.18 -0.52
N PRO D 153 -19.89 4.27 0.04
CA PRO D 153 -19.60 4.41 1.48
C PRO D 153 -20.89 4.71 2.22
N ALA D 154 -20.89 4.61 3.55
CA ALA D 154 -22.09 4.96 4.29
C ALA D 154 -22.41 6.44 4.16
N THR D 155 -21.37 7.28 4.11
CA THR D 155 -21.53 8.72 3.95
C THR D 155 -20.61 9.19 2.83
N LEU D 156 -21.05 10.23 2.12
CA LEU D 156 -20.31 10.74 0.96
C LEU D 156 -20.38 12.26 1.00
N SER D 157 -19.26 12.88 1.38
CA SER D 157 -19.18 14.33 1.52
C SER D 157 -18.65 14.94 0.22
N LEU D 158 -19.48 15.74 -0.45
CA LEU D 158 -19.13 16.33 -1.72
C LEU D 158 -19.61 17.78 -1.74
N SER D 159 -19.05 18.56 -2.67
CA SER D 159 -19.42 19.96 -2.87
C SER D 159 -20.19 20.14 -4.17
N PRO D 160 -21.02 21.19 -4.27
CA PRO D 160 -21.77 21.40 -5.52
C PRO D 160 -20.85 21.48 -6.72
N GLY D 161 -21.22 20.72 -7.76
CA GLY D 161 -20.44 20.62 -8.98
C GLY D 161 -19.61 19.36 -9.10
N GLU D 162 -19.31 18.70 -8.00
CA GLU D 162 -18.50 17.49 -8.02
C GLU D 162 -19.31 16.28 -8.46
N ARG D 163 -18.60 15.29 -9.02
CA ARG D 163 -19.22 14.03 -9.42
C ARG D 163 -19.18 13.04 -8.25
N GLY D 164 -20.35 12.71 -7.71
CA GLY D 164 -20.46 11.64 -6.72
C GLY D 164 -20.68 10.28 -7.34
N THR D 165 -20.05 9.27 -6.76
CA THR D 165 -20.20 7.88 -7.21
C THR D 165 -20.54 6.99 -6.02
N LEU D 166 -21.73 6.40 -6.05
CA LEU D 166 -22.24 5.53 -5.00
C LEU D 166 -22.27 4.08 -5.50
N SER D 167 -21.98 3.14 -4.60
CA SER D 167 -21.87 1.74 -4.92
C SER D 167 -22.95 0.90 -4.22
N CYS D 168 -23.43 -0.13 -4.91
CA CYS D 168 -24.34 -1.12 -4.36
C CYS D 168 -23.83 -2.49 -4.75
N ARG D 169 -23.62 -3.36 -3.76
CA ARG D 169 -23.17 -4.73 -3.99
C ARG D 169 -24.21 -5.71 -3.47
N ALA D 170 -24.65 -6.63 -4.33
CA ALA D 170 -25.61 -7.65 -3.96
C ALA D 170 -24.88 -8.94 -3.57
N SER D 171 -25.48 -9.69 -2.65
CA SER D 171 -24.86 -10.93 -2.17
C SER D 171 -24.89 -12.03 -3.23
N GLN D 172 -25.74 -11.92 -4.24
CA GLN D 172 -25.76 -12.86 -5.35
C GLN D 172 -26.22 -12.12 -6.59
N ASN D 173 -26.11 -12.79 -7.73
CA ASN D 173 -26.55 -12.24 -9.01
C ASN D 173 -27.98 -11.73 -8.95
N VAL D 174 -28.15 -10.41 -9.08
CA VAL D 174 -29.46 -9.80 -9.20
C VAL D 174 -29.73 -9.35 -10.64
N ASN D 175 -29.01 -9.90 -11.60
CA ASN D 175 -29.19 -9.57 -13.03
C ASN D 175 -28.95 -8.07 -13.17
N ARG D 176 -29.82 -7.33 -13.85
CA ARG D 176 -29.78 -5.87 -13.88
C ARG D 176 -31.01 -5.27 -13.22
N TYR D 177 -31.62 -5.99 -12.28
CA TYR D 177 -32.88 -5.57 -11.68
C TYR D 177 -32.65 -4.74 -10.41
N LEU D 178 -31.78 -3.75 -10.46
CA LEU D 178 -31.49 -2.91 -9.30
C LEU D 178 -32.02 -1.51 -9.55
N ALA D 179 -32.76 -0.99 -8.56
CA ALA D 179 -33.30 0.36 -8.60
C ALA D 179 -32.59 1.25 -7.59
N TRP D 180 -32.64 2.55 -7.83
CA TRP D 180 -32.09 3.55 -6.92
C TRP D 180 -33.18 4.52 -6.48
N TYR D 181 -33.13 4.92 -5.22
CA TYR D 181 -34.07 5.86 -4.66
C TYR D 181 -33.34 7.00 -3.97
N GLN D 182 -33.99 8.15 -3.91
CA GLN D 182 -33.52 9.32 -3.18
C GLN D 182 -34.57 9.71 -2.17
N GLN D 183 -34.20 9.83 -0.92
CA GLN D 183 -35.08 10.37 0.13
C GLN D 183 -34.45 11.69 0.58
N LYS D 184 -35.02 12.80 0.13
CA LYS D 184 -34.56 14.09 0.61
C LYS D 184 -35.07 14.28 2.04
N PRO D 185 -34.39 15.13 2.83
CA PRO D 185 -34.83 15.35 4.22
C PRO D 185 -36.30 15.73 4.34
N GLY D 186 -37.05 14.97 5.13
CA GLY D 186 -38.43 15.30 5.41
C GLY D 186 -39.43 14.83 4.39
N GLN D 187 -39.00 14.02 3.42
CA GLN D 187 -39.81 13.69 2.27
C GLN D 187 -39.80 12.19 2.06
N ALA D 188 -40.80 11.71 1.34
CA ALA D 188 -40.87 10.30 1.00
C ALA D 188 -39.82 9.97 -0.05
N PRO D 189 -39.38 8.72 -0.13
CA PRO D 189 -38.43 8.35 -1.18
C PRO D 189 -39.00 8.63 -2.57
N ARG D 190 -38.10 8.79 -3.53
CA ARG D 190 -38.43 9.08 -4.91
C ARG D 190 -37.63 8.13 -5.78
N LEU D 191 -38.29 7.48 -6.74
CA LEU D 191 -37.60 6.60 -7.67
C LEU D 191 -36.75 7.39 -8.63
N LEU D 192 -35.46 7.08 -8.68
CA LEU D 192 -34.53 7.69 -9.63
C LEU D 192 -34.24 6.77 -10.82
N ILE D 193 -33.78 5.55 -10.55
CA ILE D 193 -33.36 4.60 -11.57
C ILE D 193 -34.07 3.28 -11.35
N TYR D 194 -34.45 2.62 -12.45
CA TYR D 194 -34.95 1.26 -12.41
C TYR D 194 -34.17 0.43 -13.40
N ASP D 195 -34.14 -0.86 -13.12
CA ASP D 195 -33.29 -1.84 -13.82
C ASP D 195 -31.92 -1.24 -14.18
N ALA D 196 -31.26 -0.70 -13.16
CA ALA D 196 -29.83 -0.43 -13.21
C ALA D 196 -29.49 0.88 -13.92
N SER D 197 -30.10 1.10 -15.09
CA SER D 197 -29.67 2.15 -16.01
C SER D 197 -30.78 3.11 -16.42
N ASN D 198 -32.04 2.79 -16.19
CA ASN D 198 -33.16 3.52 -16.78
C ASN D 198 -33.62 4.62 -15.83
N ARG D 199 -33.39 5.87 -16.23
CA ARG D 199 -33.87 7.01 -15.48
C ARG D 199 -35.39 7.05 -15.47
N ALA D 200 -35.97 7.28 -14.29
CA ALA D 200 -37.42 7.41 -14.20
C ALA D 200 -37.85 8.74 -14.81
N THR D 201 -39.11 8.80 -15.22
CA THR D 201 -39.61 9.97 -15.92
C THR D 201 -39.54 11.20 -15.04
N GLY D 202 -39.01 12.30 -15.60
CA GLY D 202 -38.89 13.54 -14.87
C GLY D 202 -37.62 13.68 -14.05
N ILE D 203 -36.79 12.65 -13.99
CA ILE D 203 -35.57 12.64 -13.19
C ILE D 203 -34.47 13.34 -13.97
N PRO D 204 -33.70 14.24 -13.33
CA PRO D 204 -32.66 14.97 -14.08
C PRO D 204 -31.62 14.02 -14.63
N ALA D 205 -30.98 14.44 -15.73
CA ALA D 205 -30.06 13.57 -16.44
C ALA D 205 -28.69 13.49 -15.78
N ARG D 206 -28.41 14.34 -14.78
CA ARG D 206 -27.16 14.22 -14.04
C ARG D 206 -27.12 12.93 -13.21
N PHE D 207 -28.28 12.33 -12.93
CA PHE D 207 -28.32 11.03 -12.28
C PHE D 207 -28.14 9.93 -13.33
N SER D 208 -27.14 9.08 -13.14
CA SER D 208 -26.90 7.96 -14.03
C SER D 208 -26.62 6.70 -13.23
N GLY D 209 -27.05 5.57 -13.77
CA GLY D 209 -26.84 4.28 -13.14
C GLY D 209 -26.15 3.33 -14.09
N SER D 210 -25.31 2.46 -13.53
CA SER D 210 -24.60 1.45 -14.30
C SER D 210 -24.46 0.20 -13.45
N GLY D 211 -24.12 -0.90 -14.10
CA GLY D 211 -23.77 -2.12 -13.41
C GLY D 211 -24.65 -3.29 -13.82
N SER D 212 -24.21 -4.47 -13.41
CA SER D 212 -24.94 -5.71 -13.65
C SER D 212 -24.37 -6.76 -12.72
N GLY D 213 -25.17 -7.81 -12.50
CA GLY D 213 -24.75 -8.90 -11.65
C GLY D 213 -24.75 -8.53 -10.18
N THR D 214 -23.57 -8.28 -9.62
CA THR D 214 -23.43 -7.96 -8.22
C THR D 214 -22.98 -6.53 -7.95
N ASP D 215 -22.31 -5.89 -8.91
CA ASP D 215 -21.74 -4.57 -8.70
C ASP D 215 -22.56 -3.54 -9.46
N PHE D 216 -23.03 -2.51 -8.76
CA PHE D 216 -23.85 -1.47 -9.37
C PHE D 216 -23.38 -0.12 -8.86
N THR D 217 -23.63 0.92 -9.65
CA THR D 217 -23.14 2.26 -9.34
C THR D 217 -24.20 3.29 -9.70
N LEU D 218 -24.37 4.27 -8.81
CA LEU D 218 -25.12 5.49 -9.09
C LEU D 218 -24.13 6.65 -9.12
N THR D 219 -24.10 7.37 -10.24
CA THR D 219 -23.23 8.54 -10.41
C THR D 219 -24.09 9.80 -10.47
N ILE D 220 -23.70 10.81 -9.70
CA ILE D 220 -24.35 12.12 -9.72
C ILE D 220 -23.36 13.10 -10.32
N SER D 221 -23.51 13.37 -11.62
CA SER D 221 -22.43 13.97 -12.39
C SER D 221 -22.10 15.38 -11.92
N SER D 222 -23.10 16.17 -11.54
CA SER D 222 -22.87 17.52 -11.04
C SER D 222 -23.82 17.81 -9.88
N LEU D 223 -23.33 17.62 -8.66
CA LEU D 223 -24.17 17.78 -7.48
C LEU D 223 -24.74 19.19 -7.38
N GLU D 224 -26.04 19.27 -7.21
CA GLU D 224 -26.73 20.49 -6.83
C GLU D 224 -27.05 20.46 -5.35
N PRO D 225 -27.24 21.62 -4.72
CA PRO D 225 -27.69 21.61 -3.31
C PRO D 225 -28.90 20.72 -3.07
N GLU D 226 -29.75 20.55 -4.08
CA GLU D 226 -30.93 19.72 -3.91
C GLU D 226 -30.61 18.23 -3.88
N ASP D 227 -29.43 17.82 -4.35
CA ASP D 227 -29.09 16.40 -4.48
C ASP D 227 -28.63 15.77 -3.17
N PHE D 228 -28.42 16.56 -2.12
CA PHE D 228 -27.92 16.05 -0.85
C PHE D 228 -29.04 15.39 -0.07
N ALA D 229 -28.94 14.07 0.08
CA ALA D 229 -30.03 13.20 0.49
C ALA D 229 -29.44 11.82 0.74
N VAL D 230 -30.27 10.94 1.29
CA VAL D 230 -29.88 9.54 1.42
C VAL D 230 -30.35 8.80 0.17
N TYR D 231 -29.54 7.86 -0.30
CA TYR D 231 -29.82 7.08 -1.50
C TYR D 231 -29.84 5.61 -1.13
N TYR D 232 -30.85 4.89 -1.64
CA TYR D 232 -31.07 3.49 -1.29
C TYR D 232 -31.17 2.69 -2.58
N CYS D 233 -30.45 1.57 -2.65
CA CYS D 233 -30.65 0.63 -3.74
C CYS D 233 -31.65 -0.46 -3.33
N GLN D 234 -32.24 -1.10 -4.33
CA GLN D 234 -33.30 -2.08 -4.12
C GLN D 234 -33.28 -3.06 -5.28
N GLN D 235 -33.49 -4.34 -5.00
CA GLN D 235 -33.48 -5.39 -6.01
C GLN D 235 -34.87 -6.01 -6.12
N ARG D 236 -35.29 -6.28 -7.36
CA ARG D 236 -36.53 -6.98 -7.64
C ARG D 236 -36.27 -8.21 -8.48
N ALA D 237 -35.06 -8.78 -8.37
CA ALA D 237 -34.69 -9.97 -9.12
C ALA D 237 -35.31 -11.22 -8.51
N ILE D 238 -35.24 -11.36 -7.20
CA ILE D 238 -35.73 -12.54 -6.48
C ILE D 238 -36.47 -12.04 -5.26
N TRP D 239 -37.78 -12.27 -5.22
CA TRP D 239 -38.61 -11.80 -4.12
C TRP D 239 -39.91 -12.60 -4.12
N PRO D 240 -40.66 -12.58 -3.01
CA PRO D 240 -40.34 -11.85 -1.78
C PRO D 240 -39.20 -12.50 -0.98
N PRO D 241 -38.47 -11.71 -0.17
CA PRO D 241 -38.68 -10.26 0.00
C PRO D 241 -37.97 -9.36 -1.02
N LEU D 242 -38.58 -8.23 -1.31
CA LEU D 242 -37.87 -7.13 -1.95
C LEU D 242 -36.92 -6.52 -0.92
N THR D 243 -35.65 -6.37 -1.29
CA THR D 243 -34.62 -5.98 -0.34
C THR D 243 -34.02 -4.63 -0.69
N PHE D 244 -33.69 -3.87 0.35
CA PHE D 244 -33.03 -2.57 0.20
C PHE D 244 -31.60 -2.65 0.72
N GLY D 245 -30.75 -1.79 0.18
CA GLY D 245 -29.46 -1.53 0.77
C GLY D 245 -29.61 -0.72 2.05
N GLY D 246 -28.48 -0.49 2.71
CA GLY D 246 -28.49 0.28 3.94
C GLY D 246 -28.63 1.76 3.77
N GLY D 247 -28.33 2.27 2.58
CA GLY D 247 -28.40 3.69 2.33
C GLY D 247 -27.03 4.36 2.33
N THR D 248 -26.86 5.35 1.46
CA THR D 248 -25.66 6.18 1.42
C THR D 248 -26.10 7.64 1.61
N LYS D 249 -25.56 8.29 2.64
CA LYS D 249 -25.86 9.69 2.88
C LYS D 249 -24.88 10.56 2.11
N VAL D 250 -25.40 11.54 1.39
CA VAL D 250 -24.61 12.52 0.64
C VAL D 250 -24.75 13.84 1.39
N GLU D 251 -23.69 14.25 2.08
CA GLU D 251 -23.71 15.45 2.91
C GLU D 251 -23.06 16.62 2.17
N ILE D 252 -23.36 17.83 2.63
CA ILE D 252 -22.73 19.02 2.09
C ILE D 252 -21.39 19.18 2.79
N LYS D 253 -20.31 19.24 2.02
CA LYS D 253 -19.02 19.64 2.57
C LYS D 253 -18.32 20.63 1.66
N LEU E 16 -2.57 20.70 -30.93
CA LEU E 16 -3.83 20.38 -31.57
C LEU E 16 -3.65 19.17 -32.47
N ASP E 17 -3.70 17.99 -31.85
CA ASP E 17 -3.63 16.71 -32.54
C ASP E 17 -2.31 16.51 -33.30
N LYS E 18 -1.38 17.46 -33.21
CA LYS E 18 -0.03 17.26 -33.72
C LYS E 18 0.88 16.96 -32.52
N ILE E 19 2.06 16.42 -32.80
CA ILE E 19 3.01 16.07 -31.76
C ILE E 19 4.30 16.86 -31.96
N ASP E 20 4.85 17.37 -30.86
CA ASP E 20 6.14 18.04 -30.89
C ASP E 20 7.24 16.97 -30.79
N LEU E 21 7.75 16.55 -31.95
CA LEU E 21 8.82 15.55 -32.02
C LEU E 21 10.15 16.11 -31.53
N SER E 22 10.18 17.39 -31.16
CA SER E 22 11.40 17.92 -30.57
C SER E 22 11.50 17.60 -29.09
N TYR E 23 10.39 17.33 -28.44
CA TYR E 23 10.40 17.16 -26.99
C TYR E 23 10.90 15.76 -26.65
N GLU E 24 11.92 15.71 -25.82
CA GLU E 24 12.40 14.47 -25.23
C GLU E 24 12.45 14.67 -23.72
N THR E 25 12.18 13.60 -22.99
CA THR E 25 12.41 13.58 -21.56
C THR E 25 12.75 12.14 -21.17
N THR E 26 12.89 11.91 -19.86
CA THR E 26 13.10 10.58 -19.33
C THR E 26 12.17 10.41 -18.14
N GLU E 27 12.05 9.18 -17.65
CA GLU E 27 11.24 8.93 -16.48
C GLU E 27 11.74 9.74 -15.29
N SER E 28 13.07 9.78 -15.10
CA SER E 28 13.63 10.49 -13.95
C SER E 28 13.66 12.00 -14.16
N GLY E 29 13.75 12.47 -15.40
CA GLY E 29 13.88 13.90 -15.62
C GLY E 29 15.20 14.40 -15.09
N ASP E 30 15.16 15.48 -14.33
CA ASP E 30 16.35 16.09 -13.75
C ASP E 30 16.70 15.54 -12.38
N THR E 31 15.90 14.61 -11.85
CA THR E 31 16.08 14.16 -10.47
C THR E 31 17.31 13.26 -10.32
N ALA E 32 17.70 12.55 -11.37
CA ALA E 32 18.79 11.58 -11.29
C ALA E 32 18.48 10.45 -10.32
N VAL E 33 17.21 10.24 -10.00
CA VAL E 33 16.80 9.12 -9.15
C VAL E 33 16.82 7.85 -9.99
N SER E 34 17.45 6.81 -9.47
CA SER E 34 17.52 5.54 -10.17
C SER E 34 16.18 4.81 -10.11
N GLU E 35 15.91 4.00 -11.14
CA GLU E 35 14.62 3.34 -11.20
C GLU E 35 14.39 2.43 -10.00
N ASP E 36 15.44 1.77 -9.51
CA ASP E 36 15.29 0.91 -8.35
C ASP E 36 14.90 1.69 -7.09
N SER E 37 14.90 3.02 -7.15
CA SER E 37 14.47 3.86 -6.03
C SER E 37 13.11 4.48 -6.25
N TYR E 38 12.44 4.21 -7.37
CA TYR E 38 11.10 4.75 -7.57
C TYR E 38 10.14 4.16 -6.53
N ASP E 39 9.20 4.99 -6.07
CA ASP E 39 8.07 4.49 -5.29
C ASP E 39 7.03 4.00 -6.30
N LYS E 40 7.11 2.72 -6.64
CA LYS E 40 6.21 2.13 -7.63
C LYS E 40 4.96 1.62 -6.92
N TYR E 41 3.79 1.97 -7.45
CA TYR E 41 2.54 1.46 -6.91
C TYR E 41 1.54 1.33 -8.05
N ALA E 42 0.57 0.45 -7.84
CA ALA E 42 -0.51 0.25 -8.80
C ALA E 42 -1.57 1.33 -8.61
N SER E 43 -2.35 1.54 -9.66
CA SER E 43 -3.42 2.51 -9.59
C SER E 43 -4.55 1.98 -8.70
N GLN E 44 -5.29 2.91 -8.11
CA GLN E 44 -6.46 2.60 -7.28
C GLN E 44 -7.62 2.25 -8.19
N ASN E 45 -7.82 0.95 -8.42
CA ASN E 45 -8.75 0.44 -9.41
C ASN E 45 -10.09 0.10 -8.77
N THR E 46 -11.15 0.76 -9.25
CA THR E 46 -12.52 0.48 -8.84
C THR E 46 -13.23 -0.46 -9.80
N ASN E 47 -12.51 -1.49 -10.29
CA ASN E 47 -13.09 -2.53 -11.13
C ASN E 47 -13.22 -2.10 -12.60
N LYS E 48 -13.77 -0.91 -12.84
CA LYS E 48 -13.86 -0.37 -14.18
C LYS E 48 -13.13 0.95 -14.37
N GLU E 49 -12.67 1.60 -13.31
CA GLU E 49 -11.95 2.86 -13.41
C GLU E 49 -10.62 2.73 -12.68
N TYR E 50 -9.52 2.83 -13.43
CA TYR E 50 -8.18 2.79 -12.86
C TYR E 50 -7.69 4.22 -12.69
N VAL E 51 -7.44 4.62 -11.45
CA VAL E 51 -7.19 6.01 -11.10
C VAL E 51 -5.76 6.13 -10.56
N CYS E 52 -5.02 7.12 -11.07
CA CYS E 52 -3.74 7.54 -10.51
C CYS E 52 -3.94 8.92 -9.93
N ASP E 53 -3.99 9.02 -8.60
CA ASP E 53 -4.29 10.27 -7.90
C ASP E 53 -3.02 10.80 -7.24
N PHE E 54 -2.51 11.91 -7.76
CA PHE E 54 -1.31 12.56 -7.25
C PHE E 54 -1.64 13.70 -6.28
N THR E 55 -2.88 13.76 -5.79
CA THR E 55 -3.33 14.91 -5.01
C THR E 55 -2.59 15.06 -3.68
N ASP E 56 -2.10 13.97 -3.10
CA ASP E 56 -1.29 14.04 -1.89
C ASP E 56 -0.01 13.21 -2.04
N GLN E 57 0.45 13.02 -3.28
CA GLN E 57 1.64 12.22 -3.53
C GLN E 57 2.87 13.05 -3.89
N LEU E 58 2.70 14.34 -4.12
CA LEU E 58 3.78 15.15 -4.69
C LEU E 58 4.15 16.39 -3.90
N LYS E 59 3.54 16.63 -2.74
CA LYS E 59 3.83 17.85 -2.00
C LYS E 59 5.29 17.89 -1.56
N PRO E 60 5.88 19.09 -1.45
CA PRO E 60 7.29 19.17 -1.04
C PRO E 60 7.52 18.63 0.37
N THR E 61 8.60 17.86 0.50
CA THR E 61 9.06 17.36 1.79
C THR E 61 10.59 17.48 1.87
N GLU E 62 11.10 17.42 3.11
CA GLU E 62 12.55 17.48 3.30
C GLU E 62 13.29 16.31 2.64
N SER E 63 12.61 15.22 2.35
CA SER E 63 13.23 14.05 1.75
C SER E 63 13.15 14.04 0.22
N GLY E 64 12.46 15.00 -0.38
CA GLY E 64 12.30 15.04 -1.81
C GLY E 64 13.56 15.52 -2.49
N PRO E 65 13.67 15.31 -3.82
CA PRO E 65 12.65 14.73 -4.70
C PRO E 65 12.60 13.21 -4.74
N LYS E 66 11.39 12.67 -4.66
CA LYS E 66 11.12 11.26 -4.86
C LYS E 66 10.41 11.08 -6.19
N VAL E 67 10.51 9.89 -6.75
CA VAL E 67 9.82 9.56 -7.99
C VAL E 67 8.62 8.69 -7.67
N LYS E 68 7.42 9.25 -7.82
CA LYS E 68 6.16 8.54 -7.58
C LYS E 68 5.66 7.99 -8.92
N LYS E 69 5.68 6.67 -9.07
CA LYS E 69 5.38 6.01 -10.34
C LYS E 69 4.10 5.18 -10.18
N CYS E 70 2.99 5.66 -10.73
CA CYS E 70 1.73 4.93 -10.67
C CYS E 70 1.59 4.07 -11.92
N GLU E 71 1.47 2.75 -11.73
CA GLU E 71 1.45 1.81 -12.83
C GLU E 71 0.03 1.32 -13.09
N VAL E 72 -0.47 1.60 -14.30
CA VAL E 72 -1.81 1.21 -14.71
C VAL E 72 -1.66 0.03 -15.66
N LYS E 73 -1.99 -1.17 -15.19
CA LYS E 73 -1.88 -2.39 -15.99
C LYS E 73 -3.29 -2.84 -16.38
N VAL E 74 -3.57 -2.84 -17.68
CA VAL E 74 -4.90 -3.12 -18.20
C VAL E 74 -4.86 -4.40 -19.01
N ASN E 75 -5.73 -5.35 -18.65
CA ASN E 75 -5.92 -6.57 -19.42
C ASN E 75 -7.40 -6.90 -19.60
N GLU E 76 -8.28 -5.90 -19.53
CA GLU E 76 -9.71 -6.08 -19.66
C GLU E 76 -10.24 -4.94 -20.56
N PRO E 77 -11.37 -5.18 -21.22
CA PRO E 77 -11.86 -4.15 -22.17
C PRO E 77 -12.70 -3.06 -21.50
N LEU E 78 -12.62 -1.87 -22.10
CA LEU E 78 -13.41 -0.72 -21.67
C LEU E 78 -13.05 -0.31 -20.24
N ILE E 79 -11.75 -0.14 -20.00
CA ILE E 79 -11.25 0.36 -18.73
C ILE E 79 -11.09 1.87 -18.81
N LYS E 80 -11.67 2.58 -17.85
CA LYS E 80 -11.55 4.02 -17.76
C LYS E 80 -10.28 4.36 -16.98
N VAL E 81 -9.36 5.07 -17.62
CA VAL E 81 -8.15 5.55 -16.96
C VAL E 81 -8.38 7.02 -16.61
N LYS E 82 -8.25 7.36 -15.32
CA LYS E 82 -8.40 8.72 -14.84
C LYS E 82 -7.11 9.09 -14.13
N ILE E 83 -6.55 10.25 -14.46
CA ILE E 83 -5.30 10.71 -13.88
C ILE E 83 -5.53 12.12 -13.35
N ILE E 84 -5.30 12.30 -12.04
CA ILE E 84 -5.51 13.57 -11.37
C ILE E 84 -4.15 14.16 -11.03
N CYS E 85 -3.87 15.35 -11.56
CA CYS E 85 -2.62 16.05 -11.33
C CYS E 85 -2.91 17.42 -10.72
N PRO E 86 -2.44 17.70 -9.51
CA PRO E 86 -2.78 18.97 -8.87
C PRO E 86 -2.33 20.18 -9.69
N LEU E 87 -3.11 21.25 -9.57
CA LEU E 87 -2.92 22.47 -10.35
C LEU E 87 -2.12 23.49 -9.56
N LYS E 88 -1.35 24.30 -10.29
CA LYS E 88 -0.69 25.46 -9.70
C LYS E 88 -1.71 26.31 -8.95
N GLY E 89 -1.49 26.53 -7.66
CA GLY E 89 -2.37 27.34 -6.86
C GLY E 89 -3.47 26.59 -6.16
N SER E 90 -3.71 25.33 -6.51
CA SER E 90 -4.74 24.57 -5.80
C SER E 90 -4.48 24.58 -4.29
N VAL E 91 -3.21 24.50 -3.90
CA VAL E 91 -2.76 24.78 -2.55
C VAL E 91 -1.68 25.84 -2.63
N GLU E 92 -1.65 26.73 -1.62
CA GLU E 92 -0.68 27.80 -1.59
C GLU E 92 0.74 27.24 -1.69
N LYS E 93 1.46 27.65 -2.73
CA LYS E 93 2.91 27.45 -2.86
C LYS E 93 3.31 26.02 -3.20
N LEU E 94 2.51 25.04 -2.77
CA LEU E 94 2.95 23.66 -2.82
C LEU E 94 3.10 23.11 -4.23
N TYR E 95 2.40 23.68 -5.22
CA TYR E 95 2.51 23.23 -6.60
C TYR E 95 2.84 24.39 -7.53
N ASP E 96 3.57 25.38 -7.03
CA ASP E 96 3.75 26.62 -7.78
C ASP E 96 4.52 26.39 -9.07
N ASN E 97 5.41 25.39 -9.09
CA ASN E 97 6.21 25.08 -10.27
C ASN E 97 5.90 23.70 -10.83
N ILE E 98 4.70 23.18 -10.54
CA ILE E 98 4.33 21.86 -11.03
C ILE E 98 4.22 21.90 -12.56
N GLU E 99 4.60 20.80 -13.19
CA GLU E 99 4.51 20.66 -14.64
C GLU E 99 3.86 19.33 -14.95
N TYR E 100 3.06 19.29 -16.01
CA TYR E 100 2.47 18.04 -16.50
C TYR E 100 2.82 17.88 -17.97
N VAL E 101 3.09 16.65 -18.37
CA VAL E 101 3.55 16.34 -19.73
C VAL E 101 2.87 15.06 -20.21
N PRO E 102 2.45 14.97 -21.48
CA PRO E 102 2.38 16.06 -22.47
C PRO E 102 1.29 17.03 -22.03
N LYS E 103 1.40 18.31 -22.38
CA LYS E 103 0.36 19.25 -21.97
C LYS E 103 -0.98 18.99 -22.66
N LYS E 104 -0.97 18.33 -23.82
CA LYS E 104 -2.20 17.99 -24.53
C LYS E 104 -2.64 16.57 -24.26
N SER E 105 -2.34 16.07 -23.06
CA SER E 105 -2.89 14.81 -22.61
C SER E 105 -4.40 14.94 -22.50
N PRO E 106 -5.16 13.84 -22.65
CA PRO E 106 -4.71 12.47 -22.93
C PRO E 106 -4.60 12.18 -24.43
N TYR E 107 -4.83 13.21 -25.26
CA TYR E 107 -4.71 13.02 -26.69
C TYR E 107 -3.28 12.68 -27.08
N VAL E 108 -2.31 13.38 -26.50
CA VAL E 108 -0.89 13.09 -26.71
C VAL E 108 -0.36 12.34 -25.49
N VAL E 109 0.54 11.38 -25.73
CA VAL E 109 1.16 10.59 -24.68
C VAL E 109 2.66 10.50 -24.94
N LEU E 110 3.38 9.93 -23.98
CA LEU E 110 4.81 9.69 -24.07
C LEU E 110 5.09 8.21 -24.28
N THR E 111 6.04 7.90 -25.15
CA THR E 111 6.48 6.53 -25.36
C THR E 111 8.01 6.47 -25.34
N LYS E 112 8.52 5.25 -25.13
CA LYS E 112 9.96 5.04 -24.98
C LYS E 112 10.63 4.89 -26.34
N GLU E 113 11.65 5.71 -26.58
CA GLU E 113 12.60 5.51 -27.67
C GLU E 113 13.96 5.28 -27.00
N GLU E 114 14.29 4.02 -26.75
CA GLU E 114 15.47 3.61 -25.98
C GLU E 114 15.25 4.08 -24.54
N THR E 115 16.08 4.97 -24.00
CA THR E 115 15.94 5.50 -22.66
C THR E 115 15.04 6.72 -22.62
N LYS E 116 14.79 7.35 -23.76
CA LYS E 116 14.14 8.65 -23.83
C LYS E 116 12.63 8.49 -23.99
N LEU E 117 11.88 9.55 -23.66
CA LEU E 117 10.43 9.56 -23.78
C LEU E 117 10.00 10.56 -24.85
N LYS E 118 9.17 10.09 -25.79
CA LYS E 118 8.79 10.86 -26.98
C LYS E 118 7.28 10.98 -27.07
N GLU E 119 6.81 12.12 -27.59
CA GLU E 119 5.38 12.38 -27.71
C GLU E 119 4.78 11.63 -28.89
N LYS E 120 3.66 10.96 -28.64
CA LYS E 120 2.98 10.18 -29.66
C LYS E 120 1.48 10.43 -29.52
N LEU E 121 0.78 10.41 -30.64
CA LEU E 121 -0.67 10.52 -30.61
C LEU E 121 -1.27 9.22 -30.10
N LEU E 122 -2.11 9.30 -29.08
CA LEU E 122 -2.72 8.09 -28.52
C LEU E 122 -3.71 7.46 -29.48
N SER E 123 -4.38 8.27 -30.31
CA SER E 123 -5.24 7.73 -31.36
C SER E 123 -4.46 6.85 -32.33
N LYS E 124 -3.24 7.26 -32.68
CA LYS E 124 -2.45 6.51 -33.63
C LYS E 124 -1.77 5.30 -33.01
N LEU E 125 -1.71 5.24 -31.68
CA LEU E 125 -1.05 4.14 -30.98
C LEU E 125 -2.03 3.03 -30.63
N ILE E 126 -3.26 3.37 -30.24
CA ILE E 126 -4.30 2.40 -29.91
C ILE E 126 -5.55 2.74 -30.70
N TYR E 127 -5.96 1.82 -31.59
CA TYR E 127 -7.15 2.03 -32.39
C TYR E 127 -8.42 1.74 -31.58
N GLY E 128 -9.41 2.61 -31.76
CA GLY E 128 -10.71 2.47 -31.13
C GLY E 128 -10.90 3.25 -29.84
N LEU E 129 -9.87 3.93 -29.34
CA LEU E 129 -9.96 4.51 -28.01
C LEU E 129 -10.87 5.73 -28.02
N LEU E 130 -11.71 5.82 -26.99
CA LEU E 130 -12.72 6.87 -26.87
C LEU E 130 -12.22 7.92 -25.87
N ILE E 131 -11.93 9.11 -26.39
CA ILE E 131 -11.55 10.25 -25.55
C ILE E 131 -12.71 11.23 -25.58
N SER E 132 -13.43 11.33 -24.48
CA SER E 132 -14.49 12.33 -24.36
C SER E 132 -13.86 13.73 -24.40
N PRO E 133 -14.40 14.65 -25.19
CA PRO E 133 -13.82 16.00 -25.20
C PRO E 133 -13.88 16.69 -23.86
N THR E 134 -14.72 16.22 -22.95
CA THR E 134 -14.92 16.86 -21.66
C THR E 134 -14.96 15.81 -20.56
N VAL E 135 -14.61 16.23 -19.36
CA VAL E 135 -14.72 15.41 -18.16
C VAL E 135 -15.55 16.19 -17.15
N ASN E 136 -16.76 15.71 -16.88
CA ASN E 136 -17.71 16.39 -15.99
C ASN E 136 -17.83 17.86 -16.38
N GLU E 137 -18.07 18.11 -17.66
CA GLU E 137 -18.31 19.43 -18.24
C GLU E 137 -17.04 20.26 -18.33
N LYS E 138 -15.88 19.72 -17.94
CA LYS E 138 -14.62 20.44 -18.00
C LYS E 138 -13.75 19.86 -19.11
N GLU E 139 -12.87 20.71 -19.65
CA GLU E 139 -11.99 20.26 -20.72
C GLU E 139 -11.17 19.05 -20.30
N ASN E 140 -11.08 18.06 -21.20
CA ASN E 140 -10.29 16.86 -20.98
C ASN E 140 -8.82 17.24 -21.19
N ASN E 141 -8.26 17.93 -20.20
CA ASN E 141 -6.91 18.46 -20.27
C ASN E 141 -6.39 18.61 -18.84
N PHE E 142 -5.09 18.41 -18.66
CA PHE E 142 -4.52 18.56 -17.32
C PHE E 142 -4.69 19.97 -16.77
N LYS E 143 -4.97 20.97 -17.63
CA LYS E 143 -5.19 22.33 -17.14
C LYS E 143 -6.41 22.41 -16.23
N GLU E 144 -7.33 21.46 -16.34
CA GLU E 144 -8.48 21.37 -15.45
C GLU E 144 -8.27 20.38 -14.31
N GLY E 145 -7.08 19.78 -14.23
CA GLY E 145 -6.71 18.93 -13.12
C GLY E 145 -6.89 17.45 -13.37
N VAL E 146 -7.66 17.07 -14.38
CA VAL E 146 -8.01 15.67 -14.60
C VAL E 146 -8.08 15.39 -16.10
N ILE E 147 -7.64 14.19 -16.48
CA ILE E 147 -7.88 13.65 -17.82
C ILE E 147 -8.51 12.27 -17.66
N GLU E 148 -9.27 11.88 -18.68
CA GLU E 148 -9.90 10.56 -18.68
C GLU E 148 -9.94 10.00 -20.09
N PHE E 149 -9.87 8.67 -20.19
CA PHE E 149 -10.07 7.98 -21.44
C PHE E 149 -10.41 6.53 -21.14
N THR E 150 -11.26 5.96 -21.99
CA THR E 150 -11.74 4.59 -21.84
C THR E 150 -11.12 3.75 -22.95
N LEU E 151 -10.44 2.67 -22.56
CA LEU E 151 -9.74 1.85 -23.52
C LEU E 151 -10.72 1.08 -24.41
N PRO E 152 -10.28 0.68 -25.60
CA PRO E 152 -11.21 0.10 -26.58
C PRO E 152 -11.65 -1.29 -26.17
N PRO E 153 -12.57 -1.89 -26.92
CA PRO E 153 -12.99 -3.27 -26.63
C PRO E 153 -11.97 -4.33 -27.05
N VAL E 154 -11.04 -3.99 -27.94
CA VAL E 154 -9.99 -4.93 -28.35
C VAL E 154 -8.68 -4.15 -28.48
N VAL E 155 -7.61 -4.73 -27.95
CA VAL E 155 -6.26 -4.21 -28.14
C VAL E 155 -5.42 -5.38 -28.66
N HIS E 156 -4.80 -5.20 -29.81
CA HIS E 156 -4.14 -6.31 -30.50
C HIS E 156 -2.68 -6.47 -30.09
N LYS E 157 -2.00 -5.39 -29.71
CA LYS E 157 -0.60 -5.46 -29.34
C LYS E 157 -0.40 -4.86 -27.95
N ALA E 158 0.64 -5.34 -27.27
CA ALA E 158 1.03 -4.75 -26.00
C ALA E 158 1.61 -3.36 -26.26
N THR E 159 1.14 -2.36 -25.50
CA THR E 159 1.50 -0.97 -25.75
C THR E 159 1.73 -0.29 -24.41
N VAL E 160 2.81 0.49 -24.32
CA VAL E 160 3.21 1.17 -23.10
C VAL E 160 3.33 2.66 -23.41
N PHE E 161 2.56 3.48 -22.70
CA PHE E 161 2.70 4.94 -22.79
C PHE E 161 2.70 5.53 -21.38
N TYR E 162 3.06 6.80 -21.30
CA TYR E 162 3.40 7.45 -20.05
C TYR E 162 2.79 8.84 -19.98
N PHE E 163 2.50 9.28 -18.76
CA PHE E 163 2.22 10.68 -18.47
C PHE E 163 3.16 11.13 -17.36
N ILE E 164 3.44 12.44 -17.31
CA ILE E 164 4.29 13.01 -16.28
C ILE E 164 3.53 14.13 -15.61
N CYS E 165 3.53 14.14 -14.27
CA CYS E 165 2.97 15.20 -13.44
C CYS E 165 4.05 15.53 -12.41
N ASP E 166 4.92 16.48 -12.75
CA ASP E 166 6.16 16.70 -12.04
C ASP E 166 6.07 17.93 -11.16
N ASN E 167 6.17 17.73 -9.84
CA ASN E 167 6.21 18.80 -8.86
C ASN E 167 7.59 18.94 -8.23
N SER E 168 8.62 18.32 -8.80
CA SER E 168 9.93 18.31 -8.17
C SER E 168 10.62 19.66 -8.25
N LYS E 169 10.25 20.52 -9.19
CA LYS E 169 10.84 21.85 -9.26
C LYS E 169 10.17 22.84 -8.32
N THR E 170 9.14 22.42 -7.59
CA THR E 170 8.55 23.25 -6.54
C THR E 170 9.31 23.00 -5.24
N GLU E 171 9.79 24.08 -4.63
CA GLU E 171 10.64 23.99 -3.46
C GLU E 171 10.16 24.97 -2.40
N ASP E 172 10.39 24.61 -1.13
CA ASP E 172 10.04 25.45 0.01
C ASP E 172 11.14 25.27 1.04
N ASP E 173 12.06 26.24 1.12
CA ASP E 173 13.22 26.11 1.99
C ASP E 173 13.94 24.79 1.69
N ASN E 174 14.02 23.91 2.68
CA ASN E 174 14.71 22.64 2.52
C ASN E 174 13.79 21.51 2.06
N LYS E 175 12.62 21.83 1.51
CA LYS E 175 11.68 20.83 1.05
C LYS E 175 11.57 20.90 -0.47
N LYS E 176 11.41 19.75 -1.11
CA LYS E 176 11.27 19.66 -2.56
C LYS E 176 10.21 18.64 -2.92
N GLY E 177 9.41 18.99 -3.92
CA GLY E 177 8.34 18.15 -4.37
C GLY E 177 8.83 16.90 -5.10
N ASN E 178 7.86 16.08 -5.50
CA ASN E 178 8.13 14.80 -6.11
C ASN E 178 7.76 14.82 -7.59
N ARG E 179 8.41 13.95 -8.35
CA ARG E 179 8.13 13.76 -9.76
C ARG E 179 7.19 12.56 -9.90
N GLY E 180 6.00 12.81 -10.43
CA GLY E 180 5.02 11.75 -10.63
C GLY E 180 5.06 11.20 -12.05
N ILE E 181 5.01 9.88 -12.15
CA ILE E 181 5.01 9.18 -13.43
C ILE E 181 3.80 8.27 -13.46
N VAL E 182 3.04 8.32 -14.55
CA VAL E 182 2.01 7.35 -14.86
C VAL E 182 2.53 6.45 -15.96
N GLU E 183 2.63 5.16 -15.70
CA GLU E 183 2.94 4.17 -16.73
C GLU E 183 1.68 3.37 -17.01
N VAL E 184 1.17 3.44 -18.22
CA VAL E 184 0.00 2.69 -18.64
C VAL E 184 0.48 1.54 -19.51
N TYR E 185 0.36 0.32 -19.00
CA TYR E 185 0.76 -0.90 -19.69
C TYR E 185 -0.49 -1.65 -20.10
N VAL E 186 -0.76 -1.71 -21.40
CA VAL E 186 -1.95 -2.38 -21.92
C VAL E 186 -1.52 -3.66 -22.61
N GLU E 187 -1.94 -4.81 -22.05
CA GLU E 187 -1.70 -6.10 -22.67
C GLU E 187 -2.80 -6.39 -23.70
N PRO E 188 -2.51 -7.20 -24.71
CA PRO E 188 -3.55 -7.53 -25.68
C PRO E 188 -4.71 -8.24 -25.00
N TYR E 189 -5.92 -7.75 -25.26
CA TYR E 189 -7.14 -8.37 -24.77
C TYR E 189 -8.15 -8.38 -25.92
N GLY E 190 -9.03 -9.36 -25.90
CA GLY E 190 -10.02 -9.49 -26.94
C GLY E 190 -9.74 -10.66 -27.86
N ASN E 191 -9.62 -10.40 -29.15
CA ASN E 191 -9.29 -11.43 -30.15
C ASN E 191 -9.99 -12.76 -29.84
N THR F 1 19.28 42.37 -8.99
CA THR F 1 19.78 43.61 -9.64
C THR F 1 21.30 43.66 -9.78
N GLY F 2 21.77 44.70 -10.47
CA GLY F 2 23.17 45.04 -10.50
C GLY F 2 23.59 45.99 -9.40
N GLN F 3 22.73 46.25 -8.42
CA GLN F 3 23.08 47.11 -7.30
C GLN F 3 23.05 46.34 -5.97
N VAL F 4 23.05 45.01 -6.03
CA VAL F 4 22.98 44.21 -4.82
C VAL F 4 24.19 44.46 -3.95
N GLN F 5 23.96 44.59 -2.64
CA GLN F 5 25.02 44.87 -1.69
C GLN F 5 24.66 44.28 -0.34
N LEU F 6 25.65 43.71 0.33
CA LEU F 6 25.51 43.19 1.68
C LEU F 6 26.67 43.71 2.51
N VAL F 7 26.37 44.33 3.65
CA VAL F 7 27.37 44.99 4.49
C VAL F 7 27.24 44.46 5.92
N GLU F 8 28.18 43.59 6.31
CA GLU F 8 28.20 43.05 7.66
C GLU F 8 28.83 44.04 8.63
N SER F 9 28.43 43.94 9.89
CA SER F 9 29.07 44.70 10.95
C SER F 9 28.84 43.96 12.27
N GLY F 10 29.54 44.42 13.32
CA GLY F 10 29.39 43.89 14.65
C GLY F 10 30.47 42.93 15.11
N GLY F 11 31.35 42.49 14.23
CA GLY F 11 32.42 41.60 14.61
C GLY F 11 33.40 42.27 15.54
N GLY F 12 34.36 41.48 16.02
CA GLY F 12 35.36 41.99 16.92
C GLY F 12 35.95 40.89 17.77
N VAL F 13 36.72 41.32 18.77
CA VAL F 13 37.38 40.43 19.72
C VAL F 13 36.57 40.46 21.01
N VAL F 14 36.17 39.28 21.48
CA VAL F 14 35.38 39.14 22.69
C VAL F 14 36.02 38.08 23.57
N GLN F 15 35.56 38.01 24.80
CA GLN F 15 36.12 37.01 25.69
C GLN F 15 35.38 35.69 25.47
N PRO F 16 36.02 34.55 25.75
CA PRO F 16 35.30 33.27 25.65
C PRO F 16 34.08 33.29 26.56
N GLY F 17 32.97 32.76 26.05
CA GLY F 17 31.73 32.85 26.79
C GLY F 17 31.01 34.16 26.66
N GLY F 18 31.56 35.12 25.91
CA GLY F 18 30.93 36.39 25.70
C GLY F 18 29.93 36.36 24.56
N SER F 19 29.37 37.52 24.27
CA SER F 19 28.29 37.65 23.29
C SER F 19 28.65 38.70 22.24
N LEU F 20 28.12 38.48 21.04
CA LEU F 20 28.23 39.42 19.94
C LEU F 20 26.96 39.40 19.12
N ARG F 21 26.63 40.57 18.56
CA ARG F 21 25.50 40.74 17.65
C ARG F 21 26.03 41.23 16.32
N LEU F 22 26.01 40.35 15.31
CA LEU F 22 26.38 40.75 13.96
C LEU F 22 25.15 41.32 13.25
N SER F 23 25.39 42.29 12.38
CA SER F 23 24.34 42.91 11.60
C SER F 23 24.76 42.95 10.13
N CYS F 24 23.77 42.83 9.25
CA CYS F 24 23.99 42.80 7.81
C CYS F 24 22.95 43.71 7.18
N ALA F 25 23.41 44.82 6.62
CA ALA F 25 22.55 45.78 5.92
C ALA F 25 22.41 45.37 4.46
N ALA F 26 21.18 45.07 4.04
CA ALA F 26 20.91 44.65 2.68
C ALA F 26 20.48 45.83 1.83
N SER F 27 20.97 45.88 0.60
CA SER F 27 20.67 46.94 -0.35
C SER F 27 20.60 46.35 -1.74
N GLY F 28 19.68 46.89 -2.55
CA GLY F 28 19.68 46.55 -3.96
C GLY F 28 18.84 45.36 -4.34
N PHE F 29 18.17 44.71 -3.39
CA PHE F 29 17.24 43.66 -3.73
C PHE F 29 16.03 43.75 -2.79
N THR F 30 14.99 43.00 -3.12
CA THR F 30 13.78 42.89 -2.30
C THR F 30 14.09 41.97 -1.13
N PHE F 31 14.60 42.55 -0.05
CA PHE F 31 15.00 41.79 1.13
C PHE F 31 13.90 40.85 1.60
N SER F 32 12.66 41.36 1.68
CA SER F 32 11.57 40.57 2.26
C SER F 32 11.19 39.37 1.40
N SER F 33 11.72 39.24 0.19
CA SER F 33 11.41 38.12 -0.68
C SER F 33 12.43 36.99 -0.59
N PHE F 34 13.58 37.23 0.03
CA PHE F 34 14.70 36.30 -0.01
C PHE F 34 15.05 35.79 1.38
N ALA F 35 15.24 34.48 1.49
CA ALA F 35 15.89 33.91 2.66
C ALA F 35 17.33 34.43 2.74
N MET F 36 17.90 34.38 3.94
CA MET F 36 19.23 34.89 4.18
C MET F 36 20.05 33.89 4.97
N HIS F 37 21.35 33.86 4.68
CA HIS F 37 22.30 32.99 5.36
C HIS F 37 23.31 33.78 6.17
N TRP F 38 23.88 33.12 7.17
CA TRP F 38 25.21 33.42 7.70
C TRP F 38 26.11 32.23 7.40
N ALA F 39 27.33 32.52 6.97
CA ALA F 39 28.38 31.53 6.79
C ALA F 39 29.62 32.01 7.50
N ARG F 40 30.62 31.15 7.62
CA ARG F 40 31.85 31.55 8.31
C ARG F 40 33.04 30.79 7.74
N GLN F 41 34.19 31.47 7.74
CA GLN F 41 35.46 30.91 7.30
C GLN F 41 36.49 31.17 8.39
N ALA F 42 36.88 30.13 9.11
CA ALA F 42 37.92 30.28 10.11
C ALA F 42 39.25 30.63 9.44
N PRO F 43 40.15 31.33 10.14
CA PRO F 43 41.42 31.74 9.52
C PRO F 43 42.20 30.53 9.00
N GLY F 44 42.42 30.52 7.68
CA GLY F 44 43.18 29.48 7.03
C GLY F 44 42.40 28.22 6.68
N LYS F 45 41.11 28.19 6.91
CA LYS F 45 40.26 27.02 6.69
C LYS F 45 39.25 27.35 5.60
N GLY F 46 38.35 26.40 5.32
CA GLY F 46 37.37 26.55 4.27
C GLY F 46 36.07 27.17 4.75
N LEU F 47 35.05 27.06 3.89
CA LEU F 47 33.74 27.66 4.13
C LEU F 47 32.83 26.72 4.91
N GLU F 48 32.06 27.30 5.84
CA GLU F 48 31.08 26.57 6.63
C GLU F 48 29.77 27.35 6.69
N TRP F 49 28.66 26.64 6.50
CA TRP F 49 27.34 27.25 6.66
C TRP F 49 26.97 27.32 8.13
N VAL F 50 26.39 28.45 8.55
CA VAL F 50 26.08 28.71 9.94
C VAL F 50 24.57 28.71 10.20
N ALA F 51 23.82 29.50 9.45
CA ALA F 51 22.41 29.69 9.76
C ALA F 51 21.65 30.15 8.52
N TYR F 52 20.33 29.90 8.54
CA TYR F 52 19.41 30.20 7.45
C TYR F 52 18.12 30.74 8.07
N ILE F 53 17.57 31.80 7.49
CA ILE F 53 16.28 32.32 7.92
C ILE F 53 15.39 32.53 6.69
N ARG F 54 14.16 32.06 6.79
CA ARG F 54 13.16 32.19 5.73
C ARG F 54 12.83 33.65 5.45
N TYR F 55 12.32 33.89 4.24
CA TYR F 55 12.06 35.26 3.79
C TYR F 55 11.22 36.05 4.80
N ASP F 56 10.20 35.42 5.36
CA ASP F 56 9.31 36.08 6.31
C ASP F 56 9.76 35.91 7.75
N GLY F 57 10.88 35.22 7.99
CA GLY F 57 11.43 35.12 9.33
C GLY F 57 10.73 34.12 10.22
N THR F 58 9.96 33.21 9.65
CA THR F 58 9.14 32.28 10.41
C THR F 58 9.76 30.90 10.53
N LYS F 59 10.91 30.66 9.89
CA LYS F 59 11.63 29.40 9.99
C LYS F 59 13.12 29.70 10.02
N GLU F 60 13.83 29.03 10.91
CA GLU F 60 15.28 29.19 11.06
C GLU F 60 15.94 27.83 11.12
N PHE F 61 17.14 27.72 10.52
CA PHE F 61 17.95 26.51 10.57
C PHE F 61 19.35 26.89 11.05
N TYR F 62 20.05 25.92 11.66
CA TYR F 62 21.38 26.15 12.20
C TYR F 62 22.26 24.93 11.99
N THR F 63 23.55 25.15 11.82
CA THR F 63 24.54 24.08 11.99
C THR F 63 24.57 23.65 13.45
N ASP F 64 24.92 22.37 13.68
CA ASP F 64 24.82 21.83 15.03
C ASP F 64 25.65 22.63 16.03
N SER F 65 26.82 23.10 15.61
CA SER F 65 27.66 23.87 16.54
C SER F 65 26.99 25.17 16.96
N ALA F 66 26.01 25.64 16.18
CA ALA F 66 25.33 26.89 16.47
C ALA F 66 24.03 26.70 17.26
N LYS F 67 23.49 25.49 17.29
CA LYS F 67 22.22 25.26 17.97
C LYS F 67 22.32 25.63 19.44
N GLY F 68 21.41 26.48 19.89
CA GLY F 68 21.34 26.90 21.27
C GLY F 68 22.27 28.02 21.66
N ARG F 69 23.13 28.47 20.76
CA ARG F 69 24.08 29.54 21.04
C ARG F 69 23.88 30.72 20.10
N PHE F 70 23.73 30.46 18.80
CA PHE F 70 23.52 31.51 17.81
C PHE F 70 22.04 31.61 17.45
N THR F 71 21.55 32.85 17.29
CA THR F 71 20.18 33.10 16.84
C THR F 71 20.21 34.05 15.65
N ILE F 72 19.70 33.58 14.51
CA ILE F 72 19.52 34.41 13.32
C ILE F 72 18.14 35.06 13.37
N SER F 73 18.08 36.36 13.07
CA SER F 73 16.82 37.09 13.05
C SER F 73 16.89 38.15 11.95
N ARG F 74 15.73 38.75 11.66
CA ARG F 74 15.67 39.76 10.61
C ARG F 74 14.62 40.81 10.92
N ASP F 75 14.86 42.03 10.44
CA ASP F 75 13.87 43.10 10.42
C ASP F 75 13.67 43.49 8.95
N ASN F 76 12.55 43.08 8.39
CA ASN F 76 12.30 43.33 6.97
C ASN F 76 11.90 44.77 6.67
N SER F 77 11.52 45.55 7.68
CA SER F 77 11.23 46.95 7.48
C SER F 77 12.48 47.81 7.47
N LYS F 78 13.62 47.27 7.92
CA LYS F 78 14.90 47.95 7.89
C LYS F 78 15.92 47.22 7.02
N ASN F 79 15.48 46.19 6.30
CA ASN F 79 16.35 45.40 5.42
C ASN F 79 17.66 45.04 6.09
N THR F 80 17.56 44.47 7.30
CA THR F 80 18.71 44.11 8.11
C THR F 80 18.56 42.67 8.62
N LEU F 81 19.67 41.93 8.55
CA LEU F 81 19.81 40.60 9.12
C LEU F 81 20.71 40.67 10.35
N TYR F 82 20.45 39.82 11.33
CA TYR F 82 21.23 39.78 12.56
C TYR F 82 21.65 38.35 12.89
N LEU F 83 22.79 38.22 13.57
CA LEU F 83 23.20 36.95 14.18
C LEU F 83 23.62 37.24 15.63
N GLN F 84 22.72 37.01 16.58
CA GLN F 84 23.09 37.04 17.98
C GLN F 84 23.89 35.78 18.33
N MET F 85 25.09 35.97 18.88
CA MET F 85 26.00 34.88 19.21
C MET F 85 26.24 34.86 20.71
N ASP F 86 25.81 33.81 21.38
CA ASP F 86 26.02 33.65 22.82
C ASP F 86 26.98 32.50 23.08
N SER F 87 27.58 32.52 24.27
CA SER F 87 28.50 31.48 24.73
C SER F 87 29.51 31.15 23.63
N LEU F 88 30.23 32.18 23.20
CA LEU F 88 31.17 32.03 22.11
C LEU F 88 32.39 31.23 22.56
N ARG F 89 33.03 30.58 21.58
CA ARG F 89 34.13 29.67 21.83
C ARG F 89 35.26 29.97 20.86
N ALA F 90 36.46 29.51 21.21
CA ALA F 90 37.62 29.77 20.37
C ALA F 90 37.45 29.20 18.97
N GLU F 91 36.72 28.08 18.84
CA GLU F 91 36.46 27.47 17.54
C GLU F 91 35.44 28.24 16.72
N ASP F 92 34.86 29.32 17.26
CA ASP F 92 33.99 30.20 16.51
C ASP F 92 34.72 31.34 15.84
N THR F 93 36.02 31.50 16.12
CA THR F 93 36.83 32.52 15.46
C THR F 93 36.79 32.31 13.95
N ALA F 94 36.36 33.34 13.22
CA ALA F 94 36.20 33.22 11.79
C ALA F 94 35.75 34.57 11.23
N LEU F 95 35.91 34.72 9.93
CA LEU F 95 35.22 35.78 9.20
C LEU F 95 33.79 35.32 8.95
N TYR F 96 32.82 36.14 9.35
CA TYR F 96 31.41 35.79 9.24
C TYR F 96 30.81 36.53 8.05
N TYR F 97 30.35 35.77 7.06
CA TYR F 97 29.73 36.30 5.86
C TYR F 97 28.21 36.22 6.04
N CYS F 98 27.51 37.32 5.80
CA CYS F 98 26.09 37.23 5.50
C CYS F 98 25.94 37.00 3.99
N ALA F 99 24.99 36.16 3.62
CA ALA F 99 24.79 35.83 2.21
C ALA F 99 23.31 35.79 1.88
N LYS F 100 22.98 36.28 0.69
CA LYS F 100 21.62 36.22 0.18
C LYS F 100 21.36 34.84 -0.41
N ASP F 101 20.19 34.29 -0.10
CA ASP F 101 19.83 32.97 -0.59
C ASP F 101 19.48 33.03 -2.08
N LEU F 102 19.75 31.92 -2.77
CA LEU F 102 19.49 31.82 -4.20
C LEU F 102 18.01 31.63 -4.53
N GLY F 103 17.20 31.25 -3.55
CA GLY F 103 15.84 30.84 -3.84
C GLY F 103 14.92 32.01 -4.16
N ILE F 104 14.10 31.82 -5.19
CA ILE F 104 13.08 32.79 -5.57
C ILE F 104 12.05 32.05 -6.40
N ASN F 105 10.78 32.41 -6.19
CA ASN F 105 9.68 31.80 -6.94
C ASN F 105 9.72 30.28 -6.83
N SER F 106 9.95 29.81 -5.60
CA SER F 106 9.84 28.39 -5.24
C SER F 106 10.90 27.52 -5.91
N TYR F 107 12.10 28.05 -6.11
CA TYR F 107 13.18 27.23 -6.63
C TYR F 107 14.52 27.87 -6.30
N GLY F 108 15.43 27.08 -5.75
CA GLY F 108 16.80 27.50 -5.53
C GLY F 108 17.23 27.60 -4.08
N TYR F 109 16.34 27.32 -3.13
CA TYR F 109 16.69 27.50 -1.72
C TYR F 109 17.86 26.60 -1.34
N GLY F 110 18.85 27.19 -0.67
CA GLY F 110 20.05 26.49 -0.25
C GLY F 110 21.31 27.05 -0.86
N GLY F 111 21.24 27.60 -2.06
CA GLY F 111 22.39 28.23 -2.66
C GLY F 111 22.62 29.63 -2.10
N LEU F 112 23.89 29.98 -1.92
CA LEU F 112 24.29 31.28 -1.41
C LEU F 112 24.82 32.08 -2.60
N ASP F 113 23.92 32.78 -3.30
CA ASP F 113 24.28 33.35 -4.59
C ASP F 113 24.91 34.74 -4.49
N PHE F 114 24.86 35.39 -3.34
CA PHE F 114 25.64 36.60 -3.16
C PHE F 114 26.11 36.74 -1.71
N TRP F 115 27.39 37.04 -1.55
CA TRP F 115 28.05 37.10 -0.26
C TRP F 115 28.55 38.52 0.02
N GLY F 116 28.43 38.95 1.28
CA GLY F 116 29.08 40.16 1.72
C GLY F 116 30.57 39.95 1.94
N GLN F 117 31.25 41.05 2.26
CA GLN F 117 32.70 40.98 2.49
C GLN F 117 33.03 40.34 3.83
N GLY F 118 32.11 40.40 4.79
CA GLY F 118 32.26 39.69 6.05
C GLY F 118 32.76 40.60 7.16
N THR F 119 32.47 40.18 8.39
CA THR F 119 32.94 40.88 9.59
C THR F 119 33.64 39.87 10.47
N LEU F 120 34.85 40.22 10.92
CA LEU F 120 35.71 39.26 11.62
C LEU F 120 35.31 39.16 13.08
N VAL F 121 35.14 37.92 13.54
CA VAL F 121 34.88 37.62 14.95
C VAL F 121 36.07 36.85 15.49
N THR F 122 36.70 37.40 16.53
CA THR F 122 37.85 36.78 17.18
C THR F 122 37.50 36.54 18.65
N VAL F 123 37.52 35.28 19.06
CA VAL F 123 37.28 34.92 20.46
C VAL F 123 38.63 34.59 21.08
N SER F 124 39.15 35.50 21.90
CA SER F 124 40.49 35.36 22.45
C SER F 124 40.49 34.25 23.48
N SER F 125 40.94 33.07 23.06
CA SER F 125 41.05 31.91 23.95
C SER F 125 41.82 32.26 25.22
N GLU F 146 24.75 14.13 8.16
CA GLU F 146 25.33 15.22 7.39
C GLU F 146 25.90 14.61 6.09
N ILE F 147 25.65 15.26 4.96
CA ILE F 147 26.21 14.86 3.67
C ILE F 147 27.63 15.39 3.53
N VAL F 148 28.54 14.51 3.12
CA VAL F 148 29.95 14.84 2.98
C VAL F 148 30.27 15.05 1.50
N LEU F 149 31.00 16.13 1.21
CA LEU F 149 31.47 16.44 -0.14
C LEU F 149 33.00 16.38 -0.15
N THR F 150 33.54 15.62 -1.10
CA THR F 150 34.98 15.42 -1.20
C THR F 150 35.50 16.04 -2.49
N GLN F 151 36.37 17.02 -2.36
CA GLN F 151 36.97 17.70 -3.51
C GLN F 151 38.39 17.21 -3.73
N SER F 152 38.68 16.76 -4.95
CA SER F 152 40.02 16.43 -5.37
C SER F 152 40.32 17.11 -6.70
N PRO F 153 41.59 17.46 -6.96
CA PRO F 153 42.71 17.35 -6.02
C PRO F 153 42.67 18.47 -4.99
N ALA F 154 43.44 18.34 -3.91
CA ALA F 154 43.49 19.43 -2.94
C ALA F 154 44.12 20.68 -3.56
N THR F 155 45.13 20.48 -4.40
CA THR F 155 45.81 21.56 -5.10
C THR F 155 45.91 21.22 -6.58
N LEU F 156 45.88 22.26 -7.41
CA LEU F 156 45.88 22.09 -8.87
C LEU F 156 46.83 23.14 -9.45
N SER F 157 48.03 22.70 -9.84
CA SER F 157 49.03 23.61 -10.39
C SER F 157 48.89 23.61 -11.91
N LEU F 158 48.52 24.76 -12.46
CA LEU F 158 48.27 24.90 -13.88
C LEU F 158 48.84 26.23 -14.36
N SER F 159 48.97 26.36 -15.68
CA SER F 159 49.48 27.59 -16.29
C SER F 159 48.35 28.34 -16.99
N PRO F 160 48.45 29.66 -17.12
CA PRO F 160 47.39 30.42 -17.79
C PRO F 160 47.11 29.87 -19.18
N GLY F 161 45.82 29.64 -19.45
CA GLY F 161 45.37 29.06 -20.68
C GLY F 161 45.03 27.59 -20.58
N GLU F 162 45.55 26.89 -19.57
CA GLU F 162 45.35 25.47 -19.43
C GLU F 162 43.96 25.15 -18.91
N ARG F 163 43.49 23.95 -19.23
CA ARG F 163 42.15 23.50 -18.87
C ARG F 163 42.14 22.93 -17.46
N GLY F 164 41.43 23.59 -16.56
CA GLY F 164 41.26 23.10 -15.20
C GLY F 164 40.11 22.13 -15.05
N THR F 165 40.34 21.07 -14.25
CA THR F 165 39.34 20.07 -13.93
C THR F 165 39.31 19.86 -12.41
N LEU F 166 38.21 20.24 -11.78
CA LEU F 166 38.01 20.04 -10.35
C LEU F 166 36.92 19.01 -10.14
N SER F 167 37.08 18.17 -9.13
CA SER F 167 36.14 17.09 -8.87
C SER F 167 35.44 17.30 -7.53
N CYS F 168 34.15 16.98 -7.49
CA CYS F 168 33.36 16.91 -6.27
C CYS F 168 32.55 15.63 -6.34
N ARG F 169 32.73 14.74 -5.37
CA ARG F 169 31.94 13.51 -5.27
C ARG F 169 31.24 13.53 -3.91
N ALA F 170 29.94 13.29 -3.93
CA ALA F 170 29.11 13.40 -2.75
C ALA F 170 28.96 12.05 -2.07
N SER F 171 28.76 12.09 -0.75
CA SER F 171 28.65 10.86 0.04
C SER F 171 27.37 10.09 -0.25
N GLN F 172 26.37 10.73 -0.85
CA GLN F 172 25.15 10.06 -1.28
C GLN F 172 24.59 10.83 -2.46
N ASN F 173 23.59 10.23 -3.13
CA ASN F 173 22.93 10.88 -4.25
C ASN F 173 22.42 12.25 -3.85
N VAL F 174 22.99 13.31 -4.43
CA VAL F 174 22.47 14.67 -4.26
C VAL F 174 21.74 15.16 -5.51
N ASN F 175 21.33 14.25 -6.40
CA ASN F 175 20.62 14.60 -7.62
C ASN F 175 21.50 15.55 -8.43
N ARG F 176 20.98 16.68 -8.91
CA ARG F 176 21.80 17.70 -9.57
C ARG F 176 21.86 18.97 -8.74
N TYR F 177 21.75 18.84 -7.41
CA TYR F 177 21.70 20.00 -6.52
C TYR F 177 23.08 20.39 -5.97
N LEU F 178 24.10 20.48 -6.82
CA LEU F 178 25.43 20.87 -6.40
C LEU F 178 25.79 22.23 -6.99
N ALA F 179 26.28 23.13 -6.15
CA ALA F 179 26.75 24.44 -6.56
C ALA F 179 28.27 24.53 -6.46
N TRP F 180 28.84 25.46 -7.23
CA TRP F 180 30.27 25.73 -7.19
C TRP F 180 30.51 27.20 -6.87
N TYR F 181 31.54 27.46 -6.09
CA TYR F 181 31.90 28.83 -5.69
C TYR F 181 33.36 29.09 -5.99
N GLN F 182 33.68 30.36 -6.17
CA GLN F 182 35.05 30.83 -6.38
C GLN F 182 35.37 31.84 -5.30
N GLN F 183 36.47 31.64 -4.59
CA GLN F 183 36.98 32.66 -3.68
C GLN F 183 38.35 33.13 -4.15
N LYS F 184 38.42 34.31 -4.75
CA LYS F 184 39.70 34.91 -5.07
C LYS F 184 40.38 35.41 -3.79
N PRO F 185 41.72 35.51 -3.78
CA PRO F 185 42.41 35.96 -2.57
C PRO F 185 41.89 37.29 -2.03
N GLY F 186 41.45 37.31 -0.77
CA GLY F 186 41.05 38.54 -0.14
C GLY F 186 39.63 38.97 -0.40
N GLN F 187 38.82 38.13 -1.02
CA GLN F 187 37.50 38.51 -1.52
C GLN F 187 36.48 37.50 -1.02
N ALA F 188 35.22 37.93 -1.02
CA ALA F 188 34.15 37.04 -0.61
C ALA F 188 33.92 35.99 -1.69
N PRO F 189 33.40 34.82 -1.32
CA PRO F 189 33.07 33.82 -2.34
C PRO F 189 32.05 34.36 -3.34
N ARG F 190 32.04 33.73 -4.51
CA ARG F 190 31.16 34.09 -5.61
C ARG F 190 30.55 32.82 -6.17
N LEU F 191 29.22 32.83 -6.35
CA LEU F 191 28.56 31.70 -6.97
C LEU F 191 28.93 31.63 -8.45
N LEU F 192 29.47 30.49 -8.87
CA LEU F 192 29.79 30.25 -10.28
C LEU F 192 28.71 29.42 -10.97
N ILE F 193 28.41 28.25 -10.40
CA ILE F 193 27.47 27.29 -10.99
C ILE F 193 26.44 26.95 -9.94
N TYR F 194 25.18 26.80 -10.37
CA TYR F 194 24.14 26.29 -9.50
C TYR F 194 23.48 25.10 -10.18
N ASP F 195 22.92 24.23 -9.33
CA ASP F 195 22.34 22.95 -9.73
C ASP F 195 23.14 22.29 -10.85
N ALA F 196 24.45 22.17 -10.61
CA ALA F 196 25.35 21.29 -11.36
C ALA F 196 25.87 21.91 -12.65
N SER F 197 24.97 22.47 -13.44
CA SER F 197 25.28 22.83 -14.82
C SER F 197 25.03 24.29 -15.16
N ASN F 198 24.27 25.01 -14.33
CA ASN F 198 23.73 26.32 -14.68
C ASN F 198 24.66 27.44 -14.21
N ARG F 199 25.29 28.11 -15.17
CA ARG F 199 26.11 29.27 -14.85
C ARG F 199 25.24 30.38 -14.26
N ALA F 200 25.74 30.99 -13.19
CA ALA F 200 25.04 32.13 -12.60
C ALA F 200 25.20 33.34 -13.50
N THR F 201 24.29 34.31 -13.32
CA THR F 201 24.29 35.47 -14.20
C THR F 201 25.59 36.24 -14.06
N GLY F 202 26.18 36.61 -15.19
CA GLY F 202 27.40 37.38 -15.19
C GLY F 202 28.66 36.56 -15.10
N ILE F 203 28.55 35.26 -14.91
CA ILE F 203 29.73 34.40 -14.77
C ILE F 203 30.25 34.05 -16.16
N PRO F 204 31.55 34.20 -16.42
CA PRO F 204 32.04 33.94 -17.78
C PRO F 204 31.81 32.49 -18.18
N ALA F 205 31.69 32.28 -19.49
CA ALA F 205 31.28 30.98 -20.02
C ALA F 205 32.39 29.95 -20.05
N ARG F 206 33.64 30.33 -19.75
CA ARG F 206 34.68 29.32 -19.63
C ARG F 206 34.45 28.42 -18.43
N PHE F 207 33.66 28.86 -17.45
CA PHE F 207 33.26 28.01 -16.34
C PHE F 207 32.05 27.17 -16.73
N SER F 208 32.19 25.85 -16.65
CA SER F 208 31.07 24.94 -16.91
C SER F 208 31.10 23.81 -15.89
N GLY F 209 29.90 23.33 -15.54
CA GLY F 209 29.75 22.25 -14.60
C GLY F 209 28.97 21.10 -15.19
N SER F 210 29.30 19.88 -14.74
CA SER F 210 28.60 18.68 -15.17
C SER F 210 28.49 17.73 -13.99
N GLY F 211 27.61 16.74 -14.15
CA GLY F 211 27.48 15.66 -13.21
C GLY F 211 26.10 15.58 -12.60
N SER F 212 25.85 14.46 -11.95
CA SER F 212 24.61 14.22 -11.22
C SER F 212 24.84 13.02 -10.31
N GLY F 213 23.98 12.89 -9.31
CA GLY F 213 24.12 11.80 -8.36
C GLY F 213 25.26 12.05 -7.40
N THR F 214 26.41 11.41 -7.60
CA THR F 214 27.51 11.56 -6.66
C THR F 214 28.74 12.27 -7.20
N ASP F 215 29.07 12.17 -8.48
CA ASP F 215 30.29 12.75 -9.02
C ASP F 215 29.96 13.96 -9.86
N PHE F 216 30.64 15.06 -9.58
CA PHE F 216 30.40 16.32 -10.26
C PHE F 216 31.75 16.91 -10.69
N THR F 217 31.69 17.78 -11.70
CA THR F 217 32.90 18.32 -12.29
C THR F 217 32.73 19.81 -12.53
N LEU F 218 33.76 20.58 -12.18
CA LEU F 218 33.88 21.97 -12.61
C LEU F 218 35.05 22.06 -13.58
N THR F 219 34.79 22.55 -14.78
CA THR F 219 35.81 22.74 -15.79
C THR F 219 36.03 24.22 -16.05
N ILE F 220 37.28 24.63 -16.07
CA ILE F 220 37.68 25.99 -16.44
C ILE F 220 38.44 25.84 -17.75
N SER F 221 37.75 26.07 -18.87
CA SER F 221 38.22 25.59 -20.16
C SER F 221 39.57 26.20 -20.53
N SER F 222 39.78 27.48 -20.20
CA SER F 222 41.06 28.15 -20.46
C SER F 222 41.37 29.04 -19.27
N LEU F 223 42.22 28.54 -18.37
CA LEU F 223 42.52 29.27 -17.14
C LEU F 223 43.10 30.65 -17.45
N GLU F 224 42.51 31.68 -16.86
CA GLU F 224 43.05 33.03 -16.86
C GLU F 224 43.75 33.34 -15.55
N PRO F 225 44.67 34.30 -15.56
CA PRO F 225 45.35 34.67 -14.30
C PRO F 225 44.41 34.98 -13.14
N GLU F 226 43.23 35.52 -13.42
CA GLU F 226 42.27 35.81 -12.35
C GLU F 226 41.61 34.56 -11.80
N ASP F 227 41.66 33.45 -12.53
CA ASP F 227 40.98 32.23 -12.12
C ASP F 227 41.73 31.46 -11.05
N PHE F 228 42.94 31.86 -10.69
CA PHE F 228 43.72 31.16 -9.68
C PHE F 228 43.20 31.55 -8.31
N ALA F 229 42.53 30.61 -7.65
CA ALA F 229 41.66 30.89 -6.52
C ALA F 229 41.25 29.54 -5.95
N VAL F 230 40.58 29.59 -4.80
CA VAL F 230 40.01 28.40 -4.19
C VAL F 230 38.58 28.23 -4.68
N TYR F 231 38.20 26.98 -4.93
CA TYR F 231 36.86 26.65 -5.41
C TYR F 231 36.22 25.66 -4.45
N TYR F 232 34.95 25.87 -4.16
CA TYR F 232 34.21 25.07 -3.19
C TYR F 232 32.94 24.56 -3.85
N CYS F 233 32.66 23.26 -3.70
CA CYS F 233 31.35 22.76 -4.08
C CYS F 233 30.44 22.77 -2.85
N GLN F 234 29.14 22.76 -3.11
CA GLN F 234 28.15 22.88 -2.06
C GLN F 234 26.88 22.17 -2.52
N GLN F 235 26.24 21.46 -1.60
CA GLN F 235 25.04 20.69 -1.89
C GLN F 235 23.86 21.28 -1.14
N ARG F 236 22.72 21.36 -1.82
CA ARG F 236 21.47 21.78 -1.22
C ARG F 236 20.39 20.71 -1.41
N ALA F 237 20.81 19.46 -1.52
CA ALA F 237 19.86 18.37 -1.71
C ALA F 237 19.15 18.02 -0.40
N ILE F 238 19.91 17.86 0.68
CA ILE F 238 19.35 17.49 1.98
C ILE F 238 20.05 18.34 3.03
N TRP F 239 19.29 19.20 3.71
CA TRP F 239 19.84 20.13 4.68
C TRP F 239 18.71 20.57 5.60
N PRO F 240 19.02 21.17 6.75
CA PRO F 240 20.37 21.46 7.28
C PRO F 240 21.13 20.23 7.77
N PRO F 241 22.47 20.33 7.82
CA PRO F 241 23.21 21.53 7.40
C PRO F 241 23.47 21.56 5.91
N LEU F 242 23.50 22.74 5.31
CA LEU F 242 24.09 22.88 3.99
C LEU F 242 25.60 22.70 4.11
N THR F 243 26.16 21.80 3.31
CA THR F 243 27.53 21.37 3.47
C THR F 243 28.37 21.79 2.26
N PHE F 244 29.61 22.16 2.55
CA PHE F 244 30.60 22.54 1.55
C PHE F 244 31.66 21.45 1.45
N GLY F 245 32.30 21.37 0.28
CA GLY F 245 33.51 20.62 0.16
C GLY F 245 34.66 21.31 0.87
N GLY F 246 35.80 20.63 0.88
CA GLY F 246 36.97 21.20 1.52
C GLY F 246 37.65 22.28 0.73
N GLY F 247 37.39 22.36 -0.57
CA GLY F 247 38.01 23.35 -1.41
C GLY F 247 39.13 22.75 -2.25
N THR F 248 39.28 23.26 -3.46
CA THR F 248 40.40 22.92 -4.33
C THR F 248 41.12 24.21 -4.69
N LYS F 249 42.42 24.26 -4.38
CA LYS F 249 43.25 25.42 -4.69
C LYS F 249 43.83 25.26 -6.07
N VAL F 250 43.73 26.31 -6.88
CA VAL F 250 44.29 26.34 -8.23
C VAL F 250 45.47 27.31 -8.21
N GLU F 251 46.68 26.76 -8.27
CA GLU F 251 47.90 27.57 -8.22
C GLU F 251 48.52 27.71 -9.61
N ILE F 252 49.35 28.73 -9.76
CA ILE F 252 50.22 28.86 -10.93
C ILE F 252 51.52 28.12 -10.63
N LYS F 253 51.92 27.22 -11.51
CA LYS F 253 53.31 26.72 -11.43
C LYS F 253 53.94 26.69 -12.82
N LEU G 16 29.22 -1.12 -8.95
CA LEU G 16 29.89 0.13 -9.24
C LEU G 16 29.49 1.15 -8.18
N ASP G 17 30.14 1.09 -7.02
CA ASP G 17 29.93 2.01 -5.91
C ASP G 17 28.49 1.96 -5.39
N LYS G 18 27.68 1.02 -5.88
CA LYS G 18 26.34 0.80 -5.36
C LYS G 18 26.34 -0.31 -4.33
N ILE G 19 25.32 -0.28 -3.46
CA ILE G 19 25.13 -1.29 -2.42
C ILE G 19 23.72 -1.86 -2.55
N ASP G 20 23.60 -3.17 -2.35
CA ASP G 20 22.28 -3.78 -2.23
C ASP G 20 21.88 -3.62 -0.77
N LEU G 21 21.10 -2.58 -0.47
CA LEU G 21 20.76 -2.29 0.92
C LEU G 21 19.77 -3.29 1.51
N SER G 22 19.12 -4.11 0.70
CA SER G 22 18.19 -5.11 1.17
C SER G 22 18.89 -6.40 1.57
N TYR G 23 20.17 -6.55 1.25
CA TYR G 23 20.88 -7.80 1.49
C TYR G 23 21.19 -7.97 2.97
N GLU G 24 20.81 -9.11 3.53
CA GLU G 24 21.15 -9.49 4.90
C GLU G 24 21.79 -10.86 4.91
N THR G 25 22.70 -11.08 5.85
CA THR G 25 23.19 -12.41 6.15
C THR G 25 23.59 -12.44 7.62
N THR G 26 24.16 -13.57 8.04
CA THR G 26 24.71 -13.72 9.38
C THR G 26 26.08 -14.37 9.26
N GLU G 27 26.83 -14.35 10.36
CA GLU G 27 28.14 -14.99 10.36
C GLU G 27 28.02 -16.48 10.04
N SER G 28 27.04 -17.17 10.64
CA SER G 28 26.89 -18.60 10.43
C SER G 28 26.23 -18.92 9.10
N GLY G 29 25.38 -18.04 8.59
CA GLY G 29 24.67 -18.34 7.37
C GLY G 29 23.66 -19.46 7.56
N ASP G 30 23.70 -20.45 6.66
CA ASP G 30 22.77 -21.57 6.68
C ASP G 30 23.28 -22.76 7.49
N THR G 31 24.48 -22.68 8.03
CA THR G 31 25.08 -23.85 8.69
C THR G 31 24.46 -24.12 10.06
N ALA G 32 23.91 -23.11 10.71
CA ALA G 32 23.41 -23.21 12.09
C ALA G 32 24.51 -23.52 13.09
N VAL G 33 25.76 -23.23 12.73
CA VAL G 33 26.89 -23.40 13.64
C VAL G 33 26.93 -22.22 14.62
N SER G 34 27.08 -22.53 15.90
CA SER G 34 27.17 -21.51 16.94
C SER G 34 28.55 -20.86 16.93
N GLU G 35 28.60 -19.61 17.37
CA GLU G 35 29.86 -18.86 17.34
C GLU G 35 30.92 -19.53 18.21
N ASP G 36 30.52 -20.12 19.34
CA ASP G 36 31.48 -20.82 20.19
C ASP G 36 32.06 -22.06 19.52
N SER G 37 31.54 -22.45 18.36
CA SER G 37 32.05 -23.59 17.61
C SER G 37 32.86 -23.18 16.39
N TYR G 38 33.05 -21.88 16.16
CA TYR G 38 33.88 -21.43 15.06
C TYR G 38 35.34 -21.83 15.29
N ASP G 39 36.04 -22.17 14.21
CA ASP G 39 37.51 -22.29 14.23
C ASP G 39 38.07 -20.90 14.00
N LYS G 40 38.32 -20.19 15.10
CA LYS G 40 38.80 -18.81 15.06
C LYS G 40 40.32 -18.81 15.01
N TYR G 41 40.89 -18.03 14.10
CA TYR G 41 42.34 -17.90 14.04
C TYR G 41 42.70 -16.50 13.58
N ALA G 42 43.90 -16.05 13.94
CA ALA G 42 44.41 -14.75 13.51
C ALA G 42 45.01 -14.85 12.12
N SER G 43 45.08 -13.69 11.45
CA SER G 43 45.65 -13.66 10.12
C SER G 43 47.16 -13.86 10.15
N GLN G 44 47.69 -14.42 9.07
CA GLN G 44 49.12 -14.66 8.89
C GLN G 44 49.80 -13.37 8.43
N ASN G 45 50.40 -12.65 9.37
CA ASN G 45 50.90 -11.31 9.16
C ASN G 45 52.39 -11.33 8.83
N THR G 46 52.74 -10.82 7.65
CA THR G 46 54.15 -10.63 7.27
C THR G 46 54.62 -9.24 7.64
N ASN G 47 54.20 -8.76 8.81
CA ASN G 47 54.61 -7.48 9.39
C ASN G 47 53.79 -6.33 8.82
N LYS G 48 53.68 -6.25 7.48
CA LYS G 48 52.86 -5.21 6.86
C LYS G 48 51.74 -5.74 5.97
N GLU G 49 51.70 -7.04 5.68
CA GLU G 49 50.62 -7.63 4.91
C GLU G 49 49.98 -8.71 5.79
N TYR G 50 48.74 -8.48 6.17
CA TYR G 50 47.97 -9.43 6.98
C TYR G 50 47.09 -10.22 6.03
N VAL G 51 47.29 -11.53 5.97
CA VAL G 51 46.69 -12.37 4.94
C VAL G 51 45.71 -13.36 5.60
N CYS G 52 44.51 -13.43 5.03
CA CYS G 52 43.54 -14.48 5.35
C CYS G 52 43.44 -15.34 4.08
N ASP G 53 44.04 -16.52 4.14
CA ASP G 53 44.15 -17.41 2.98
C ASP G 53 43.24 -18.61 3.20
N PHE G 54 42.17 -18.69 2.41
CA PHE G 54 41.21 -19.78 2.50
C PHE G 54 41.48 -20.90 1.50
N THR G 55 42.66 -20.91 0.87
CA THR G 55 42.92 -21.85 -0.21
C THR G 55 42.92 -23.29 0.27
N ASP G 56 43.28 -23.53 1.53
CA ASP G 56 43.27 -24.87 2.11
C ASP G 56 42.52 -24.91 3.43
N GLN G 57 41.59 -23.98 3.65
CA GLN G 57 40.80 -23.93 4.87
C GLN G 57 39.37 -24.37 4.65
N LEU G 58 38.93 -24.53 3.40
CA LEU G 58 37.52 -24.68 3.08
C LEU G 58 37.21 -25.93 2.28
N LYS G 59 38.18 -26.80 2.02
CA LYS G 59 37.93 -27.98 1.20
C LYS G 59 36.89 -28.87 1.86
N PRO G 60 36.10 -29.59 1.08
CA PRO G 60 35.09 -30.48 1.68
C PRO G 60 35.74 -31.59 2.49
N THR G 61 35.21 -31.82 3.69
CA THR G 61 35.66 -32.93 4.53
C THR G 61 34.44 -33.62 5.15
N GLU G 62 34.66 -34.83 5.64
CA GLU G 62 33.60 -35.56 6.31
C GLU G 62 33.08 -34.80 7.53
N SER G 63 33.85 -33.86 8.06
CA SER G 63 33.49 -33.12 9.27
C SER G 63 32.78 -31.81 8.97
N GLY G 64 32.66 -31.42 7.71
CA GLY G 64 32.06 -30.16 7.34
C GLY G 64 30.54 -30.17 7.42
N PRO G 65 29.93 -28.98 7.43
CA PRO G 65 30.62 -27.69 7.33
C PRO G 65 31.10 -27.11 8.66
N LYS G 66 32.30 -26.58 8.68
CA LYS G 66 32.81 -25.80 9.81
C LYS G 66 32.88 -24.34 9.39
N VAL G 67 32.90 -23.46 10.37
CA VAL G 67 33.04 -22.03 10.16
C VAL G 67 34.48 -21.66 10.48
N LYS G 68 35.25 -21.32 9.45
CA LYS G 68 36.65 -20.92 9.60
C LYS G 68 36.70 -19.39 9.62
N LYS G 69 37.05 -18.83 10.77
CA LYS G 69 36.99 -17.39 10.99
C LYS G 69 38.39 -16.82 11.18
N CYS G 70 38.87 -16.12 10.16
CA CYS G 70 40.18 -15.45 10.20
C CYS G 70 39.97 -14.02 10.69
N GLU G 71 40.59 -13.68 11.82
CA GLU G 71 40.40 -12.39 12.47
C GLU G 71 41.61 -11.51 12.24
N VAL G 72 41.38 -10.37 11.60
CA VAL G 72 42.41 -9.41 11.25
C VAL G 72 42.33 -8.22 12.21
N LYS G 73 43.31 -8.11 13.10
CA LYS G 73 43.40 -7.01 14.05
C LYS G 73 44.50 -6.04 13.65
N VAL G 74 44.11 -4.81 13.31
CA VAL G 74 45.04 -3.78 12.84
C VAL G 74 45.03 -2.64 13.84
N ASN G 75 46.22 -2.29 14.36
CA ASN G 75 46.38 -1.08 15.17
C ASN G 75 47.64 -0.32 14.77
N GLU G 76 48.11 -0.50 13.54
CA GLU G 76 49.31 0.14 13.03
C GLU G 76 49.02 0.63 11.62
N PRO G 77 49.75 1.64 11.16
CA PRO G 77 49.41 2.27 9.88
C PRO G 77 50.00 1.61 8.64
N LEU G 78 49.25 1.74 7.54
CA LEU G 78 49.67 1.28 6.23
C LEU G 78 49.88 -0.23 6.21
N ILE G 79 48.90 -0.95 6.73
CA ILE G 79 48.87 -2.41 6.67
C ILE G 79 48.03 -2.80 5.46
N LYS G 80 48.59 -3.65 4.61
CA LYS G 80 47.88 -4.19 3.48
C LYS G 80 47.14 -5.45 3.91
N VAL G 81 45.82 -5.47 3.75
CA VAL G 81 45.02 -6.64 4.04
C VAL G 81 44.75 -7.35 2.72
N LYS G 82 45.11 -8.62 2.66
CA LYS G 82 44.93 -9.47 1.50
C LYS G 82 44.04 -10.64 1.88
N ILE G 83 43.03 -10.92 1.07
CA ILE G 83 42.09 -12.01 1.32
C ILE G 83 42.03 -12.86 0.06
N ILE G 84 42.37 -14.14 0.20
CA ILE G 84 42.40 -15.08 -0.91
C ILE G 84 41.24 -16.05 -0.72
N CYS G 85 40.34 -16.09 -1.70
CA CYS G 85 39.20 -16.99 -1.69
C CYS G 85 39.29 -17.87 -2.93
N PRO G 86 39.44 -19.19 -2.80
CA PRO G 86 39.61 -20.02 -4.00
C PRO G 86 38.44 -19.89 -4.97
N LEU G 87 38.76 -20.03 -6.25
CA LEU G 87 37.78 -19.82 -7.30
C LEU G 87 37.13 -21.12 -7.73
N LYS G 88 35.85 -21.02 -8.11
CA LYS G 88 35.16 -22.13 -8.76
C LYS G 88 35.96 -22.59 -9.97
N GLY G 89 36.33 -23.88 -9.96
CA GLY G 89 37.08 -24.46 -11.05
C GLY G 89 38.59 -24.42 -10.90
N SER G 90 39.11 -23.66 -9.92
CA SER G 90 40.55 -23.64 -9.70
C SER G 90 41.09 -25.05 -9.44
N VAL G 91 40.38 -25.83 -8.65
CA VAL G 91 40.60 -27.26 -8.52
C VAL G 91 39.30 -27.97 -8.83
N GLU G 92 39.39 -29.12 -9.48
CA GLU G 92 38.20 -29.87 -9.85
C GLU G 92 37.37 -30.21 -8.62
N LYS G 93 36.10 -29.80 -8.63
CA LYS G 93 35.08 -30.24 -7.68
C LYS G 93 35.17 -29.56 -6.31
N LEU G 94 36.38 -29.18 -5.89
CA LEU G 94 36.56 -28.78 -4.50
C LEU G 94 35.86 -27.45 -4.17
N TYR G 95 35.70 -26.57 -5.15
CA TYR G 95 35.08 -25.27 -4.90
C TYR G 95 33.93 -25.01 -5.87
N ASP G 96 33.24 -26.06 -6.29
CA ASP G 96 32.28 -25.93 -7.37
C ASP G 96 31.12 -25.01 -7.02
N ASN G 97 30.73 -24.95 -5.75
CA ASN G 97 29.60 -24.14 -5.31
C ASN G 97 30.01 -23.05 -4.33
N ILE G 98 31.27 -22.62 -4.35
CA ILE G 98 31.74 -21.60 -3.43
C ILE G 98 31.10 -20.26 -3.75
N GLU G 99 30.81 -19.48 -2.71
CA GLU G 99 30.24 -18.15 -2.85
C GLU G 99 31.03 -17.18 -2.00
N TYR G 100 31.16 -15.94 -2.49
CA TYR G 100 31.83 -14.87 -1.75
C TYR G 100 30.91 -13.66 -1.63
N VAL G 101 30.98 -13.00 -0.48
CA VAL G 101 30.13 -11.85 -0.16
C VAL G 101 30.96 -10.79 0.56
N PRO G 102 30.78 -9.49 0.29
CA PRO G 102 29.95 -8.92 -0.79
C PRO G 102 30.52 -9.25 -2.17
N LYS G 103 29.70 -9.27 -3.21
CA LYS G 103 30.20 -9.61 -4.54
C LYS G 103 31.11 -8.51 -5.08
N LYS G 104 30.96 -7.26 -4.60
CA LYS G 104 31.81 -6.15 -5.03
C LYS G 104 32.90 -5.81 -4.03
N SER G 105 33.38 -6.79 -3.28
CA SER G 105 34.50 -6.56 -2.38
C SER G 105 35.73 -6.15 -3.20
N PRO G 106 36.66 -5.39 -2.63
CA PRO G 106 36.68 -4.87 -1.24
C PRO G 106 36.05 -3.48 -1.13
N TYR G 107 35.52 -2.96 -2.24
CA TYR G 107 34.87 -1.66 -2.18
C TYR G 107 33.66 -1.71 -1.24
N VAL G 108 32.86 -2.76 -1.34
CA VAL G 108 31.75 -3.00 -0.44
C VAL G 108 32.17 -4.03 0.58
N VAL G 109 31.74 -3.84 1.82
CA VAL G 109 32.04 -4.75 2.92
C VAL G 109 30.76 -4.99 3.69
N LEU G 110 30.82 -5.93 4.62
CA LEU G 110 29.71 -6.25 5.50
C LEU G 110 30.02 -5.70 6.89
N THR G 111 29.02 -5.13 7.54
CA THR G 111 29.15 -4.68 8.91
C THR G 111 27.97 -5.24 9.70
N LYS G 112 28.14 -5.32 11.02
CA LYS G 112 27.14 -5.94 11.88
C LYS G 112 26.06 -4.95 12.24
N GLU G 113 24.81 -5.29 11.96
CA GLU G 113 23.64 -4.60 12.47
C GLU G 113 22.90 -5.57 13.37
N GLU G 114 23.21 -5.50 14.68
CA GLU G 114 22.72 -6.47 15.66
C GLU G 114 23.29 -7.85 15.31
N THR G 115 22.44 -8.81 14.98
CA THR G 115 22.91 -10.14 14.58
C THR G 115 23.23 -10.23 13.09
N LYS G 116 22.73 -9.27 12.30
CA LYS G 116 22.82 -9.30 10.85
C LYS G 116 24.06 -8.60 10.32
N LEU G 117 24.43 -8.96 9.09
CA LEU G 117 25.53 -8.36 8.37
C LEU G 117 24.98 -7.63 7.15
N LYS G 118 25.31 -6.34 7.03
CA LYS G 118 24.75 -5.47 6.00
C LYS G 118 25.88 -4.85 5.17
N GLU G 119 25.61 -4.65 3.88
CA GLU G 119 26.63 -4.12 2.98
C GLU G 119 26.83 -2.62 3.19
N LYS G 120 28.10 -2.22 3.33
CA LYS G 120 28.50 -0.85 3.55
C LYS G 120 29.70 -0.55 2.67
N LEU G 121 29.79 0.70 2.20
CA LEU G 121 30.95 1.14 1.45
C LEU G 121 32.13 1.34 2.40
N LEU G 122 33.25 0.70 2.09
CA LEU G 122 34.43 0.82 2.95
C LEU G 122 35.03 2.22 2.91
N SER G 123 34.88 2.93 1.79
CA SER G 123 35.31 4.33 1.74
C SER G 123 34.62 5.16 2.82
N LYS G 124 33.35 4.86 3.08
CA LYS G 124 32.58 5.63 4.05
C LYS G 124 32.86 5.23 5.48
N LEU G 125 33.50 4.08 5.68
CA LEU G 125 33.87 3.63 7.01
C LEU G 125 35.27 4.10 7.42
N ILE G 126 36.21 4.12 6.48
CA ILE G 126 37.58 4.53 6.74
C ILE G 126 37.98 5.57 5.71
N TYR G 127 38.19 6.81 6.14
CA TYR G 127 38.64 7.87 5.25
C TYR G 127 40.13 7.74 5.02
N GLY G 128 40.55 7.91 3.76
CA GLY G 128 41.93 7.78 3.37
C GLY G 128 42.29 6.43 2.79
N LEU G 129 41.34 5.50 2.74
CA LEU G 129 41.66 4.13 2.38
C LEU G 129 41.92 3.99 0.89
N LEU G 130 43.01 3.28 0.56
CA LEU G 130 43.45 3.10 -0.82
C LEU G 130 43.14 1.68 -1.26
N ILE G 131 42.25 1.55 -2.24
CA ILE G 131 41.99 0.29 -2.89
C ILE G 131 42.57 0.42 -4.29
N SER G 132 43.67 -0.26 -4.56
CA SER G 132 44.22 -0.26 -5.91
C SER G 132 43.21 -0.91 -6.83
N PRO G 133 42.89 -0.32 -7.98
CA PRO G 133 41.88 -0.94 -8.87
C PRO G 133 42.26 -2.31 -9.37
N THR G 134 43.53 -2.69 -9.25
CA THR G 134 44.01 -3.96 -9.77
C THR G 134 44.87 -4.63 -8.72
N VAL G 135 44.90 -5.96 -8.77
CA VAL G 135 45.77 -6.78 -7.92
C VAL G 135 46.58 -7.67 -8.84
N ASN G 136 47.87 -7.40 -8.94
CA ASN G 136 48.75 -8.14 -9.84
C ASN G 136 48.13 -8.23 -11.23
N GLU G 137 47.70 -7.06 -11.73
CA GLU G 137 47.16 -6.83 -13.06
C GLU G 137 45.74 -7.34 -13.24
N LYS G 138 45.11 -7.90 -12.22
CA LYS G 138 43.74 -8.37 -12.30
C LYS G 138 42.84 -7.49 -11.44
N GLU G 139 41.55 -7.46 -11.80
CA GLU G 139 40.60 -6.64 -11.08
C GLU G 139 40.64 -6.96 -9.59
N ASN G 140 40.56 -5.91 -8.76
CA ASN G 140 40.52 -6.06 -7.31
C ASN G 140 39.12 -6.56 -6.95
N ASN G 141 38.89 -7.85 -7.20
CA ASN G 141 37.59 -8.46 -7.02
C ASN G 141 37.77 -9.94 -6.74
N PHE G 142 36.85 -10.50 -5.93
CA PHE G 142 36.94 -11.91 -5.60
C PHE G 142 36.78 -12.82 -6.82
N LYS G 143 36.23 -12.30 -7.93
CA LYS G 143 36.11 -13.15 -9.11
C LYS G 143 37.47 -13.57 -9.65
N GLU G 144 38.52 -12.83 -9.32
CA GLU G 144 39.88 -13.18 -9.69
C GLU G 144 40.63 -13.88 -8.56
N GLY G 145 39.95 -14.17 -7.45
CA GLY G 145 40.50 -14.96 -6.38
C GLY G 145 41.06 -14.19 -5.20
N VAL G 146 41.32 -12.89 -5.37
CA VAL G 146 41.99 -12.10 -4.36
C VAL G 146 41.41 -10.69 -4.33
N ILE G 147 41.31 -10.13 -3.14
CA ILE G 147 41.06 -8.70 -2.94
C ILE G 147 42.12 -8.14 -2.03
N GLU G 148 42.40 -6.85 -2.16
CA GLU G 148 43.40 -6.18 -1.34
C GLU G 148 42.98 -4.74 -1.07
N PHE G 149 43.38 -4.25 0.10
CA PHE G 149 43.22 -2.85 0.44
C PHE G 149 44.25 -2.48 1.50
N THR G 150 44.78 -1.26 1.43
CA THR G 150 45.80 -0.77 2.33
C THR G 150 45.20 0.32 3.22
N LEU G 151 45.29 0.13 4.52
CA LEU G 151 44.68 1.04 5.47
C LEU G 151 45.47 2.36 5.52
N PRO G 152 44.83 3.45 5.94
CA PRO G 152 45.47 4.76 5.87
C PRO G 152 46.57 4.90 6.90
N PRO G 153 47.32 6.01 6.88
CA PRO G 153 48.31 6.24 7.94
C PRO G 153 47.69 6.69 9.27
N VAL G 154 46.45 7.15 9.28
CA VAL G 154 45.77 7.53 10.52
C VAL G 154 44.32 7.04 10.43
N VAL G 155 43.85 6.38 11.48
CA VAL G 155 42.45 5.99 11.62
C VAL G 155 41.95 6.47 12.97
N HIS G 156 40.86 7.25 12.96
CA HIS G 156 40.39 7.90 14.18
C HIS G 156 39.40 7.07 14.98
N LYS G 157 38.63 6.20 14.35
CA LYS G 157 37.62 5.42 15.06
C LYS G 157 37.83 3.93 14.85
N ALA G 158 37.41 3.15 15.85
CA ALA G 158 37.44 1.70 15.74
C ALA G 158 36.41 1.22 14.73
N THR G 159 36.81 0.30 13.85
CA THR G 159 35.97 -0.12 12.75
C THR G 159 36.05 -1.63 12.59
N VAL G 160 34.90 -2.28 12.46
CA VAL G 160 34.81 -3.72 12.31
C VAL G 160 33.95 -4.02 11.09
N PHE G 161 34.53 -4.68 10.10
CA PHE G 161 33.80 -5.14 8.93
C PHE G 161 34.18 -6.58 8.61
N TYR G 162 33.42 -7.20 7.72
CA TYR G 162 33.46 -8.64 7.50
C TYR G 162 33.46 -8.97 6.02
N PHE G 163 34.09 -10.10 5.68
CA PHE G 163 33.95 -10.72 4.38
C PHE G 163 33.52 -12.17 4.57
N ILE G 164 32.88 -12.72 3.55
CA ILE G 164 32.45 -14.12 3.58
C ILE G 164 32.98 -14.81 2.33
N CYS G 165 33.58 -15.98 2.51
CA CYS G 165 34.04 -16.87 1.42
C CYS G 165 33.52 -18.26 1.78
N ASP G 166 32.32 -18.57 1.35
CA ASP G 166 31.56 -19.72 1.84
C ASP G 166 31.58 -20.84 0.82
N ASN G 167 32.20 -21.97 1.20
CA ASN G 167 32.26 -23.17 0.38
C ASN G 167 31.43 -24.30 0.97
N SER G 168 30.52 -24.01 1.89
CA SER G 168 29.78 -25.07 2.58
C SER G 168 28.75 -25.74 1.68
N LYS G 169 28.30 -25.10 0.61
CA LYS G 169 27.39 -25.76 -0.32
C LYS G 169 28.10 -26.61 -1.36
N THR G 170 29.43 -26.67 -1.33
CA THR G 170 30.18 -27.62 -2.15
C THR G 170 30.30 -28.93 -1.40
N GLU G 171 29.87 -30.02 -2.05
CA GLU G 171 29.78 -31.31 -1.39
C GLU G 171 30.38 -32.38 -2.30
N ASP G 172 30.93 -33.42 -1.67
CA ASP G 172 31.50 -34.56 -2.40
C ASP G 172 31.17 -35.80 -1.58
N ASP G 173 30.14 -36.53 -2.01
CA ASP G 173 29.64 -37.67 -1.25
C ASP G 173 29.33 -37.22 0.17
N ASN G 174 30.00 -37.82 1.16
CA ASN G 174 29.76 -37.50 2.56
C ASN G 174 30.63 -36.37 3.06
N LYS G 175 31.22 -35.58 2.17
CA LYS G 175 32.10 -34.47 2.50
C LYS G 175 31.43 -33.16 2.12
N LYS G 176 31.62 -32.13 2.94
CA LYS G 176 31.05 -30.82 2.69
C LYS G 176 32.08 -29.75 3.03
N GLY G 177 32.12 -28.69 2.24
CA GLY G 177 33.06 -27.61 2.46
C GLY G 177 32.71 -26.77 3.68
N ASN G 178 33.55 -25.79 3.93
CA ASN G 178 33.46 -24.94 5.11
C ASN G 178 33.10 -23.51 4.72
N ARG G 179 32.50 -22.80 5.67
CA ARG G 179 32.17 -21.39 5.51
C ARG G 179 33.29 -20.54 6.10
N GLY G 180 33.93 -19.74 5.26
CA GLY G 180 35.02 -18.89 5.70
C GLY G 180 34.53 -17.49 6.02
N ILE G 181 35.00 -16.95 7.14
CA ILE G 181 34.65 -15.60 7.58
C ILE G 181 35.94 -14.83 7.83
N VAL G 182 36.03 -13.63 7.29
CA VAL G 182 37.07 -12.68 7.65
C VAL G 182 36.43 -11.58 8.48
N GLU G 183 36.91 -11.41 9.71
CA GLU G 183 36.54 -10.29 10.57
C GLU G 183 37.73 -9.35 10.65
N VAL G 184 37.56 -8.13 10.16
CA VAL G 184 38.61 -7.12 10.17
C VAL G 184 38.32 -6.12 11.29
N TYR G 185 39.19 -6.10 12.29
CA TYR G 185 39.09 -5.19 13.43
C TYR G 185 40.19 -4.14 13.26
N VAL G 186 39.80 -2.89 12.99
CA VAL G 186 40.74 -1.80 12.83
C VAL G 186 40.63 -0.94 14.08
N GLU G 187 41.70 -0.93 14.87
CA GLU G 187 41.81 -0.12 16.07
C GLU G 187 42.28 1.28 15.73
N PRO G 188 41.88 2.29 16.50
CA PRO G 188 42.36 3.65 16.22
C PRO G 188 43.87 3.73 16.37
N TYR G 189 44.53 4.27 15.35
CA TYR G 189 45.96 4.49 15.41
C TYR G 189 46.30 5.84 14.78
N GLY G 190 47.51 5.99 14.26
CA GLY G 190 47.92 7.22 13.62
C GLY G 190 48.97 8.03 14.34
N ASN G 191 50.16 8.06 13.76
CA ASN G 191 51.28 8.88 14.24
C ASN G 191 51.64 9.96 13.23
N THR H 1 14.50 -36.30 -15.05
CA THR H 1 13.32 -36.32 -15.95
C THR H 1 12.02 -36.78 -15.29
N GLY H 2 10.94 -36.71 -16.07
CA GLY H 2 9.68 -37.32 -15.72
C GLY H 2 9.65 -38.76 -16.21
N GLN H 3 10.84 -39.28 -16.52
CA GLN H 3 10.98 -40.66 -16.98
C GLN H 3 11.73 -41.55 -15.99
N VAL H 4 12.01 -41.07 -14.78
CA VAL H 4 12.84 -41.85 -13.88
C VAL H 4 12.15 -43.14 -13.49
N GLN H 5 12.89 -44.24 -13.51
CA GLN H 5 12.35 -45.54 -13.17
C GLN H 5 13.47 -46.41 -12.62
N LEU H 6 13.16 -47.16 -11.56
CA LEU H 6 14.08 -48.12 -10.95
C LEU H 6 13.33 -49.42 -10.69
N VAL H 7 13.91 -50.53 -11.13
CA VAL H 7 13.25 -51.84 -11.08
C VAL H 7 14.22 -52.82 -10.41
N GLU H 8 13.94 -53.17 -9.16
CA GLU H 8 14.76 -54.15 -8.46
C GLU H 8 14.38 -55.56 -8.88
N SER H 9 15.36 -56.46 -8.78
CA SER H 9 15.12 -57.88 -9.01
C SER H 9 16.20 -58.65 -8.27
N GLY H 10 16.02 -59.97 -8.21
CA GLY H 10 16.98 -60.85 -7.59
C GLY H 10 16.63 -61.30 -6.19
N GLY H 11 15.59 -60.72 -5.60
CA GLY H 11 15.16 -61.13 -4.28
C GLY H 11 14.63 -62.55 -4.31
N GLY H 12 14.26 -63.04 -3.14
CA GLY H 12 13.74 -64.38 -3.03
C GLY H 12 13.92 -64.94 -1.63
N VAL H 13 13.69 -66.23 -1.52
CA VAL H 13 13.81 -66.95 -0.26
C VAL H 13 15.13 -67.72 -0.30
N VAL H 14 15.99 -67.47 0.68
CA VAL H 14 17.26 -68.16 0.80
C VAL H 14 17.41 -68.63 2.23
N GLN H 15 18.32 -69.56 2.43
CA GLN H 15 18.61 -70.08 3.76
C GLN H 15 19.73 -69.29 4.42
N PRO H 16 19.81 -69.33 5.74
CA PRO H 16 20.88 -68.61 6.44
C PRO H 16 22.26 -69.07 5.95
N GLY H 17 23.16 -68.12 5.79
CA GLY H 17 24.47 -68.38 5.24
C GLY H 17 24.52 -68.47 3.74
N GLY H 18 23.39 -68.32 3.06
CA GLY H 18 23.35 -68.35 1.62
C GLY H 18 23.64 -66.98 1.00
N SER H 19 23.58 -66.94 -0.32
CA SER H 19 23.92 -65.75 -1.08
C SER H 19 22.78 -65.38 -2.02
N LEU H 20 22.65 -64.08 -2.28
CA LEU H 20 21.71 -63.54 -3.24
C LEU H 20 22.37 -62.34 -3.89
N ARG H 21 22.08 -62.13 -5.18
CA ARG H 21 22.59 -60.96 -5.90
C ARG H 21 21.38 -60.16 -6.38
N LEU H 22 21.16 -59.00 -5.79
CA LEU H 22 20.07 -58.12 -6.22
C LEU H 22 20.54 -57.25 -7.39
N SER H 23 19.59 -56.95 -8.28
CA SER H 23 19.83 -56.12 -9.44
C SER H 23 18.78 -55.01 -9.52
N CYS H 24 19.20 -53.86 -10.05
CA CYS H 24 18.33 -52.70 -10.19
C CYS H 24 18.57 -52.15 -11.59
N ALA H 25 17.55 -52.21 -12.44
CA ALA H 25 17.63 -51.65 -13.78
C ALA H 25 17.24 -50.18 -13.70
N ALA H 26 18.18 -49.29 -14.02
CA ALA H 26 17.95 -47.85 -13.96
C ALA H 26 17.56 -47.35 -15.35
N SER H 27 16.58 -46.45 -15.38
CA SER H 27 16.04 -45.93 -16.62
C SER H 27 15.58 -44.50 -16.40
N GLY H 28 15.75 -43.66 -17.42
CA GLY H 28 15.18 -42.33 -17.40
C GLY H 28 16.04 -41.23 -16.84
N PHE H 29 17.27 -41.51 -16.46
CA PHE H 29 18.19 -40.47 -16.03
C PHE H 29 19.60 -40.86 -16.46
N THR H 30 20.53 -39.90 -16.32
CA THR H 30 21.93 -40.15 -16.62
C THR H 30 22.50 -40.95 -15.46
N PHE H 31 22.38 -42.28 -15.57
CA PHE H 31 22.80 -43.18 -14.49
C PHE H 31 24.22 -42.88 -14.04
N SER H 32 25.15 -42.70 -14.98
CA SER H 32 26.54 -42.53 -14.64
C SER H 32 26.84 -41.22 -13.91
N SER H 33 25.87 -40.33 -13.77
CA SER H 33 26.06 -39.07 -13.09
C SER H 33 25.68 -39.13 -11.61
N PHE H 34 25.02 -40.19 -11.18
CA PHE H 34 24.39 -40.25 -9.87
C PHE H 34 24.94 -41.36 -9.01
N ALA H 35 25.20 -41.03 -7.75
CA ALA H 35 25.38 -42.05 -6.73
C ALA H 35 24.07 -42.84 -6.60
N MET H 36 24.19 -44.06 -6.09
CA MET H 36 23.05 -44.94 -5.95
C MET H 36 23.06 -45.54 -4.55
N HIS H 37 21.88 -45.75 -4.01
CA HIS H 37 21.72 -46.36 -2.70
C HIS H 37 21.05 -47.73 -2.83
N TRP H 38 21.33 -48.60 -1.86
CA TRP H 38 20.42 -49.66 -1.49
C TRP H 38 19.91 -49.35 -0.08
N ALA H 39 18.60 -49.51 0.09
CA ALA H 39 17.94 -49.39 1.38
C ALA H 39 17.08 -50.62 1.59
N ARG H 40 16.56 -50.79 2.80
CA ARG H 40 15.72 -51.94 3.07
C ARG H 40 14.72 -51.62 4.17
N GLN H 41 13.57 -52.28 4.10
CA GLN H 41 12.52 -52.17 5.10
C GLN H 41 12.11 -53.58 5.54
N ALA H 42 12.47 -53.94 6.76
CA ALA H 42 12.07 -55.22 7.31
C ALA H 42 10.56 -55.24 7.57
N PRO H 43 9.95 -56.43 7.56
CA PRO H 43 8.49 -56.50 7.73
C PRO H 43 8.02 -55.84 9.01
N GLY H 44 7.21 -54.79 8.88
CA GLY H 44 6.64 -54.14 10.03
C GLY H 44 7.52 -53.12 10.71
N LYS H 45 8.70 -52.85 10.16
CA LYS H 45 9.66 -51.93 10.74
C LYS H 45 9.83 -50.71 9.84
N GLY H 46 10.74 -49.83 10.23
CA GLY H 46 10.96 -48.59 9.50
C GLY H 46 11.99 -48.77 8.40
N LEU H 47 12.42 -47.64 7.86
CA LEU H 47 13.36 -47.63 6.76
C LEU H 47 14.79 -47.66 7.30
N GLU H 48 15.65 -48.40 6.62
CA GLU H 48 17.06 -48.47 6.99
C GLU H 48 17.92 -48.32 5.74
N TRP H 49 18.94 -47.48 5.83
CA TRP H 49 19.91 -47.33 4.75
C TRP H 49 20.92 -48.47 4.82
N VAL H 50 21.26 -49.01 3.65
CA VAL H 50 22.14 -50.17 3.56
C VAL H 50 23.50 -49.82 2.98
N ALA H 51 23.53 -49.21 1.79
CA ALA H 51 24.80 -49.01 1.11
C ALA H 51 24.66 -47.90 0.07
N TYR H 52 25.80 -47.32 -0.28
CA TYR H 52 25.93 -46.18 -1.18
C TYR H 52 27.13 -46.42 -2.09
N ILE H 53 26.98 -46.10 -3.38
CA ILE H 53 28.08 -46.18 -4.33
C ILE H 53 28.17 -44.87 -5.11
N ARG H 54 29.38 -44.35 -5.24
CA ARG H 54 29.66 -43.11 -5.94
C ARG H 54 29.29 -43.23 -7.42
N TYR H 55 29.08 -42.05 -8.04
CA TYR H 55 28.60 -42.02 -9.43
C TYR H 55 29.49 -42.86 -10.35
N ASP H 56 30.82 -42.77 -10.17
CA ASP H 56 31.76 -43.50 -11.02
C ASP H 56 32.16 -44.84 -10.43
N GLY H 57 31.61 -45.22 -9.28
CA GLY H 57 31.84 -46.53 -8.73
C GLY H 57 33.15 -46.72 -8.00
N THR H 58 33.80 -45.64 -7.60
CA THR H 58 35.12 -45.69 -7.00
C THR H 58 35.10 -45.57 -5.48
N LYS H 59 33.94 -45.34 -4.88
CA LYS H 59 33.81 -45.27 -3.43
C LYS H 59 32.49 -45.91 -3.03
N GLU H 60 32.53 -46.73 -1.99
CA GLU H 60 31.33 -47.41 -1.49
C GLU H 60 31.26 -47.25 0.03
N PHE H 61 30.03 -47.12 0.54
CA PHE H 61 29.77 -47.05 1.97
C PHE H 61 28.75 -48.10 2.35
N TYR H 62 28.78 -48.51 3.62
CA TYR H 62 27.89 -49.54 4.13
C TYR H 62 27.43 -49.19 5.55
N THR H 63 26.22 -49.62 5.86
CA THR H 63 25.79 -49.70 7.25
C THR H 63 26.62 -50.77 7.95
N ASP H 64 26.81 -50.60 9.27
CA ASP H 64 27.67 -51.52 9.99
C ASP H 64 27.22 -52.96 9.82
N SER H 65 25.91 -53.19 9.78
CA SER H 65 25.38 -54.54 9.66
C SER H 65 25.75 -55.21 8.34
N ALA H 66 26.05 -54.44 7.30
CA ALA H 66 26.37 -54.98 5.98
C ALA H 66 27.86 -55.10 5.72
N LYS H 67 28.70 -54.48 6.54
CA LYS H 67 30.14 -54.46 6.30
C LYS H 67 30.72 -55.87 6.22
N GLY H 68 31.44 -56.14 5.14
CA GLY H 68 32.11 -57.42 4.97
C GLY H 68 31.22 -58.52 4.45
N ARG H 69 29.94 -58.24 4.26
CA ARG H 69 28.95 -59.21 3.84
C ARG H 69 28.31 -58.81 2.52
N PHE H 70 27.92 -57.54 2.38
CA PHE H 70 27.30 -57.03 1.17
C PHE H 70 28.31 -56.21 0.37
N THR H 71 28.25 -56.33 -0.96
CA THR H 71 29.05 -55.48 -1.84
C THR H 71 28.13 -54.81 -2.84
N ILE H 72 28.09 -53.48 -2.80
CA ILE H 72 27.35 -52.69 -3.78
C ILE H 72 28.28 -52.38 -4.94
N SER H 73 27.78 -52.59 -6.16
CA SER H 73 28.57 -52.31 -7.36
C SER H 73 27.63 -51.86 -8.46
N ARG H 74 28.22 -51.35 -9.54
CA ARG H 74 27.42 -50.85 -10.65
C ARG H 74 28.16 -51.10 -11.96
N ASP H 75 27.37 -51.24 -13.04
CA ASP H 75 27.86 -51.24 -14.41
C ASP H 75 27.23 -50.04 -15.11
N ASN H 76 28.02 -48.98 -15.31
CA ASN H 76 27.49 -47.76 -15.90
C ASN H 76 27.22 -47.89 -17.39
N SER H 77 27.78 -48.90 -18.05
CA SER H 77 27.47 -49.11 -19.46
C SER H 77 26.16 -49.87 -19.63
N LYS H 78 25.60 -50.42 -18.55
CA LYS H 78 24.34 -51.15 -18.58
C LYS H 78 23.27 -50.53 -17.69
N ASN H 79 23.52 -49.36 -17.12
CA ASN H 79 22.61 -48.70 -16.19
C ASN H 79 22.04 -49.68 -15.17
N THR H 80 22.94 -50.41 -14.50
CA THR H 80 22.52 -51.42 -13.54
C THR H 80 23.28 -51.29 -12.23
N LEU H 81 22.55 -51.39 -11.13
CA LEU H 81 23.11 -51.44 -9.79
C LEU H 81 23.00 -52.86 -9.23
N TYR H 82 23.97 -53.26 -8.44
CA TYR H 82 24.00 -54.58 -7.83
C TYR H 82 24.25 -54.50 -6.34
N LEU H 83 23.71 -55.49 -5.62
CA LEU H 83 24.04 -55.73 -4.21
C LEU H 83 24.30 -57.22 -4.06
N GLN H 84 25.58 -57.60 -4.07
CA GLN H 84 25.96 -58.97 -3.72
C GLN H 84 25.78 -59.17 -2.23
N MET H 85 25.02 -60.19 -1.85
CA MET H 85 24.69 -60.44 -0.44
C MET H 85 25.23 -61.81 -0.06
N ASP H 86 26.24 -61.82 0.81
CA ASP H 86 26.84 -63.04 1.32
C ASP H 86 26.53 -63.21 2.81
N SER H 87 26.68 -64.44 3.28
CA SER H 87 26.48 -64.77 4.69
C SER H 87 25.19 -64.15 5.23
N LEU H 88 24.08 -64.50 4.59
CA LEU H 88 22.81 -63.89 4.95
C LEU H 88 22.34 -64.41 6.30
N ARG H 89 21.54 -63.59 6.98
CA ARG H 89 21.07 -63.88 8.32
C ARG H 89 19.58 -63.63 8.38
N ALA H 90 18.93 -64.15 9.41
CA ALA H 90 17.48 -63.98 9.53
C ALA H 90 17.10 -62.52 9.64
N GLU H 91 17.95 -61.69 10.26
CA GLU H 91 17.64 -60.27 10.41
C GLU H 91 17.81 -59.49 9.12
N ASP H 92 18.22 -60.13 8.02
CA ASP H 92 18.30 -59.47 6.73
C ASP H 92 17.00 -59.56 5.94
N THR H 93 16.02 -60.34 6.41
CA THR H 93 14.72 -60.39 5.74
C THR H 93 14.10 -59.00 5.67
N ALA H 94 13.80 -58.54 4.47
CA ALA H 94 13.27 -57.21 4.27
C ALA H 94 12.99 -57.02 2.78
N LEU H 95 12.20 -56.00 2.47
CA LEU H 95 12.10 -55.48 1.12
C LEU H 95 13.29 -54.57 0.85
N TYR H 96 14.05 -54.85 -0.21
CA TYR H 96 15.26 -54.12 -0.52
C TYR H 96 15.02 -53.15 -1.68
N TYR H 97 15.21 -51.86 -1.41
CA TYR H 97 15.01 -50.79 -2.38
C TYR H 97 16.35 -50.34 -2.94
N CYS H 98 16.45 -50.20 -4.26
CA CYS H 98 17.45 -49.33 -4.86
C CYS H 98 16.85 -47.94 -4.95
N ALA H 99 17.66 -46.93 -4.67
CA ALA H 99 17.23 -45.54 -4.70
C ALA H 99 18.29 -44.70 -5.39
N LYS H 100 17.84 -43.74 -6.18
CA LYS H 100 18.75 -42.79 -6.79
C LYS H 100 19.11 -41.69 -5.81
N ASP H 101 20.38 -41.34 -5.77
CA ASP H 101 20.85 -40.31 -4.87
C ASP H 101 20.40 -38.92 -5.34
N LEU H 102 20.21 -38.03 -4.37
CA LEU H 102 19.78 -36.67 -4.64
C LEU H 102 20.90 -35.79 -5.17
N GLY H 103 22.15 -36.21 -5.00
CA GLY H 103 23.27 -35.32 -5.26
C GLY H 103 23.54 -35.12 -6.75
N ILE H 104 23.76 -33.87 -7.13
CA ILE H 104 24.14 -33.52 -8.49
C ILE H 104 24.79 -32.15 -8.43
N ASN H 105 25.84 -31.97 -9.25
CA ASN H 105 26.56 -30.71 -9.31
C ASN H 105 27.06 -30.28 -7.92
N SER H 106 27.63 -31.25 -7.20
CA SER H 106 28.31 -31.01 -5.93
C SER H 106 27.37 -30.52 -4.84
N TYR H 107 26.13 -30.98 -4.84
CA TYR H 107 25.21 -30.66 -3.76
C TYR H 107 24.08 -31.69 -3.72
N GLY H 108 23.81 -32.20 -2.52
CA GLY H 108 22.67 -33.07 -2.28
C GLY H 108 23.01 -34.49 -1.91
N TYR H 109 24.27 -34.87 -1.86
CA TYR H 109 24.62 -36.26 -1.61
C TYR H 109 24.12 -36.70 -0.24
N GLY H 110 23.46 -37.84 -0.20
CA GLY H 110 22.87 -38.39 1.01
C GLY H 110 21.37 -38.55 0.94
N GLY H 111 20.70 -37.69 0.17
CA GLY H 111 19.26 -37.81 0.00
C GLY H 111 18.90 -38.88 -1.00
N LEU H 112 17.82 -39.60 -0.72
CA LEU H 112 17.31 -40.66 -1.58
C LEU H 112 16.04 -40.13 -2.26
N ASP H 113 16.21 -39.49 -3.41
CA ASP H 113 15.11 -38.74 -4.01
C ASP H 113 14.22 -39.58 -4.93
N PHE H 114 14.63 -40.78 -5.30
CA PHE H 114 13.70 -41.66 -5.99
C PHE H 114 13.98 -43.12 -5.64
N TRP H 115 12.91 -43.86 -5.31
CA TRP H 115 13.00 -45.23 -4.85
C TRP H 115 12.30 -46.16 -5.83
N GLY H 116 12.86 -47.33 -6.05
CA GLY H 116 12.17 -48.40 -6.74
C GLY H 116 11.15 -49.05 -5.83
N GLN H 117 10.38 -49.98 -6.41
CA GLN H 117 9.34 -50.63 -5.61
C GLN H 117 9.91 -51.67 -4.66
N GLY H 118 11.09 -52.22 -4.96
CA GLY H 118 11.77 -53.11 -4.05
C GLY H 118 11.60 -54.58 -4.42
N THR H 119 12.55 -55.39 -3.93
CA THR H 119 12.55 -56.83 -4.15
C THR H 119 12.68 -57.51 -2.80
N LEU H 120 11.81 -58.50 -2.54
CA LEU H 120 11.72 -59.10 -1.23
C LEU H 120 12.81 -60.15 -1.03
N VAL H 121 13.54 -60.05 0.08
CA VAL H 121 14.53 -61.04 0.47
C VAL H 121 14.06 -61.66 1.78
N THR H 122 13.90 -62.98 1.79
CA THR H 122 13.47 -63.73 2.97
C THR H 122 14.54 -64.76 3.31
N VAL H 123 15.12 -64.65 4.50
CA VAL H 123 16.11 -65.61 4.99
C VAL H 123 15.40 -66.50 5.99
N SER H 124 15.11 -67.74 5.60
CA SER H 124 14.31 -68.64 6.43
C SER H 124 15.15 -69.12 7.60
N SER H 125 15.00 -68.47 8.74
CA SER H 125 15.67 -68.89 9.98
C SER H 125 15.31 -70.35 10.31
N GLU H 146 26.87 -43.12 15.27
CA GLU H 146 25.62 -42.89 14.55
C GLU H 146 24.80 -41.74 15.12
N ILE H 147 24.25 -40.92 14.24
CA ILE H 147 23.32 -39.89 14.66
C ILE H 147 21.94 -40.52 14.80
N VAL H 148 21.29 -40.26 15.93
CA VAL H 148 19.97 -40.83 16.22
C VAL H 148 18.90 -39.76 15.98
N LEU H 149 17.83 -40.14 15.29
CA LEU H 149 16.71 -39.26 15.00
C LEU H 149 15.47 -39.79 15.70
N THR H 150 14.81 -38.94 16.47
CA THR H 150 13.65 -39.32 17.25
C THR H 150 12.41 -38.60 16.70
N GLN H 151 11.46 -39.37 16.20
CA GLN H 151 10.23 -38.82 15.63
C GLN H 151 9.09 -38.99 16.64
N SER H 152 8.43 -37.87 16.97
CA SER H 152 7.24 -37.87 17.79
C SER H 152 6.15 -37.06 17.10
N PRO H 153 4.87 -37.42 17.32
CA PRO H 153 4.43 -38.63 18.04
C PRO H 153 4.59 -39.85 17.16
N ALA H 154 4.52 -41.04 17.73
CA ALA H 154 4.61 -42.25 16.91
C ALA H 154 3.40 -42.38 15.99
N THR H 155 2.22 -41.97 16.46
CA THR H 155 0.99 -42.01 15.69
C THR H 155 0.28 -40.67 15.80
N LEU H 156 -0.43 -40.30 14.74
CA LEU H 156 -1.11 -39.01 14.66
C LEU H 156 -2.48 -39.22 14.02
N SER H 157 -3.52 -39.19 14.85
CA SER H 157 -4.90 -39.41 14.40
C SER H 157 -5.52 -38.06 14.07
N LEU H 158 -5.85 -37.85 12.79
CA LEU H 158 -6.38 -36.58 12.32
C LEU H 158 -7.49 -36.82 11.31
N SER H 159 -8.25 -35.75 11.04
CA SER H 159 -9.33 -35.75 10.07
C SER H 159 -8.91 -34.94 8.84
N PRO H 160 -9.46 -35.25 7.66
CA PRO H 160 -9.12 -34.44 6.48
C PRO H 160 -9.40 -32.97 6.75
N GLY H 161 -8.41 -32.12 6.45
CA GLY H 161 -8.48 -30.71 6.72
C GLY H 161 -7.67 -30.23 7.91
N GLU H 162 -7.31 -31.13 8.81
CA GLU H 162 -6.56 -30.72 9.99
C GLU H 162 -5.08 -30.51 9.68
N ARG H 163 -4.44 -29.71 10.53
CA ARG H 163 -3.01 -29.46 10.40
C ARG H 163 -2.21 -30.56 11.09
N GLY H 164 -1.55 -31.41 10.32
CA GLY H 164 -0.66 -32.36 10.91
C GLY H 164 0.68 -31.67 11.13
N THR H 165 1.27 -31.95 12.29
CA THR H 165 2.56 -31.40 12.67
C THR H 165 3.43 -32.54 13.18
N LEU H 166 4.49 -32.86 12.43
CA LEU H 166 5.38 -33.94 12.77
C LEU H 166 6.73 -33.40 13.21
N SER H 167 7.35 -34.04 14.21
CA SER H 167 8.61 -33.59 14.79
C SER H 167 9.70 -34.63 14.61
N CYS H 168 10.94 -34.14 14.40
CA CYS H 168 12.15 -34.94 14.39
C CYS H 168 13.18 -34.21 15.23
N ARG H 169 13.72 -34.88 16.24
CA ARG H 169 14.76 -34.33 17.12
C ARG H 169 16.03 -35.16 16.96
N ALA H 170 17.13 -34.49 16.65
CA ALA H 170 18.40 -35.15 16.38
C ALA H 170 19.29 -35.16 17.62
N SER H 171 20.14 -36.19 17.70
CA SER H 171 21.03 -36.34 18.85
C SER H 171 22.15 -35.32 18.83
N GLN H 172 22.44 -34.72 17.68
CA GLN H 172 23.42 -33.66 17.60
C GLN H 172 23.03 -32.71 16.47
N ASN H 173 23.72 -31.57 16.40
CA ASN H 173 23.54 -30.63 15.32
C ASN H 173 23.73 -31.32 13.97
N VAL H 174 22.63 -31.45 13.23
CA VAL H 174 22.68 -31.91 11.85
C VAL H 174 22.53 -30.73 10.88
N ASN H 175 22.80 -29.51 11.35
CA ASN H 175 22.71 -28.29 10.54
C ASN H 175 21.28 -28.21 10.02
N ARG H 176 21.06 -27.98 8.73
CA ARG H 176 19.74 -28.05 8.11
C ARG H 176 19.64 -29.22 7.12
N TYR H 177 20.42 -30.28 7.35
CA TYR H 177 20.51 -31.39 6.41
C TYR H 177 19.53 -32.53 6.73
N LEU H 178 18.25 -32.22 6.94
CA LEU H 178 17.24 -33.21 7.23
C LEU H 178 16.24 -33.31 6.09
N ALA H 179 15.94 -34.54 5.68
CA ALA H 179 14.93 -34.81 4.67
C ALA H 179 13.71 -35.45 5.31
N TRP H 180 12.57 -35.30 4.65
CA TRP H 180 11.33 -35.93 5.07
C TRP H 180 10.82 -36.82 3.95
N TYR H 181 10.28 -37.99 4.32
CA TYR H 181 9.78 -38.96 3.34
C TYR H 181 8.35 -39.36 3.67
N GLN H 182 7.64 -39.80 2.63
CA GLN H 182 6.29 -40.32 2.74
C GLN H 182 6.27 -41.73 2.15
N GLN H 183 5.78 -42.69 2.94
CA GLN H 183 5.48 -44.03 2.44
C GLN H 183 3.99 -44.27 2.59
N LYS H 184 3.27 -44.18 1.47
CA LYS H 184 1.86 -44.53 1.44
C LYS H 184 1.68 -46.04 1.49
N PRO H 185 0.53 -46.52 1.98
CA PRO H 185 0.31 -47.98 2.02
C PRO H 185 0.52 -48.66 0.67
N GLY H 186 1.40 -49.66 0.66
CA GLY H 186 1.64 -50.48 -0.52
C GLY H 186 2.64 -49.92 -1.50
N GLN H 187 3.33 -48.83 -1.16
CA GLN H 187 4.14 -48.08 -2.10
C GLN H 187 5.51 -47.76 -1.54
N ALA H 188 6.44 -47.46 -2.45
CA ALA H 188 7.78 -47.09 -2.07
C ALA H 188 7.84 -45.69 -1.47
N PRO H 189 8.84 -45.42 -0.63
CA PRO H 189 8.99 -44.06 -0.08
C PRO H 189 9.25 -43.03 -1.17
N ARG H 190 8.93 -41.77 -0.83
CA ARG H 190 9.10 -40.62 -1.70
C ARG H 190 9.67 -39.44 -0.92
N LEU H 191 10.66 -38.77 -1.50
CA LEU H 191 11.20 -37.57 -0.89
C LEU H 191 10.18 -36.44 -0.96
N LEU H 192 9.84 -35.88 0.19
CA LEU H 192 8.94 -34.73 0.26
C LEU H 192 9.72 -33.43 0.41
N ILE H 193 10.56 -33.34 1.44
CA ILE H 193 11.33 -32.15 1.75
C ILE H 193 12.79 -32.57 1.84
N TYR H 194 13.70 -31.73 1.35
CA TYR H 194 15.12 -31.95 1.54
C TYR H 194 15.76 -30.71 2.14
N ASP H 195 16.88 -30.93 2.82
CA ASP H 195 17.55 -29.93 3.66
C ASP H 195 16.54 -29.03 4.37
N ALA H 196 15.63 -29.67 5.11
CA ALA H 196 14.83 -29.03 6.15
C ALA H 196 13.61 -28.31 5.60
N SER H 197 13.82 -27.49 4.59
CA SER H 197 12.82 -26.53 4.13
C SER H 197 12.50 -26.62 2.66
N ASN H 198 13.33 -27.28 1.86
CA ASN H 198 13.25 -27.17 0.40
C ASN H 198 12.38 -28.31 -0.12
N ARG H 199 11.17 -27.97 -0.55
CA ARG H 199 10.26 -28.94 -1.14
C ARG H 199 10.81 -29.48 -2.46
N ALA H 200 10.74 -30.80 -2.61
CA ALA H 200 11.19 -31.46 -3.83
C ALA H 200 10.21 -31.25 -4.97
N THR H 201 10.72 -31.41 -6.19
CA THR H 201 9.92 -31.16 -7.39
C THR H 201 8.72 -32.11 -7.44
N GLY H 202 7.54 -31.55 -7.74
CA GLY H 202 6.33 -32.31 -7.85
C GLY H 202 5.57 -32.51 -6.56
N ILE H 203 6.12 -32.08 -5.43
CA ILE H 203 5.52 -32.29 -4.12
C ILE H 203 4.54 -31.16 -3.81
N PRO H 204 3.33 -31.45 -3.34
CA PRO H 204 2.37 -30.36 -3.08
C PRO H 204 2.85 -29.40 -2.00
N ALA H 205 2.39 -28.15 -2.10
CA ALA H 205 2.85 -27.10 -1.20
C ALA H 205 2.20 -27.15 0.17
N ARG H 206 1.18 -27.99 0.36
CA ARG H 206 0.64 -28.20 1.71
C ARG H 206 1.67 -28.89 2.60
N PHE H 207 2.66 -29.54 2.01
CA PHE H 207 3.80 -30.07 2.74
C PHE H 207 4.83 -28.98 2.91
N SER H 208 5.17 -28.65 4.15
CA SER H 208 6.20 -27.65 4.43
C SER H 208 7.08 -28.13 5.57
N GLY H 209 8.36 -27.78 5.49
CA GLY H 209 9.31 -28.16 6.51
C GLY H 209 10.06 -26.96 7.06
N SER H 210 10.41 -27.05 8.34
CA SER H 210 11.18 -26.02 9.03
C SER H 210 12.13 -26.66 10.02
N GLY H 211 13.06 -25.86 10.54
CA GLY H 211 13.94 -26.28 11.59
C GLY H 211 15.42 -26.15 11.27
N SER H 212 16.23 -26.29 12.29
CA SER H 212 17.69 -26.23 12.21
C SER H 212 18.26 -26.84 13.48
N GLY H 213 19.52 -27.25 13.40
CA GLY H 213 20.21 -27.83 14.55
C GLY H 213 19.71 -29.20 14.94
N THR H 214 18.89 -29.26 15.98
CA THR H 214 18.39 -30.53 16.52
C THR H 214 16.91 -30.72 16.33
N ASP H 215 16.13 -29.63 16.24
CA ASP H 215 14.67 -29.68 16.19
C ASP H 215 14.16 -29.36 14.80
N PHE H 216 13.30 -30.22 14.28
CA PHE H 216 12.77 -30.09 12.93
C PHE H 216 11.29 -30.42 12.92
N THR H 217 10.58 -29.84 11.97
CA THR H 217 9.13 -29.95 11.90
C THR H 217 8.68 -30.15 10.46
N LEU H 218 7.76 -31.08 10.23
CA LEU H 218 7.03 -31.19 8.98
C LEU H 218 5.56 -30.85 9.26
N THR H 219 5.03 -29.86 8.55
CA THR H 219 3.63 -29.46 8.69
C THR H 219 2.91 -29.85 7.41
N ILE H 220 1.78 -30.56 7.57
CA ILE H 220 0.93 -30.98 6.46
C ILE H 220 -0.38 -30.21 6.65
N SER H 221 -0.49 -29.08 5.94
CA SER H 221 -1.42 -28.02 6.33
C SER H 221 -2.89 -28.42 6.22
N SER H 222 -3.27 -29.16 5.18
CA SER H 222 -4.66 -29.62 5.06
C SER H 222 -4.62 -31.06 4.58
N LEU H 223 -4.69 -31.99 5.53
CA LEU H 223 -4.53 -33.40 5.20
C LEU H 223 -5.56 -33.84 4.17
N GLU H 224 -5.08 -34.42 3.09
CA GLU H 224 -5.91 -35.09 2.11
C GLU H 224 -5.92 -36.58 2.36
N PRO H 225 -6.93 -37.30 1.85
CA PRO H 225 -6.94 -38.75 2.01
C PRO H 225 -5.65 -39.45 1.61
N GLU H 226 -4.91 -38.91 0.62
CA GLU H 226 -3.66 -39.56 0.22
C GLU H 226 -2.54 -39.32 1.22
N ASP H 227 -2.68 -38.32 2.08
CA ASP H 227 -1.62 -37.96 3.03
C ASP H 227 -1.55 -38.89 4.23
N PHE H 228 -2.51 -39.80 4.37
CA PHE H 228 -2.53 -40.74 5.48
C PHE H 228 -1.55 -41.86 5.17
N ALA H 229 -0.43 -41.86 5.87
CA ALA H 229 0.77 -42.58 5.47
C ALA H 229 1.77 -42.49 6.61
N VAL H 230 2.85 -43.24 6.49
CA VAL H 230 3.96 -43.14 7.43
C VAL H 230 4.97 -42.13 6.88
N TYR H 231 5.53 -41.32 7.77
CA TYR H 231 6.50 -40.29 7.41
C TYR H 231 7.81 -40.50 8.17
N TYR H 232 8.93 -40.30 7.47
CA TYR H 232 10.25 -40.57 8.02
C TYR H 232 11.15 -39.36 7.84
N CYS H 233 11.88 -39.00 8.89
CA CYS H 233 12.96 -38.03 8.74
C CYS H 233 14.28 -38.76 8.48
N GLN H 234 15.24 -38.04 7.90
CA GLN H 234 16.52 -38.61 7.52
C GLN H 234 17.56 -37.50 7.51
N GLN H 235 18.76 -37.81 8.00
CA GLN H 235 19.86 -36.85 8.09
C GLN H 235 21.00 -37.28 7.17
N ARG H 236 21.58 -36.29 6.49
CA ARG H 236 22.77 -36.49 5.66
C ARG H 236 23.89 -35.55 6.10
N ALA H 237 23.87 -35.15 7.38
CA ALA H 237 24.89 -34.26 7.89
C ALA H 237 26.20 -34.99 8.14
N ILE H 238 26.13 -36.15 8.78
CA ILE H 238 27.30 -36.94 9.13
C ILE H 238 26.98 -38.40 8.83
N TRP H 239 27.69 -38.99 7.87
CA TRP H 239 27.42 -40.35 7.43
C TRP H 239 28.66 -40.88 6.73
N PRO H 240 28.78 -42.21 6.55
CA PRO H 240 27.83 -43.24 6.98
C PRO H 240 27.83 -43.50 8.48
N PRO H 241 26.72 -44.02 9.02
CA PRO H 241 25.51 -44.34 8.24
C PRO H 241 24.56 -43.16 8.06
N LEU H 242 23.86 -43.14 6.92
CA LEU H 242 22.68 -42.31 6.81
C LEU H 242 21.58 -42.91 7.67
N THR H 243 21.00 -42.10 8.54
CA THR H 243 20.07 -42.60 9.54
C THR H 243 18.68 -42.03 9.31
N PHE H 244 17.66 -42.85 9.57
CA PHE H 244 16.26 -42.47 9.50
C PHE H 244 15.69 -42.40 10.91
N GLY H 245 14.65 -41.61 11.08
CA GLY H 245 13.84 -41.72 12.28
C GLY H 245 13.02 -43.00 12.24
N GLY H 246 12.30 -43.23 13.34
CA GLY H 246 11.48 -44.42 13.43
C GLY H 246 10.20 -44.34 12.64
N GLY H 247 9.79 -43.12 12.28
CA GLY H 247 8.56 -42.94 11.54
C GLY H 247 7.42 -42.45 12.39
N THR H 248 6.57 -41.58 11.81
CA THR H 248 5.34 -41.14 12.43
C THR H 248 4.20 -41.50 11.49
N LYS H 249 3.26 -42.29 11.98
CA LYS H 249 2.11 -42.69 11.18
C LYS H 249 0.97 -41.68 11.34
N VAL H 250 0.38 -41.29 10.22
CA VAL H 250 -0.75 -40.36 10.19
C VAL H 250 -1.99 -41.14 9.80
N GLU H 251 -2.86 -41.40 10.77
CA GLU H 251 -4.08 -42.17 10.59
C GLU H 251 -5.31 -41.27 10.58
N ILE H 252 -6.42 -41.82 10.08
CA ILE H 252 -7.71 -41.15 10.16
C ILE H 252 -8.38 -41.43 11.50
N LYS H 253 -8.86 -40.37 12.15
CA LYS H 253 -9.75 -40.49 13.31
C LYS H 253 -10.19 -39.09 13.77
#